data_2N8F
#
_entry.id   2N8F
#
_entity_poly.entity_id   1
_entity_poly.type   'polypeptide(L)'
_entity_poly.pdbx_seq_one_letter_code
;SNECIRKWLSCVDRKNDCCEGLECYKRRHSFEVCVPIPGFCLVKWKQCDGRERDCCAGLECWKRSGNKSSVCAPIT
;
_entity_poly.pdbx_strand_id   A
#
# COMPACT_ATOMS: atom_id res chain seq x y z
N SER A 1 -14.76 4.44 7.15
CA SER A 1 -13.60 3.78 6.56
C SER A 1 -14.02 2.65 5.63
N ASN A 2 -13.54 2.69 4.39
CA ASN A 2 -13.86 1.68 3.41
C ASN A 2 -12.64 0.84 3.04
N GLU A 3 -12.87 -0.35 2.50
CA GLU A 3 -11.79 -1.23 2.11
C GLU A 3 -11.36 -0.99 0.66
N CYS A 4 -10.27 -1.61 0.26
CA CYS A 4 -9.76 -1.45 -1.10
C CYS A 4 -9.84 -2.77 -1.87
N ILE A 5 -9.52 -2.72 -3.15
CA ILE A 5 -9.56 -3.91 -3.99
C ILE A 5 -8.49 -4.92 -3.57
N ARG A 6 -8.86 -6.19 -3.57
CA ARG A 6 -7.94 -7.26 -3.18
C ARG A 6 -6.94 -7.55 -4.30
N LYS A 7 -5.71 -7.87 -3.93
CA LYS A 7 -4.67 -8.17 -4.89
C LYS A 7 -5.09 -9.30 -5.82
N TRP A 8 -4.81 -9.14 -7.11
CA TRP A 8 -5.16 -10.15 -8.10
C TRP A 8 -6.67 -10.42 -8.10
N LEU A 9 -7.45 -9.35 -8.22
CA LEU A 9 -8.90 -9.45 -8.23
C LEU A 9 -9.47 -8.89 -9.54
N SER A 10 -9.41 -7.57 -9.68
CA SER A 10 -9.92 -6.90 -10.88
C SER A 10 -9.58 -5.42 -10.86
N CYS A 11 -8.88 -4.97 -11.89
CA CYS A 11 -8.49 -3.56 -12.00
C CYS A 11 -9.44 -2.81 -12.92
N VAL A 12 -10.17 -3.55 -13.75
CA VAL A 12 -11.12 -2.94 -14.68
C VAL A 12 -12.06 -1.98 -13.96
N ASP A 13 -12.36 -2.28 -12.71
CA ASP A 13 -13.25 -1.44 -11.90
C ASP A 13 -12.65 -0.05 -11.71
N ARG A 14 -11.59 0.02 -10.91
CA ARG A 14 -10.93 1.28 -10.64
C ARG A 14 -9.44 1.07 -10.36
N LYS A 15 -8.59 1.65 -11.22
CA LYS A 15 -7.16 1.52 -11.06
C LYS A 15 -6.61 2.54 -10.05
N ASN A 16 -7.25 3.70 -10.01
CA ASN A 16 -6.84 4.76 -9.09
C ASN A 16 -7.24 4.42 -7.65
N ASP A 17 -8.10 3.42 -7.50
CA ASP A 17 -8.56 2.99 -6.19
C ASP A 17 -8.29 1.50 -5.98
N CYS A 18 -7.20 1.02 -6.55
CA CYS A 18 -6.82 -0.39 -6.43
C CYS A 18 -6.53 -0.74 -4.98
N CYS A 19 -5.42 -0.23 -4.46
CA CYS A 19 -5.01 -0.49 -3.08
C CYS A 19 -3.71 0.22 -2.75
N GLU A 20 -3.14 -0.10 -1.59
CA GLU A 20 -1.90 0.51 -1.16
C GLU A 20 -0.69 -0.26 -1.72
N GLY A 21 0.05 0.39 -2.61
CA GLY A 21 1.22 -0.24 -3.20
C GLY A 21 0.86 -1.12 -4.38
N LEU A 22 -0.32 -0.91 -4.94
CA LEU A 22 -0.79 -1.69 -6.08
C LEU A 22 -1.01 -0.79 -7.30
N GLU A 23 -0.89 -1.37 -8.49
CA GLU A 23 -1.08 -0.63 -9.73
C GLU A 23 -1.72 -1.51 -10.80
N CYS A 24 -2.33 -0.87 -11.78
CA CYS A 24 -2.99 -1.59 -12.87
C CYS A 24 -1.97 -2.18 -13.82
N TYR A 25 -2.23 -3.39 -14.30
CA TYR A 25 -1.33 -4.07 -15.22
C TYR A 25 -1.92 -4.11 -16.63
N LYS A 26 -1.10 -4.50 -17.59
CA LYS A 26 -1.53 -4.60 -18.98
C LYS A 26 -1.36 -6.01 -19.52
N ARG A 27 -2.48 -6.60 -19.95
CA ARG A 27 -2.46 -7.95 -20.49
C ARG A 27 -2.82 -7.97 -21.97
N ARG A 28 -2.60 -9.09 -22.62
CA ARG A 28 -2.90 -9.24 -24.04
C ARG A 28 -4.40 -9.41 -24.27
N HIS A 29 -4.92 -10.55 -23.82
CA HIS A 29 -6.34 -10.85 -23.98
C HIS A 29 -7.00 -11.06 -22.62
N SER A 30 -6.25 -11.64 -21.68
CA SER A 30 -6.77 -11.90 -20.35
C SER A 30 -7.01 -10.60 -19.60
N PHE A 31 -8.07 -10.58 -18.78
CA PHE A 31 -8.42 -9.39 -18.01
C PHE A 31 -7.29 -9.00 -17.07
N GLU A 32 -6.91 -7.72 -17.12
CA GLU A 32 -5.83 -7.22 -16.27
C GLU A 32 -6.35 -6.86 -14.89
N VAL A 33 -5.49 -6.99 -13.88
CA VAL A 33 -5.87 -6.67 -12.50
C VAL A 33 -4.74 -5.95 -11.78
N CYS A 34 -5.00 -5.55 -10.54
CA CYS A 34 -4.00 -4.85 -9.74
C CYS A 34 -2.85 -5.78 -9.37
N VAL A 35 -1.63 -5.25 -9.43
CA VAL A 35 -0.44 -6.03 -9.08
C VAL A 35 0.48 -5.25 -8.16
N PRO A 36 1.31 -5.98 -7.40
CA PRO A 36 2.27 -5.38 -6.46
C PRO A 36 3.40 -4.65 -7.17
N ILE A 37 3.57 -3.38 -6.84
CA ILE A 37 4.62 -2.57 -7.44
C ILE A 37 5.99 -2.95 -6.90
N PRO A 38 6.96 -3.15 -7.81
CA PRO A 38 8.33 -3.51 -7.44
C PRO A 38 9.07 -2.37 -6.75
N GLY A 39 9.72 -2.69 -5.63
CA GLY A 39 10.47 -1.68 -4.90
C GLY A 39 9.56 -0.77 -4.10
N PHE A 40 8.26 -1.04 -4.13
CA PHE A 40 7.29 -0.24 -3.41
C PHE A 40 7.63 -0.17 -1.92
N CYS A 41 7.36 0.97 -1.30
CA CYS A 41 7.63 1.16 0.11
C CYS A 41 6.73 2.24 0.71
N LEU A 42 7.03 2.64 1.93
CA LEU A 42 6.25 3.67 2.61
C LEU A 42 7.14 4.81 3.08
N VAL A 43 6.52 5.85 3.64
CA VAL A 43 7.26 7.01 4.13
C VAL A 43 7.09 7.16 5.63
N LYS A 44 7.66 8.24 6.19
CA LYS A 44 7.56 8.50 7.62
C LYS A 44 6.24 9.18 7.95
N TRP A 45 5.39 9.35 6.95
CA TRP A 45 4.09 9.99 7.14
C TRP A 45 2.97 9.09 6.66
N LYS A 46 3.27 7.81 6.48
CA LYS A 46 2.29 6.84 6.01
C LYS A 46 2.00 5.80 7.10
N GLN A 47 0.77 5.30 7.10
CA GLN A 47 0.37 4.30 8.09
C GLN A 47 1.29 3.08 8.04
N CYS A 48 1.62 2.56 9.22
CA CYS A 48 2.49 1.39 9.31
C CYS A 48 1.68 0.13 9.59
N ASP A 49 0.47 0.31 10.10
CA ASP A 49 -0.40 -0.81 10.42
C ASP A 49 -0.51 -1.77 9.23
N GLY A 50 -0.05 -3.00 9.42
CA GLY A 50 -0.11 -3.99 8.36
C GLY A 50 1.15 -3.99 7.51
N ARG A 51 1.76 -2.82 7.36
CA ARG A 51 2.97 -2.69 6.56
C ARG A 51 4.17 -2.38 7.44
N GLU A 52 4.22 -3.02 8.61
CA GLU A 52 5.32 -2.81 9.55
C GLU A 52 6.65 -3.24 8.93
N ARG A 53 6.57 -4.03 7.87
CA ARG A 53 7.77 -4.51 7.18
C ARG A 53 7.71 -4.18 5.69
N ASP A 54 6.96 -3.15 5.36
CA ASP A 54 6.82 -2.72 3.96
C ASP A 54 7.44 -1.34 3.75
N CYS A 55 7.53 -0.57 4.82
CA CYS A 55 8.10 0.77 4.76
C CYS A 55 9.46 0.75 4.06
N CYS A 56 9.96 1.93 3.71
CA CYS A 56 11.24 2.06 3.05
C CYS A 56 12.38 1.64 3.97
N ALA A 57 13.61 1.72 3.46
CA ALA A 57 14.79 1.35 4.24
C ALA A 57 15.08 2.40 5.31
N GLY A 58 15.17 1.96 6.57
CA GLY A 58 15.45 2.88 7.65
C GLY A 58 14.21 3.23 8.45
N LEU A 59 13.05 3.02 7.85
CA LEU A 59 11.78 3.32 8.50
C LEU A 59 11.38 2.20 9.45
N GLU A 60 10.31 2.42 10.21
CA GLU A 60 9.83 1.43 11.16
C GLU A 60 8.40 1.74 11.59
N CYS A 61 7.69 0.72 12.04
CA CYS A 61 6.31 0.88 12.48
C CYS A 61 6.24 1.71 13.75
N TRP A 62 6.04 3.02 13.58
CA TRP A 62 5.96 3.93 14.71
C TRP A 62 4.60 3.83 15.40
N LYS A 63 4.62 3.70 16.72
CA LYS A 63 3.39 3.59 17.49
C LYS A 63 3.01 4.93 18.11
N ARG A 64 2.08 5.63 17.47
CA ARG A 64 1.64 6.92 17.95
C ARG A 64 0.14 6.91 18.25
N SER A 65 -0.22 7.28 19.48
CA SER A 65 -1.62 7.30 19.89
C SER A 65 -1.96 8.61 20.58
N GLY A 66 -3.14 9.15 20.28
CA GLY A 66 -3.57 10.40 20.88
C GLY A 66 -3.64 11.54 19.87
N ASN A 67 -2.83 11.44 18.82
CA ASN A 67 -2.80 12.47 17.78
C ASN A 67 -3.34 11.92 16.46
N LYS A 68 -2.80 10.78 16.05
CA LYS A 68 -3.21 10.15 14.80
C LYS A 68 -3.04 8.63 14.88
N SER A 69 -3.31 7.96 13.77
CA SER A 69 -3.20 6.50 13.70
C SER A 69 -1.73 6.08 13.68
N SER A 70 -1.51 4.78 13.65
CA SER A 70 -0.15 4.23 13.63
C SER A 70 0.55 4.56 12.31
N VAL A 71 1.63 5.31 12.40
CA VAL A 71 2.40 5.70 11.21
C VAL A 71 3.82 5.16 11.27
N CYS A 72 4.59 5.42 10.22
CA CYS A 72 5.97 4.96 10.16
C CYS A 72 6.95 6.11 10.41
N ALA A 73 8.13 5.78 10.89
CA ALA A 73 9.15 6.78 11.16
C ALA A 73 10.55 6.23 10.90
N PRO A 74 11.51 7.14 10.66
CA PRO A 74 12.90 6.77 10.39
C PRO A 74 13.61 6.22 11.62
N ILE A 75 14.80 5.69 11.43
CA ILE A 75 15.58 5.13 12.53
C ILE A 75 15.79 6.15 13.63
N THR A 76 15.95 5.68 14.86
CA THR A 76 16.16 6.56 15.99
C THR A 76 17.32 6.07 16.86
N SER A 1 -15.47 4.16 6.19
CA SER A 1 -14.67 2.94 6.09
C SER A 1 -15.06 2.14 4.85
N ASN A 2 -14.06 1.68 4.11
CA ASN A 2 -14.30 0.90 2.90
C ASN A 2 -13.08 0.06 2.54
N GLU A 3 -13.32 -1.17 2.08
CA GLU A 3 -12.25 -2.07 1.70
C GLU A 3 -11.70 -1.72 0.32
N CYS A 4 -10.58 -2.35 -0.03
CA CYS A 4 -9.95 -2.09 -1.33
C CYS A 4 -10.06 -3.32 -2.23
N ILE A 5 -9.63 -3.18 -3.47
CA ILE A 5 -9.67 -4.26 -4.43
C ILE A 5 -8.56 -5.27 -4.19
N ARG A 6 -8.91 -6.55 -4.21
CA ARG A 6 -7.93 -7.62 -3.98
C ARG A 6 -6.90 -7.66 -5.10
N LYS A 7 -5.67 -8.03 -4.76
CA LYS A 7 -4.60 -8.11 -5.74
C LYS A 7 -4.87 -9.23 -6.75
N TRP A 8 -4.54 -8.97 -8.01
CA TRP A 8 -4.75 -9.97 -9.06
C TRP A 8 -6.21 -10.36 -9.16
N LEU A 9 -7.09 -9.36 -9.27
CA LEU A 9 -8.52 -9.60 -9.37
C LEU A 9 -9.12 -8.88 -10.57
N SER A 10 -9.07 -7.56 -10.53
CA SER A 10 -9.61 -6.74 -11.62
C SER A 10 -9.50 -5.26 -11.29
N CYS A 11 -8.69 -4.54 -12.07
CA CYS A 11 -8.49 -3.11 -11.87
C CYS A 11 -9.32 -2.30 -12.87
N VAL A 12 -9.91 -3.00 -13.84
CA VAL A 12 -10.73 -2.34 -14.85
C VAL A 12 -11.72 -1.37 -14.22
N ASP A 13 -12.24 -1.75 -13.06
CA ASP A 13 -13.21 -0.92 -12.35
C ASP A 13 -12.52 0.32 -11.76
N ARG A 14 -11.50 0.09 -10.95
CA ARG A 14 -10.77 1.19 -10.31
C ARG A 14 -9.27 0.92 -10.34
N LYS A 15 -8.58 1.61 -11.25
CA LYS A 15 -7.13 1.45 -11.38
C LYS A 15 -6.39 2.31 -10.36
N ASN A 16 -7.03 3.40 -9.94
CA ASN A 16 -6.43 4.31 -8.97
C ASN A 16 -6.89 3.96 -7.55
N ASP A 17 -7.81 3.01 -7.45
CA ASP A 17 -8.32 2.59 -6.16
C ASP A 17 -8.13 1.08 -5.96
N CYS A 18 -7.05 0.55 -6.52
CA CYS A 18 -6.75 -0.87 -6.42
C CYS A 18 -6.48 -1.26 -4.96
N CYS A 19 -5.35 -0.81 -4.44
CA CYS A 19 -4.98 -1.12 -3.05
C CYS A 19 -3.65 -0.44 -2.69
N GLU A 20 -3.11 -0.81 -1.54
CA GLU A 20 -1.84 -0.25 -1.08
C GLU A 20 -0.66 -0.94 -1.74
N GLY A 21 0.06 -0.20 -2.58
CA GLY A 21 1.21 -0.77 -3.27
C GLY A 21 0.81 -1.65 -4.43
N LEU A 22 -0.30 -1.33 -5.07
CA LEU A 22 -0.80 -2.10 -6.20
C LEU A 22 -1.06 -1.20 -7.41
N GLU A 23 -0.81 -1.73 -8.60
CA GLU A 23 -1.02 -0.96 -9.83
C GLU A 23 -1.97 -1.71 -10.77
N CYS A 24 -2.41 -1.02 -11.82
CA CYS A 24 -3.32 -1.61 -12.79
C CYS A 24 -2.55 -2.20 -13.97
N TYR A 25 -2.62 -3.51 -14.11
CA TYR A 25 -1.92 -4.20 -15.20
C TYR A 25 -2.85 -4.42 -16.38
N LYS A 26 -2.34 -4.14 -17.57
CA LYS A 26 -3.13 -4.30 -18.80
C LYS A 26 -2.76 -5.59 -19.51
N ARG A 27 -3.75 -6.23 -20.12
CA ARG A 27 -3.54 -7.48 -20.83
C ARG A 27 -4.13 -7.42 -22.23
N ARG A 28 -3.75 -8.37 -23.08
CA ARG A 28 -4.24 -8.42 -24.45
C ARG A 28 -5.64 -9.01 -24.50
N HIS A 29 -5.74 -10.33 -24.31
CA HIS A 29 -7.02 -11.02 -24.34
C HIS A 29 -7.67 -11.01 -22.96
N SER A 30 -6.89 -11.32 -21.94
CA SER A 30 -7.38 -11.34 -20.57
C SER A 30 -7.89 -9.97 -20.14
N PHE A 31 -8.18 -9.82 -18.85
CA PHE A 31 -8.67 -8.55 -18.33
C PHE A 31 -7.62 -7.88 -17.46
N GLU A 32 -7.81 -6.59 -17.18
CA GLU A 32 -6.87 -5.84 -16.35
C GLU A 32 -7.12 -6.10 -14.87
N VAL A 33 -6.06 -6.49 -14.17
CA VAL A 33 -6.17 -6.78 -12.74
C VAL A 33 -5.06 -6.08 -11.96
N CYS A 34 -5.26 -5.95 -10.65
CA CYS A 34 -4.27 -5.30 -9.79
C CYS A 34 -3.00 -6.14 -9.68
N VAL A 35 -1.85 -5.46 -9.61
CA VAL A 35 -0.58 -6.15 -9.50
C VAL A 35 0.33 -5.44 -8.50
N PRO A 36 1.26 -6.20 -7.91
CA PRO A 36 2.21 -5.69 -6.92
C PRO A 36 3.24 -4.75 -7.55
N ILE A 37 3.56 -3.67 -6.86
CA ILE A 37 4.53 -2.69 -7.35
C ILE A 37 5.94 -3.03 -6.86
N PRO A 38 6.87 -3.17 -7.80
CA PRO A 38 8.27 -3.49 -7.49
C PRO A 38 8.98 -2.33 -6.80
N GLY A 39 9.51 -2.60 -5.61
CA GLY A 39 10.22 -1.57 -4.87
C GLY A 39 9.28 -0.70 -4.05
N PHE A 40 8.04 -1.14 -3.92
CA PHE A 40 7.04 -0.40 -3.15
C PHE A 40 7.46 -0.27 -1.69
N CYS A 41 7.11 0.85 -1.07
CA CYS A 41 7.45 1.08 0.33
C CYS A 41 6.56 2.17 0.92
N LEU A 42 6.88 2.60 2.14
CA LEU A 42 6.11 3.63 2.82
C LEU A 42 7.01 4.79 3.25
N VAL A 43 6.40 5.84 3.79
CA VAL A 43 7.14 7.00 4.25
C VAL A 43 7.00 7.20 5.75
N LYS A 44 7.57 8.28 6.26
CA LYS A 44 7.50 8.58 7.69
C LYS A 44 6.18 9.26 8.04
N TRP A 45 5.31 9.41 7.04
CA TRP A 45 4.02 10.04 7.24
C TRP A 45 2.89 9.12 6.81
N LYS A 46 3.20 7.83 6.69
CA LYS A 46 2.20 6.84 6.28
C LYS A 46 1.96 5.83 7.39
N GLN A 47 0.74 5.31 7.46
CA GLN A 47 0.37 4.34 8.48
C GLN A 47 1.33 3.14 8.45
N CYS A 48 1.65 2.62 9.62
CA CYS A 48 2.55 1.47 9.73
C CYS A 48 1.78 0.20 10.07
N ASP A 49 0.60 0.37 10.66
CA ASP A 49 -0.24 -0.76 11.04
C ASP A 49 -0.43 -1.71 9.86
N GLY A 50 0.05 -2.94 10.02
CA GLY A 50 -0.07 -3.94 8.97
C GLY A 50 1.12 -3.91 8.02
N ARG A 51 1.71 -2.74 7.83
CA ARG A 51 2.85 -2.60 6.94
C ARG A 51 4.11 -2.26 7.74
N GLU A 52 4.23 -2.84 8.92
CA GLU A 52 5.39 -2.60 9.78
C GLU A 52 6.67 -3.10 9.11
N ARG A 53 6.52 -3.95 8.11
CA ARG A 53 7.66 -4.50 7.39
C ARG A 53 7.57 -4.18 5.91
N ASP A 54 6.89 -3.09 5.58
CA ASP A 54 6.73 -2.67 4.18
C ASP A 54 7.36 -1.29 3.97
N CYS A 55 7.50 -0.53 5.04
CA CYS A 55 8.08 0.80 4.96
C CYS A 55 9.41 0.76 4.22
N CYS A 56 9.90 1.94 3.82
CA CYS A 56 11.15 2.04 3.10
C CYS A 56 12.33 1.67 4.01
N ALA A 57 13.53 1.72 3.45
CA ALA A 57 14.74 1.39 4.22
C ALA A 57 15.05 2.47 5.25
N GLY A 58 15.15 2.05 6.52
CA GLY A 58 15.44 3.00 7.58
C GLY A 58 14.21 3.35 8.40
N LEU A 59 13.04 3.14 7.81
CA LEU A 59 11.79 3.43 8.49
C LEU A 59 11.41 2.32 9.46
N GLU A 60 10.36 2.55 10.26
CA GLU A 60 9.90 1.57 11.22
C GLU A 60 8.46 1.87 11.65
N CYS A 61 7.84 0.89 12.29
CA CYS A 61 6.46 1.04 12.76
C CYS A 61 6.40 1.90 14.00
N TRP A 62 6.11 3.19 13.81
CA TRP A 62 6.02 4.13 14.93
C TRP A 62 4.65 4.07 15.59
N LYS A 63 4.63 3.86 16.90
CA LYS A 63 3.39 3.79 17.64
C LYS A 63 3.11 5.09 18.39
N ARG A 64 2.26 5.93 17.83
CA ARG A 64 1.91 7.20 18.43
C ARG A 64 0.42 7.26 18.78
N SER A 65 0.12 7.77 19.97
CA SER A 65 -1.27 7.88 20.42
C SER A 65 -1.55 9.27 20.96
N GLY A 66 -2.71 9.82 20.59
CA GLY A 66 -3.08 11.14 21.06
C GLY A 66 -3.10 12.17 19.94
N ASN A 67 -2.37 11.87 18.86
CA ASN A 67 -2.31 12.79 17.72
C ASN A 67 -2.98 12.16 16.50
N LYS A 68 -2.60 10.92 16.19
CA LYS A 68 -3.17 10.21 15.05
C LYS A 68 -2.88 8.71 15.14
N SER A 69 -3.36 7.96 14.16
CA SER A 69 -3.15 6.51 14.13
C SER A 69 -1.66 6.18 14.07
N SER A 70 -1.35 4.89 14.10
CA SER A 70 0.04 4.43 14.05
C SER A 70 0.66 4.73 12.69
N VAL A 71 1.75 5.49 12.71
CA VAL A 71 2.46 5.85 11.48
C VAL A 71 3.88 5.32 11.49
N CYS A 72 4.60 5.56 10.39
CA CYS A 72 5.98 5.11 10.26
C CYS A 72 6.96 6.25 10.51
N ALA A 73 8.17 5.91 10.96
CA ALA A 73 9.19 6.92 11.23
C ALA A 73 10.58 6.37 10.92
N PRO A 74 11.52 7.29 10.64
CA PRO A 74 12.90 6.92 10.32
C PRO A 74 13.65 6.38 11.53
N ILE A 75 14.85 5.86 11.30
CA ILE A 75 15.66 5.30 12.38
C ILE A 75 15.91 6.34 13.46
N THR A 76 16.08 5.87 14.70
CA THR A 76 16.33 6.76 15.83
C THR A 76 16.47 5.97 17.12
N SER A 1 -15.34 5.83 3.21
CA SER A 1 -15.34 4.81 4.26
C SER A 1 -15.54 3.42 3.66
N ASN A 2 -14.46 2.89 3.07
CA ASN A 2 -14.51 1.57 2.46
C ASN A 2 -13.11 1.08 2.11
N GLU A 3 -12.88 -0.22 2.29
CA GLU A 3 -11.58 -0.81 1.99
C GLU A 3 -11.23 -0.65 0.52
N CYS A 4 -10.02 -1.08 0.15
CA CYS A 4 -9.57 -0.98 -1.23
C CYS A 4 -9.66 -2.33 -1.93
N ILE A 5 -9.39 -2.34 -3.23
CA ILE A 5 -9.44 -3.56 -4.02
C ILE A 5 -8.31 -4.52 -3.62
N ARG A 6 -8.67 -5.77 -3.38
CA ARG A 6 -7.70 -6.78 -3.00
C ARG A 6 -6.79 -7.14 -4.16
N LYS A 7 -5.52 -7.40 -3.87
CA LYS A 7 -4.55 -7.75 -4.90
C LYS A 7 -5.03 -8.95 -5.71
N TRP A 8 -4.81 -8.91 -7.02
CA TRP A 8 -5.23 -10.00 -7.90
C TRP A 8 -6.72 -10.26 -7.79
N LEU A 9 -7.51 -9.19 -7.96
CA LEU A 9 -8.96 -9.29 -7.88
C LEU A 9 -9.61 -8.71 -9.12
N SER A 10 -9.47 -7.40 -9.30
CA SER A 10 -10.04 -6.73 -10.45
C SER A 10 -9.66 -5.25 -10.46
N CYS A 11 -9.08 -4.80 -11.58
CA CYS A 11 -8.66 -3.41 -11.72
C CYS A 11 -9.69 -2.60 -12.50
N VAL A 12 -10.51 -3.31 -13.27
CA VAL A 12 -11.54 -2.66 -14.08
C VAL A 12 -12.38 -1.71 -13.22
N ASP A 13 -12.62 -2.10 -11.98
CA ASP A 13 -13.41 -1.29 -11.06
C ASP A 13 -12.80 0.10 -10.90
N ARG A 14 -11.49 0.15 -10.68
CA ARG A 14 -10.78 1.41 -10.51
C ARG A 14 -9.28 1.18 -10.33
N LYS A 15 -8.50 1.73 -11.25
CA LYS A 15 -7.04 1.58 -11.21
C LYS A 15 -6.44 2.61 -10.26
N ASN A 16 -7.01 3.80 -10.23
CA ASN A 16 -6.52 4.87 -9.37
C ASN A 16 -6.87 4.60 -7.91
N ASP A 17 -7.72 3.60 -7.69
CA ASP A 17 -8.14 3.24 -6.34
C ASP A 17 -7.95 1.75 -6.09
N CYS A 18 -6.92 1.18 -6.72
CA CYS A 18 -6.64 -0.24 -6.57
C CYS A 18 -6.36 -0.60 -5.11
N CYS A 19 -5.22 -0.15 -4.60
CA CYS A 19 -4.85 -0.42 -3.22
C CYS A 19 -3.51 0.23 -2.89
N GLU A 20 -2.98 -0.09 -1.71
CA GLU A 20 -1.70 0.46 -1.28
C GLU A 20 -0.54 -0.40 -1.79
N GLY A 21 0.26 0.18 -2.69
CA GLY A 21 1.38 -0.54 -3.25
C GLY A 21 0.99 -1.43 -4.40
N LEU A 22 0.00 -1.00 -5.18
CA LEU A 22 -0.48 -1.78 -6.32
C LEU A 22 -0.57 -0.91 -7.57
N GLU A 23 -0.61 -1.55 -8.73
CA GLU A 23 -0.71 -0.84 -10.00
C GLU A 23 -1.58 -1.61 -11.00
N CYS A 24 -1.98 -0.92 -12.07
CA CYS A 24 -2.81 -1.54 -13.08
C CYS A 24 -1.96 -2.20 -14.17
N TYR A 25 -2.19 -3.49 -14.39
CA TYR A 25 -1.44 -4.24 -15.39
C TYR A 25 -2.20 -4.27 -16.72
N LYS A 26 -1.45 -4.46 -17.81
CA LYS A 26 -2.04 -4.51 -19.14
C LYS A 26 -2.32 -5.95 -19.55
N ARG A 27 -3.60 -6.30 -19.60
CA ARG A 27 -4.02 -7.65 -19.98
C ARG A 27 -5.06 -7.60 -21.08
N ARG A 28 -4.80 -8.33 -22.18
CA ARG A 28 -5.72 -8.38 -23.31
C ARG A 28 -6.45 -9.71 -23.36
N HIS A 29 -5.69 -10.80 -23.21
CA HIS A 29 -6.27 -12.14 -23.24
C HIS A 29 -7.33 -12.30 -22.16
N SER A 30 -6.98 -11.89 -20.94
CA SER A 30 -7.90 -12.00 -19.81
C SER A 30 -8.06 -10.66 -19.11
N PHE A 31 -9.07 -10.56 -18.26
CA PHE A 31 -9.34 -9.33 -17.53
C PHE A 31 -8.13 -8.93 -16.69
N GLU A 32 -7.69 -7.68 -16.84
CA GLU A 32 -6.54 -7.17 -16.10
C GLU A 32 -6.94 -6.83 -14.67
N VAL A 33 -5.97 -6.96 -13.76
CA VAL A 33 -6.21 -6.66 -12.35
C VAL A 33 -5.01 -5.94 -11.73
N CYS A 34 -5.15 -5.56 -10.46
CA CYS A 34 -4.09 -4.85 -9.75
C CYS A 34 -2.90 -5.78 -9.51
N VAL A 35 -1.70 -5.21 -9.53
CA VAL A 35 -0.48 -5.98 -9.31
C VAL A 35 0.47 -5.26 -8.37
N PRO A 36 1.29 -6.03 -7.66
CA PRO A 36 2.27 -5.48 -6.70
C PRO A 36 3.40 -4.73 -7.39
N ILE A 37 3.66 -3.51 -6.93
CA ILE A 37 4.72 -2.69 -7.50
C ILE A 37 6.09 -3.09 -6.96
N PRO A 38 7.06 -3.26 -7.86
CA PRO A 38 8.43 -3.64 -7.48
C PRO A 38 9.17 -2.52 -6.75
N GLY A 39 9.85 -2.88 -5.67
CA GLY A 39 10.58 -1.89 -4.90
C GLY A 39 9.67 -0.95 -4.13
N PHE A 40 8.37 -1.26 -4.13
CA PHE A 40 7.40 -0.43 -3.43
C PHE A 40 7.72 -0.36 -1.94
N CYS A 41 7.43 0.79 -1.34
CA CYS A 41 7.70 1.00 0.08
C CYS A 41 6.75 2.06 0.65
N LEU A 42 7.02 2.48 1.88
CA LEU A 42 6.20 3.48 2.54
C LEU A 42 7.04 4.67 3.00
N VAL A 43 6.40 5.64 3.64
CA VAL A 43 7.08 6.83 4.12
C VAL A 43 6.89 7.00 5.63
N LYS A 44 7.42 8.10 6.16
CA LYS A 44 7.30 8.38 7.59
C LYS A 44 5.96 9.02 7.91
N TRP A 45 5.11 9.14 6.89
CA TRP A 45 3.78 9.73 7.07
C TRP A 45 2.69 8.78 6.59
N LYS A 46 3.05 7.51 6.44
CA LYS A 46 2.10 6.49 5.98
C LYS A 46 1.88 5.45 7.06
N GLN A 47 0.67 4.91 7.10
CA GLN A 47 0.32 3.89 8.09
C GLN A 47 1.34 2.75 8.09
N CYS A 48 1.60 2.22 9.28
CA CYS A 48 2.56 1.12 9.42
C CYS A 48 1.85 -0.19 9.75
N ASP A 49 0.63 -0.08 10.25
CA ASP A 49 -0.15 -1.26 10.61
C ASP A 49 -0.19 -2.26 9.46
N GLY A 50 0.38 -3.44 9.68
CA GLY A 50 0.41 -4.46 8.65
C GLY A 50 1.61 -4.32 7.73
N ARG A 51 2.06 -3.08 7.52
CA ARG A 51 3.20 -2.82 6.66
C ARG A 51 4.40 -2.34 7.48
N GLU A 52 4.67 -3.01 8.59
CA GLU A 52 5.78 -2.64 9.46
C GLU A 52 7.11 -2.94 8.78
N ARG A 53 7.07 -3.78 7.75
CA ARG A 53 8.28 -4.15 7.02
C ARG A 53 8.26 -3.56 5.61
N ASP A 54 7.07 -3.29 5.09
CA ASP A 54 6.92 -2.73 3.76
C ASP A 54 7.57 -1.36 3.67
N CYS A 55 7.65 -0.67 4.81
CA CYS A 55 8.24 0.66 4.86
C CYS A 55 9.61 0.66 4.18
N CYS A 56 10.06 1.86 3.80
CA CYS A 56 11.35 2.00 3.13
C CYS A 56 12.50 1.66 4.10
N ALA A 57 13.73 1.75 3.60
CA ALA A 57 14.90 1.45 4.41
C ALA A 57 15.13 2.54 5.46
N GLY A 58 15.24 2.12 6.72
CA GLY A 58 15.46 3.07 7.79
C GLY A 58 14.18 3.39 8.55
N LEU A 59 13.04 3.08 7.94
CA LEU A 59 11.75 3.35 8.56
C LEU A 59 11.40 2.25 9.57
N GLU A 60 10.30 2.46 10.29
CA GLU A 60 9.86 1.48 11.28
C GLU A 60 8.41 1.76 11.70
N CYS A 61 7.73 0.72 12.19
CA CYS A 61 6.35 0.84 12.62
C CYS A 61 6.25 1.72 13.86
N TRP A 62 5.95 2.99 13.66
CA TRP A 62 5.82 3.93 14.77
C TRP A 62 4.46 3.80 15.44
N LYS A 63 4.46 3.77 16.77
CA LYS A 63 3.22 3.65 17.54
C LYS A 63 2.83 4.99 18.16
N ARG A 64 1.93 5.70 17.49
CA ARG A 64 1.47 7.00 17.98
C ARG A 64 -0.02 6.97 18.31
N SER A 65 -0.37 7.49 19.48
CA SER A 65 -1.77 7.52 19.91
C SER A 65 -2.16 8.90 20.42
N GLY A 66 -3.33 9.36 20.00
CA GLY A 66 -3.80 10.68 20.42
C GLY A 66 -3.81 11.67 19.27
N ASN A 67 -3.07 11.37 18.22
CA ASN A 67 -2.99 12.26 17.06
C ASN A 67 -3.62 11.60 15.84
N LYS A 68 -3.21 10.36 15.56
CA LYS A 68 -3.73 9.62 14.42
C LYS A 68 -3.39 8.14 14.53
N SER A 69 -3.81 7.36 13.55
CA SER A 69 -3.55 5.93 13.53
C SER A 69 -2.04 5.66 13.56
N SER A 70 -1.69 4.38 13.61
CA SER A 70 -0.28 3.97 13.64
C SER A 70 0.41 4.29 12.32
N VAL A 71 1.47 5.08 12.38
CA VAL A 71 2.22 5.45 11.19
C VAL A 71 3.66 4.97 11.27
N CYS A 72 4.43 5.23 10.21
CA CYS A 72 5.82 4.81 10.16
C CYS A 72 6.75 6.01 10.40
N ALA A 73 7.95 5.74 10.87
CA ALA A 73 8.94 6.78 11.13
C ALA A 73 10.35 6.29 10.89
N PRO A 74 11.27 7.22 10.60
CA PRO A 74 12.67 6.91 10.34
C PRO A 74 13.41 6.43 11.59
N ILE A 75 14.66 6.04 11.42
CA ILE A 75 15.48 5.57 12.54
C ILE A 75 15.56 6.63 13.64
N THR A 76 15.74 6.17 14.88
CA THR A 76 15.85 7.08 16.01
C THR A 76 17.05 6.72 16.89
N SER A 1 -12.43 7.06 3.55
CA SER A 1 -12.53 6.21 4.73
C SER A 1 -13.19 4.89 4.39
N ASN A 2 -12.78 4.29 3.28
CA ASN A 2 -13.33 3.02 2.83
C ASN A 2 -12.22 2.04 2.45
N GLU A 3 -12.58 0.76 2.34
CA GLU A 3 -11.60 -0.26 1.97
C GLU A 3 -11.18 -0.12 0.52
N CYS A 4 -10.16 -0.88 0.12
CA CYS A 4 -9.65 -0.83 -1.24
C CYS A 4 -9.82 -2.19 -1.92
N ILE A 5 -9.52 -2.24 -3.21
CA ILE A 5 -9.64 -3.47 -3.98
C ILE A 5 -8.64 -4.52 -3.50
N ARG A 6 -9.07 -5.77 -3.46
CA ARG A 6 -8.22 -6.87 -3.02
C ARG A 6 -7.26 -7.28 -4.14
N LYS A 7 -6.03 -7.61 -3.76
CA LYS A 7 -5.01 -8.03 -4.72
C LYS A 7 -5.53 -9.16 -5.60
N TRP A 8 -5.22 -9.10 -6.89
CA TRP A 8 -5.66 -10.12 -7.83
C TRP A 8 -7.17 -10.25 -7.84
N LEU A 9 -7.85 -9.13 -8.02
CA LEU A 9 -9.31 -9.10 -8.05
C LEU A 9 -9.82 -8.62 -9.40
N SER A 10 -9.68 -7.32 -9.65
CA SER A 10 -10.12 -6.72 -10.90
C SER A 10 -9.76 -5.24 -10.96
N CYS A 11 -8.96 -4.87 -11.95
CA CYS A 11 -8.54 -3.49 -12.11
C CYS A 11 -9.37 -2.78 -13.18
N VAL A 12 -10.16 -3.57 -13.91
CA VAL A 12 -11.01 -3.03 -14.97
C VAL A 12 -11.85 -1.86 -14.45
N ASP A 13 -12.19 -1.90 -13.16
CA ASP A 13 -12.98 -0.84 -12.55
C ASP A 13 -12.31 -0.33 -11.27
N ARG A 14 -12.30 0.98 -11.10
CA ARG A 14 -11.69 1.60 -9.93
C ARG A 14 -10.18 1.32 -9.89
N LYS A 15 -9.52 1.60 -11.00
CA LYS A 15 -8.08 1.39 -11.10
C LYS A 15 -7.32 2.45 -10.31
N ASN A 16 -7.99 3.56 -10.01
CA ASN A 16 -7.38 4.65 -9.25
C ASN A 16 -7.50 4.41 -7.75
N ASP A 17 -8.20 3.35 -7.38
CA ASP A 17 -8.38 3.00 -5.98
C ASP A 17 -8.05 1.54 -5.72
N CYS A 18 -7.11 1.01 -6.49
CA CYS A 18 -6.69 -0.38 -6.36
C CYS A 18 -6.37 -0.71 -4.89
N CYS A 19 -5.26 -0.16 -4.40
CA CYS A 19 -4.84 -0.40 -3.04
C CYS A 19 -3.52 0.34 -2.74
N GLU A 20 -2.93 0.03 -1.59
CA GLU A 20 -1.67 0.66 -1.19
C GLU A 20 -0.48 -0.14 -1.70
N GLY A 21 0.27 0.46 -2.62
CA GLY A 21 1.43 -0.22 -3.17
C GLY A 21 1.08 -1.10 -4.36
N LEU A 22 -0.10 -0.90 -4.92
CA LEU A 22 -0.54 -1.68 -6.06
C LEU A 22 -0.70 -0.81 -7.30
N GLU A 23 -0.66 -1.45 -8.47
CA GLU A 23 -0.79 -0.72 -9.73
C GLU A 23 -1.52 -1.57 -10.77
N CYS A 24 -2.18 -0.91 -11.71
CA CYS A 24 -2.92 -1.59 -12.76
C CYS A 24 -1.96 -2.21 -13.78
N TYR A 25 -2.23 -3.47 -14.14
CA TYR A 25 -1.39 -4.17 -15.11
C TYR A 25 -1.96 -4.05 -16.52
N LYS A 26 -1.14 -4.36 -17.51
CA LYS A 26 -1.57 -4.29 -18.91
C LYS A 26 -1.73 -5.69 -19.49
N ARG A 27 -2.93 -5.98 -19.98
CA ARG A 27 -3.23 -7.28 -20.57
C ARG A 27 -4.42 -7.20 -21.52
N ARG A 28 -4.29 -7.83 -22.68
CA ARG A 28 -5.34 -7.82 -23.68
C ARG A 28 -6.00 -9.19 -23.79
N HIS A 29 -5.18 -10.23 -23.90
CA HIS A 29 -5.68 -11.59 -24.02
C HIS A 29 -6.53 -11.96 -22.80
N SER A 30 -6.00 -11.69 -21.61
CA SER A 30 -6.70 -12.01 -20.38
C SER A 30 -6.97 -10.74 -19.57
N PHE A 31 -7.98 -10.79 -18.70
CA PHE A 31 -8.34 -9.64 -17.88
C PHE A 31 -7.18 -9.24 -16.97
N GLU A 32 -6.91 -7.94 -16.91
CA GLU A 32 -5.83 -7.43 -16.08
C GLU A 32 -6.35 -6.94 -14.74
N VAL A 33 -5.54 -7.10 -13.70
CA VAL A 33 -5.92 -6.67 -12.35
C VAL A 33 -4.77 -5.95 -11.66
N CYS A 34 -5.03 -5.46 -10.45
CA CYS A 34 -4.02 -4.74 -9.69
C CYS A 34 -2.91 -5.68 -9.24
N VAL A 35 -1.67 -5.25 -9.42
CA VAL A 35 -0.51 -6.06 -9.03
C VAL A 35 0.42 -5.27 -8.12
N PRO A 36 1.22 -5.99 -7.32
CA PRO A 36 2.18 -5.39 -6.39
C PRO A 36 3.34 -4.72 -7.12
N ILE A 37 3.64 -3.48 -6.73
CA ILE A 37 4.74 -2.74 -7.35
C ILE A 37 6.08 -3.18 -6.78
N PRO A 38 7.05 -3.44 -7.67
CA PRO A 38 8.39 -3.87 -7.28
C PRO A 38 9.19 -2.75 -6.61
N GLY A 39 9.83 -3.06 -5.49
CA GLY A 39 10.60 -2.08 -4.76
C GLY A 39 9.74 -1.09 -4.02
N PHE A 40 8.43 -1.31 -4.04
CA PHE A 40 7.48 -0.43 -3.36
C PHE A 40 7.82 -0.34 -1.87
N CYS A 41 7.59 0.84 -1.30
CA CYS A 41 7.87 1.07 0.12
C CYS A 41 6.91 2.11 0.69
N LEU A 42 7.19 2.56 1.92
CA LEU A 42 6.36 3.55 2.58
C LEU A 42 7.20 4.73 3.06
N VAL A 43 6.53 5.76 3.56
CA VAL A 43 7.21 6.95 4.05
C VAL A 43 7.00 7.12 5.56
N LYS A 44 7.51 8.22 6.10
CA LYS A 44 7.38 8.51 7.52
C LYS A 44 6.01 9.13 7.83
N TRP A 45 5.18 9.24 6.80
CA TRP A 45 3.85 9.82 6.97
C TRP A 45 2.78 8.86 6.47
N LYS A 46 3.14 7.58 6.38
CA LYS A 46 2.20 6.56 5.93
C LYS A 46 1.97 5.52 7.03
N GLN A 47 0.76 4.97 7.05
CA GLN A 47 0.40 3.96 8.05
C GLN A 47 1.37 2.78 8.01
N CYS A 48 1.75 2.29 9.17
CA CYS A 48 2.67 1.17 9.27
C CYS A 48 1.92 -0.13 9.57
N ASP A 49 0.69 0.01 10.06
CA ASP A 49 -0.13 -1.15 10.38
C ASP A 49 -0.19 -2.13 9.21
N GLY A 50 0.32 -3.34 9.42
CA GLY A 50 0.32 -4.34 8.38
C GLY A 50 1.58 -4.30 7.54
N ARG A 51 2.14 -3.10 7.36
CA ARG A 51 3.34 -2.92 6.58
C ARG A 51 4.53 -2.53 7.46
N GLU A 52 4.60 -3.16 8.62
CA GLU A 52 5.69 -2.88 9.56
C GLU A 52 7.04 -3.27 8.97
N ARG A 53 7.00 -4.06 7.91
CA ARG A 53 8.23 -4.50 7.25
C ARG A 53 8.18 -4.18 5.75
N ASP A 54 7.35 -3.21 5.39
CA ASP A 54 7.22 -2.80 4.00
C ASP A 54 7.77 -1.40 3.78
N CYS A 55 7.82 -0.62 4.85
CA CYS A 55 8.33 0.75 4.78
C CYS A 55 9.70 0.79 4.10
N CYS A 56 10.13 1.99 3.74
CA CYS A 56 11.42 2.17 3.07
C CYS A 56 12.56 1.83 4.02
N ALA A 57 13.79 1.95 3.52
CA ALA A 57 14.98 1.67 4.32
C ALA A 57 15.20 2.74 5.38
N GLY A 58 15.32 2.33 6.63
CA GLY A 58 15.53 3.27 7.71
C GLY A 58 14.27 3.56 8.49
N LEU A 59 13.12 3.29 7.87
CA LEU A 59 11.83 3.53 8.50
C LEU A 59 11.48 2.40 9.46
N GLU A 60 10.39 2.59 10.22
CA GLU A 60 9.95 1.58 11.17
C GLU A 60 8.49 1.81 11.56
N CYS A 61 7.85 0.77 12.11
CA CYS A 61 6.47 0.86 12.53
C CYS A 61 6.33 1.72 13.78
N TRP A 62 6.03 3.00 13.58
CA TRP A 62 5.88 3.93 14.70
C TRP A 62 4.48 3.81 15.31
N LYS A 63 4.43 3.59 16.62
CA LYS A 63 3.16 3.46 17.33
C LYS A 63 2.80 4.76 18.05
N ARG A 64 1.91 5.53 17.44
CA ARG A 64 1.48 6.80 18.02
C ARG A 64 -0.01 6.78 18.32
N SER A 65 -0.38 7.27 19.50
CA SER A 65 -1.79 7.31 19.91
C SER A 65 -2.15 8.69 20.46
N GLY A 66 -3.34 9.16 20.11
CA GLY A 66 -3.79 10.46 20.57
C GLY A 66 -3.88 11.48 19.46
N ASN A 67 -3.13 11.25 18.38
CA ASN A 67 -3.12 12.16 17.25
C ASN A 67 -3.73 11.49 16.01
N LYS A 68 -3.26 10.28 15.70
CA LYS A 68 -3.76 9.55 14.56
C LYS A 68 -3.35 8.07 14.64
N SER A 69 -3.75 7.30 13.64
CA SER A 69 -3.44 5.87 13.61
C SER A 69 -1.92 5.65 13.62
N SER A 70 -1.51 4.39 13.64
CA SER A 70 -0.10 4.04 13.66
C SER A 70 0.56 4.35 12.32
N VAL A 71 1.62 5.16 12.36
CA VAL A 71 2.34 5.54 11.15
C VAL A 71 3.79 5.07 11.21
N CYS A 72 4.53 5.34 10.14
CA CYS A 72 5.93 4.95 10.07
C CYS A 72 6.85 6.14 10.34
N ALA A 73 8.05 5.84 10.83
CA ALA A 73 9.02 6.90 11.13
C ALA A 73 10.45 6.40 10.87
N PRO A 74 11.36 7.35 10.61
CA PRO A 74 12.77 7.05 10.35
C PRO A 74 13.50 6.54 11.59
N ILE A 75 14.73 6.10 11.41
CA ILE A 75 15.53 5.59 12.52
C ILE A 75 15.61 6.60 13.66
N THR A 76 15.77 6.10 14.88
CA THR A 76 15.87 6.97 16.05
C THR A 76 16.89 6.44 17.03
N SER A 1 -14.22 6.94 5.19
CA SER A 1 -13.27 6.03 4.57
C SER A 1 -13.96 4.73 4.15
N ASN A 2 -13.19 3.84 3.53
CA ASN A 2 -13.73 2.56 3.07
C ASN A 2 -12.61 1.63 2.63
N GLU A 3 -12.95 0.37 2.40
CA GLU A 3 -11.98 -0.63 1.97
C GLU A 3 -11.48 -0.33 0.56
N CYS A 4 -10.47 -1.07 0.14
CA CYS A 4 -9.90 -0.89 -1.20
C CYS A 4 -10.03 -2.18 -2.03
N ILE A 5 -9.67 -2.09 -3.30
CA ILE A 5 -9.75 -3.24 -4.20
C ILE A 5 -8.69 -4.28 -3.84
N ARG A 6 -9.15 -5.45 -3.41
CA ARG A 6 -8.24 -6.54 -3.04
C ARG A 6 -7.29 -6.86 -4.19
N LYS A 7 -6.07 -7.26 -3.84
CA LYS A 7 -5.06 -7.59 -4.83
C LYS A 7 -5.48 -8.82 -5.63
N TRP A 8 -5.16 -8.82 -6.92
CA TRP A 8 -5.50 -9.94 -7.80
C TRP A 8 -7.01 -10.19 -7.80
N LEU A 9 -7.78 -9.13 -8.05
CA LEU A 9 -9.23 -9.22 -8.08
C LEU A 9 -9.78 -8.66 -9.38
N SER A 10 -9.56 -7.36 -9.59
CA SER A 10 -10.05 -6.69 -10.80
C SER A 10 -9.65 -5.22 -10.80
N CYS A 11 -9.07 -4.76 -11.90
CA CYS A 11 -8.64 -3.38 -12.02
C CYS A 11 -9.67 -2.56 -12.81
N VAL A 12 -10.53 -3.25 -13.56
CA VAL A 12 -11.56 -2.60 -14.35
C VAL A 12 -12.37 -1.63 -13.50
N ASP A 13 -12.50 -1.94 -12.21
CA ASP A 13 -13.25 -1.09 -11.28
C ASP A 13 -12.55 0.25 -11.09
N ARG A 14 -11.43 0.24 -10.38
CA ARG A 14 -10.67 1.46 -10.12
C ARG A 14 -9.17 1.18 -10.12
N LYS A 15 -8.46 1.75 -11.08
CA LYS A 15 -7.02 1.57 -11.18
C LYS A 15 -6.27 2.52 -10.25
N ASN A 16 -6.84 3.70 -10.04
CA ASN A 16 -6.23 4.70 -9.17
C ASN A 16 -6.52 4.39 -7.70
N ASP A 17 -7.63 3.71 -7.46
CA ASP A 17 -8.01 3.34 -6.10
C ASP A 17 -7.85 1.84 -5.87
N CYS A 18 -6.86 1.26 -6.53
CA CYS A 18 -6.60 -0.18 -6.40
C CYS A 18 -6.37 -0.55 -4.94
N CYS A 19 -5.24 -0.12 -4.39
CA CYS A 19 -4.90 -0.43 -3.01
C CYS A 19 -3.56 0.20 -2.63
N GLU A 20 -3.05 -0.18 -1.46
CA GLU A 20 -1.77 0.34 -0.98
C GLU A 20 -0.61 -0.47 -1.54
N GLY A 21 0.19 0.15 -2.39
CA GLY A 21 1.33 -0.54 -2.98
C GLY A 21 0.94 -1.43 -4.14
N LEU A 22 -0.15 -1.06 -4.83
CA LEU A 22 -0.62 -1.83 -5.96
C LEU A 22 -0.81 -0.93 -7.19
N GLU A 23 -0.71 -1.52 -8.37
CA GLU A 23 -0.87 -0.79 -9.62
C GLU A 23 -1.53 -1.65 -10.69
N CYS A 24 -2.26 -1.01 -11.59
CA CYS A 24 -2.94 -1.71 -12.66
C CYS A 24 -1.95 -2.48 -13.53
N TYR A 25 -2.40 -3.61 -14.08
CA TYR A 25 -1.54 -4.43 -14.94
C TYR A 25 -1.99 -4.34 -16.40
N LYS A 26 -1.03 -4.54 -17.30
CA LYS A 26 -1.32 -4.48 -18.73
C LYS A 26 -1.51 -5.88 -19.31
N ARG A 27 -2.77 -6.27 -19.51
CA ARG A 27 -3.09 -7.59 -20.06
C ARG A 27 -3.50 -7.48 -21.52
N ARG A 28 -3.26 -8.55 -22.27
CA ARG A 28 -3.60 -8.58 -23.69
C ARG A 28 -5.12 -8.58 -23.87
N HIS A 29 -5.75 -9.69 -23.52
CA HIS A 29 -7.20 -9.81 -23.65
C HIS A 29 -7.84 -10.11 -22.30
N SER A 30 -7.29 -11.08 -21.58
CA SER A 30 -7.81 -11.45 -20.27
C SER A 30 -7.94 -10.24 -19.36
N PHE A 31 -8.97 -10.23 -18.53
CA PHE A 31 -9.21 -9.12 -17.61
C PHE A 31 -7.95 -8.80 -16.80
N GLU A 32 -7.64 -7.52 -16.69
CA GLU A 32 -6.46 -7.08 -15.95
C GLU A 32 -6.83 -6.71 -14.51
N VAL A 33 -5.93 -7.02 -13.58
CA VAL A 33 -6.16 -6.72 -12.17
C VAL A 33 -4.96 -6.00 -11.56
N CYS A 34 -5.09 -5.60 -10.30
CA CYS A 34 -4.03 -4.91 -9.60
C CYS A 34 -2.86 -5.84 -9.31
N VAL A 35 -1.66 -5.29 -9.28
CA VAL A 35 -0.45 -6.07 -9.01
C VAL A 35 0.49 -5.32 -8.08
N PRO A 36 1.34 -6.08 -7.37
CA PRO A 36 2.31 -5.50 -6.43
C PRO A 36 3.43 -4.74 -7.14
N ILE A 37 3.66 -3.50 -6.71
CA ILE A 37 4.69 -2.67 -7.31
C ILE A 37 6.07 -3.06 -6.79
N PRO A 38 7.03 -3.22 -7.72
CA PRO A 38 8.41 -3.59 -7.38
C PRO A 38 9.16 -2.46 -6.66
N GLY A 39 9.87 -2.82 -5.60
CA GLY A 39 10.62 -1.83 -4.85
C GLY A 39 9.71 -0.89 -4.07
N PHE A 40 8.42 -1.21 -4.02
CA PHE A 40 7.46 -0.40 -3.31
C PHE A 40 7.80 -0.32 -1.81
N CYS A 41 7.53 0.83 -1.21
CA CYS A 41 7.81 1.02 0.20
C CYS A 41 6.85 2.04 0.81
N LEU A 42 7.13 2.46 2.04
CA LEU A 42 6.29 3.43 2.74
C LEU A 42 7.12 4.62 3.22
N VAL A 43 6.44 5.71 3.54
CA VAL A 43 7.11 6.91 4.03
C VAL A 43 6.89 7.10 5.53
N LYS A 44 7.39 8.21 6.06
CA LYS A 44 7.25 8.51 7.48
C LYS A 44 5.85 9.06 7.77
N TRP A 45 5.03 9.18 6.74
CA TRP A 45 3.68 9.69 6.88
C TRP A 45 2.66 8.67 6.39
N LYS A 46 3.09 7.43 6.23
CA LYS A 46 2.21 6.36 5.76
C LYS A 46 1.99 5.33 6.85
N GLN A 47 0.78 4.76 6.88
CA GLN A 47 0.43 3.76 7.88
C GLN A 47 1.45 2.62 7.87
N CYS A 48 1.76 2.09 9.05
CA CYS A 48 2.71 1.00 9.18
C CYS A 48 1.99 -0.32 9.51
N ASP A 49 0.78 -0.20 10.02
CA ASP A 49 -0.02 -1.37 10.39
C ASP A 49 -0.08 -2.36 9.23
N GLY A 50 0.46 -3.56 9.46
CA GLY A 50 0.46 -4.58 8.43
C GLY A 50 1.70 -4.52 7.55
N ARG A 51 2.23 -3.32 7.35
CA ARG A 51 3.41 -3.13 6.53
C ARG A 51 4.60 -2.69 7.39
N GLU A 52 4.68 -3.23 8.60
CA GLU A 52 5.78 -2.89 9.51
C GLU A 52 7.12 -3.30 8.92
N ARG A 53 7.08 -4.17 7.93
CA ARG A 53 8.31 -4.64 7.27
C ARG A 53 8.28 -4.32 5.78
N ASP A 54 7.50 -3.32 5.41
CA ASP A 54 7.39 -2.93 4.00
C ASP A 54 7.89 -1.50 3.81
N CYS A 55 7.90 -0.73 4.89
CA CYS A 55 8.35 0.66 4.84
C CYS A 55 9.71 0.76 4.14
N CYS A 56 10.11 1.98 3.80
CA CYS A 56 11.38 2.22 3.14
C CYS A 56 12.54 1.97 4.09
N ALA A 57 13.77 2.16 3.60
CA ALA A 57 14.96 1.96 4.40
C ALA A 57 15.08 3.03 5.47
N GLY A 58 15.39 2.62 6.69
CA GLY A 58 15.53 3.56 7.79
C GLY A 58 14.22 3.80 8.52
N LEU A 59 13.12 3.43 7.88
CA LEU A 59 11.79 3.62 8.48
C LEU A 59 11.48 2.51 9.48
N GLU A 60 10.38 2.66 10.21
CA GLU A 60 9.98 1.67 11.19
C GLU A 60 8.53 1.89 11.62
N CYS A 61 7.87 0.82 12.04
CA CYS A 61 6.48 0.88 12.46
C CYS A 61 6.34 1.74 13.71
N TRP A 62 6.03 3.02 13.52
CA TRP A 62 5.87 3.94 14.63
C TRP A 62 4.50 3.77 15.29
N LYS A 63 4.48 3.74 16.62
CA LYS A 63 3.25 3.59 17.36
C LYS A 63 2.81 4.90 17.99
N ARG A 64 1.90 5.61 17.32
CA ARG A 64 1.40 6.88 17.81
C ARG A 64 -0.08 6.79 18.14
N SER A 65 -0.45 7.29 19.32
CA SER A 65 -1.85 7.26 19.76
C SER A 65 -2.28 8.64 20.27
N GLY A 66 -3.43 9.09 19.81
CA GLY A 66 -3.95 10.39 20.23
C GLY A 66 -3.96 11.40 19.10
N ASN A 67 -3.16 11.15 18.07
CA ASN A 67 -3.08 12.04 16.92
C ASN A 67 -3.68 11.39 15.68
N LYS A 68 -3.25 10.16 15.40
CA LYS A 68 -3.75 9.42 14.24
C LYS A 68 -3.38 7.94 14.34
N SER A 69 -3.79 7.17 13.34
CA SER A 69 -3.51 5.74 13.32
C SER A 69 -2.02 5.48 13.36
N SER A 70 -1.64 4.20 13.38
CA SER A 70 -0.24 3.81 13.43
C SER A 70 0.46 4.16 12.11
N VAL A 71 1.50 4.97 12.19
CA VAL A 71 2.25 5.37 11.01
C VAL A 71 3.71 4.94 11.12
N CYS A 72 4.49 5.22 10.07
CA CYS A 72 5.89 4.86 10.05
C CYS A 72 6.77 6.08 10.30
N ALA A 73 7.98 5.84 10.78
CA ALA A 73 8.92 6.92 11.06
C ALA A 73 10.36 6.48 10.81
N PRO A 74 11.23 7.45 10.51
CA PRO A 74 12.65 7.18 10.25
C PRO A 74 13.41 6.76 11.51
N ILE A 75 14.68 6.42 11.34
CA ILE A 75 15.51 6.00 12.46
C ILE A 75 15.52 7.05 13.57
N THR A 76 15.72 6.61 14.80
CA THR A 76 15.75 7.52 15.94
C THR A 76 14.72 8.63 15.79
N SER A 1 -15.98 3.66 6.17
CA SER A 1 -14.90 2.68 6.04
C SER A 1 -15.18 1.71 4.90
N ASN A 2 -14.41 1.84 3.82
CA ASN A 2 -14.58 0.98 2.66
C ASN A 2 -13.25 0.36 2.25
N GLU A 3 -13.14 -0.96 2.39
CA GLU A 3 -11.92 -1.67 2.04
C GLU A 3 -11.53 -1.40 0.59
N CYS A 4 -10.34 -1.85 0.21
CA CYS A 4 -9.84 -1.64 -1.15
C CYS A 4 -10.01 -2.90 -1.98
N ILE A 5 -9.71 -2.80 -3.28
CA ILE A 5 -9.83 -3.94 -4.18
C ILE A 5 -8.74 -4.97 -3.91
N ARG A 6 -9.14 -6.21 -3.67
CA ARG A 6 -8.20 -7.29 -3.40
C ARG A 6 -7.17 -7.40 -4.52
N LYS A 7 -5.97 -7.85 -4.17
CA LYS A 7 -4.90 -8.00 -5.15
C LYS A 7 -5.22 -9.13 -6.13
N TRP A 8 -4.73 -8.99 -7.36
CA TRP A 8 -4.96 -10.00 -8.39
C TRP A 8 -6.45 -10.29 -8.54
N LEU A 9 -7.24 -9.23 -8.73
CA LEU A 9 -8.69 -9.37 -8.89
C LEU A 9 -9.16 -8.70 -10.16
N SER A 10 -9.06 -7.37 -10.19
CA SER A 10 -9.47 -6.60 -11.36
C SER A 10 -9.26 -5.10 -11.13
N CYS A 11 -8.52 -4.47 -12.03
CA CYS A 11 -8.24 -3.04 -11.93
C CYS A 11 -9.17 -2.24 -12.83
N VAL A 12 -9.87 -2.94 -13.72
CA VAL A 12 -10.80 -2.28 -14.64
C VAL A 12 -11.75 -1.36 -13.91
N ASP A 13 -12.06 -1.71 -12.66
CA ASP A 13 -12.97 -0.91 -11.84
C ASP A 13 -12.20 -0.20 -10.73
N ARG A 14 -12.12 1.12 -10.82
CA ARG A 14 -11.43 1.91 -9.82
C ARG A 14 -9.94 1.57 -9.78
N LYS A 15 -9.30 1.65 -10.95
CA LYS A 15 -7.87 1.34 -11.06
C LYS A 15 -7.06 2.24 -10.14
N ASN A 16 -7.59 3.42 -9.84
CA ASN A 16 -6.90 4.36 -8.96
C ASN A 16 -7.05 3.96 -7.50
N ASP A 17 -8.16 3.30 -7.17
CA ASP A 17 -8.42 2.86 -5.82
C ASP A 17 -8.16 1.36 -5.67
N CYS A 18 -7.20 0.86 -6.43
CA CYS A 18 -6.86 -0.56 -6.39
C CYS A 18 -6.58 -1.02 -4.96
N CYS A 19 -5.48 -0.55 -4.40
CA CYS A 19 -5.10 -0.92 -3.03
C CYS A 19 -3.79 -0.24 -2.64
N GLU A 20 -3.26 -0.63 -1.48
CA GLU A 20 -2.01 -0.06 -0.98
C GLU A 20 -0.81 -0.77 -1.60
N GLY A 21 -0.06 -0.04 -2.43
CA GLY A 21 1.11 -0.61 -3.07
C GLY A 21 0.75 -1.46 -4.27
N LEU A 22 -0.32 -1.09 -4.95
CA LEU A 22 -0.77 -1.83 -6.13
C LEU A 22 -1.03 -0.88 -7.30
N GLU A 23 -0.91 -1.41 -8.51
CA GLU A 23 -1.13 -0.62 -9.72
C GLU A 23 -1.74 -1.47 -10.83
N CYS A 24 -2.39 -0.80 -11.78
CA CYS A 24 -3.01 -1.49 -12.90
C CYS A 24 -1.96 -2.11 -13.81
N TYR A 25 -2.24 -3.31 -14.30
CA TYR A 25 -1.32 -4.01 -15.20
C TYR A 25 -1.84 -4.02 -16.63
N LYS A 26 -0.97 -4.38 -17.57
CA LYS A 26 -1.35 -4.43 -18.98
C LYS A 26 -1.36 -5.87 -19.48
N ARG A 27 -2.50 -6.28 -20.04
CA ARG A 27 -2.65 -7.63 -20.57
C ARG A 27 -3.03 -7.60 -22.05
N ARG A 28 -3.15 -8.79 -22.64
CA ARG A 28 -3.52 -8.90 -24.05
C ARG A 28 -4.99 -9.25 -24.21
N HIS A 29 -5.35 -10.46 -23.79
CA HIS A 29 -6.73 -10.91 -23.88
C HIS A 29 -7.37 -11.03 -22.51
N SER A 30 -6.66 -11.66 -21.58
CA SER A 30 -7.14 -11.85 -20.23
C SER A 30 -7.30 -10.50 -19.52
N PHE A 31 -8.44 -10.32 -18.85
CA PHE A 31 -8.71 -9.07 -18.13
C PHE A 31 -7.56 -8.73 -17.20
N GLU A 32 -7.02 -7.53 -17.36
CA GLU A 32 -5.92 -7.07 -16.52
C GLU A 32 -6.38 -6.80 -15.10
N VAL A 33 -5.52 -7.09 -14.13
CA VAL A 33 -5.85 -6.87 -12.72
C VAL A 33 -4.73 -6.12 -12.00
N CYS A 34 -4.97 -5.77 -10.75
CA CYS A 34 -3.98 -5.05 -9.95
C CYS A 34 -2.79 -5.94 -9.63
N VAL A 35 -1.61 -5.34 -9.57
CA VAL A 35 -0.38 -6.06 -9.28
C VAL A 35 0.50 -5.29 -8.31
N PRO A 36 1.37 -6.01 -7.60
CA PRO A 36 2.29 -5.41 -6.62
C PRO A 36 3.39 -4.59 -7.30
N ILE A 37 3.51 -3.33 -6.90
CA ILE A 37 4.52 -2.44 -7.46
C ILE A 37 5.92 -2.79 -6.95
N PRO A 38 6.88 -2.90 -7.88
CA PRO A 38 8.27 -3.22 -7.55
C PRO A 38 8.96 -2.09 -6.79
N GLY A 39 9.65 -2.44 -5.71
CA GLY A 39 10.34 -1.44 -4.92
C GLY A 39 9.41 -0.61 -4.06
N PHE A 40 8.12 -0.94 -4.10
CA PHE A 40 7.12 -0.22 -3.33
C PHE A 40 7.48 -0.22 -1.84
N CYS A 41 7.14 0.87 -1.16
CA CYS A 41 7.43 1.00 0.26
C CYS A 41 6.56 2.09 0.89
N LEU A 42 6.85 2.42 2.15
CA LEU A 42 6.10 3.44 2.86
C LEU A 42 7.01 4.57 3.32
N VAL A 43 6.42 5.71 3.65
CA VAL A 43 7.17 6.87 4.10
C VAL A 43 6.99 7.09 5.60
N LYS A 44 7.59 8.16 6.11
CA LYS A 44 7.49 8.49 7.53
C LYS A 44 6.15 9.14 7.84
N TRP A 45 5.31 9.29 6.83
CA TRP A 45 4.00 9.89 7.00
C TRP A 45 2.90 8.93 6.55
N LYS A 46 3.25 7.66 6.37
CA LYS A 46 2.30 6.66 5.94
C LYS A 46 2.03 5.65 7.05
N GLN A 47 0.81 5.13 7.08
CA GLN A 47 0.42 4.16 8.10
C GLN A 47 1.35 2.95 8.08
N CYS A 48 1.67 2.43 9.26
CA CYS A 48 2.55 1.27 9.38
C CYS A 48 1.76 0.03 9.75
N ASP A 49 0.55 0.23 10.26
CA ASP A 49 -0.32 -0.88 10.64
C ASP A 49 -0.43 -1.89 9.51
N GLY A 50 0.03 -3.12 9.77
CA GLY A 50 -0.03 -4.16 8.76
C GLY A 50 1.20 -4.20 7.89
N ARG A 51 1.81 -3.04 7.66
CA ARG A 51 3.01 -2.94 6.84
C ARG A 51 4.22 -2.58 7.69
N GLU A 52 4.30 -3.15 8.88
CA GLU A 52 5.41 -2.88 9.79
C GLU A 52 6.73 -3.33 9.19
N ARG A 53 6.65 -4.18 8.16
CA ARG A 53 7.84 -4.68 7.49
C ARG A 53 7.79 -4.40 5.99
N ASP A 54 7.02 -3.39 5.62
CA ASP A 54 6.87 -3.01 4.22
C ASP A 54 7.44 -1.62 3.97
N CYS A 55 7.53 -0.82 5.03
CA CYS A 55 8.05 0.53 4.93
C CYS A 55 9.39 0.55 4.20
N CYS A 56 9.85 1.75 3.83
CA CYS A 56 11.12 1.91 3.13
C CYS A 56 12.29 1.57 4.04
N ALA A 57 13.50 1.78 3.54
CA ALA A 57 14.71 1.50 4.31
C ALA A 57 14.93 2.56 5.39
N GLY A 58 15.24 2.11 6.60
CA GLY A 58 15.46 3.03 7.69
C GLY A 58 14.18 3.36 8.44
N LEU A 59 13.05 3.05 7.84
CA LEU A 59 11.75 3.33 8.45
C LEU A 59 11.39 2.24 9.47
N GLU A 60 10.34 2.48 10.24
CA GLU A 60 9.89 1.53 11.24
C GLU A 60 8.45 1.82 11.68
N CYS A 61 7.76 0.80 12.13
CA CYS A 61 6.38 0.95 12.59
C CYS A 61 6.32 1.84 13.84
N TRP A 62 6.09 3.12 13.64
CA TRP A 62 6.00 4.07 14.75
C TRP A 62 4.65 3.96 15.45
N LYS A 63 4.69 3.90 16.78
CA LYS A 63 3.46 3.80 17.57
C LYS A 63 3.10 5.15 18.19
N ARG A 64 2.19 5.87 17.55
CA ARG A 64 1.76 7.17 18.04
C ARG A 64 0.27 7.16 18.36
N SER A 65 -0.08 7.65 19.54
CA SER A 65 -1.46 7.70 19.98
C SER A 65 -1.81 9.08 20.53
N GLY A 66 -2.98 9.60 20.13
CA GLY A 66 -3.41 10.91 20.59
C GLY A 66 -3.38 11.95 19.48
N ASN A 67 -2.59 11.69 18.45
CA ASN A 67 -2.48 12.61 17.33
C ASN A 67 -3.12 12.02 16.07
N LYS A 68 -2.76 10.78 15.76
CA LYS A 68 -3.29 10.10 14.59
C LYS A 68 -3.03 8.60 14.67
N SER A 69 -3.47 7.87 13.66
CA SER A 69 -3.29 6.42 13.62
C SER A 69 -1.81 6.06 13.62
N SER A 70 -1.52 4.77 13.64
CA SER A 70 -0.14 4.29 13.66
C SER A 70 0.55 4.59 12.33
N VAL A 71 1.64 5.34 12.39
CA VAL A 71 2.39 5.69 11.19
C VAL A 71 3.82 5.17 11.27
N CYS A 72 4.59 5.41 10.21
CA CYS A 72 5.97 4.96 10.16
C CYS A 72 6.93 6.13 10.36
N ALA A 73 8.14 5.82 10.83
CA ALA A 73 9.15 6.84 11.08
C ALA A 73 10.55 6.31 10.81
N PRO A 74 11.47 7.22 10.47
CA PRO A 74 12.87 6.86 10.18
C PRO A 74 13.62 6.39 11.43
N ILE A 75 14.86 5.96 11.23
CA ILE A 75 15.69 5.50 12.34
C ILE A 75 15.84 6.59 13.41
N THR A 76 16.04 6.16 14.65
CA THR A 76 16.20 7.10 15.75
C THR A 76 17.39 6.71 16.63
N SER A 1 -13.06 4.50 7.28
CA SER A 1 -14.12 3.48 7.28
C SER A 1 -14.36 2.96 5.86
N ASN A 2 -13.29 2.48 5.23
CA ASN A 2 -13.37 1.95 3.88
C ASN A 2 -12.12 1.14 3.53
N GLU A 3 -12.32 0.03 2.83
CA GLU A 3 -11.21 -0.83 2.43
C GLU A 3 -10.89 -0.66 0.96
N CYS A 4 -9.83 -1.32 0.50
CA CYS A 4 -9.42 -1.25 -0.89
C CYS A 4 -9.57 -2.59 -1.59
N ILE A 5 -9.35 -2.62 -2.89
CA ILE A 5 -9.46 -3.85 -3.67
C ILE A 5 -8.24 -4.74 -3.48
N ARG A 6 -8.49 -6.00 -3.16
CA ARG A 6 -7.40 -6.96 -2.94
C ARG A 6 -6.46 -6.98 -4.14
N LYS A 7 -5.29 -7.60 -3.96
CA LYS A 7 -4.30 -7.69 -5.01
C LYS A 7 -4.61 -8.85 -5.95
N TRP A 8 -4.31 -8.67 -7.24
CA TRP A 8 -4.56 -9.70 -8.23
C TRP A 8 -6.02 -10.14 -8.22
N LEU A 9 -6.92 -9.17 -8.30
CA LEU A 9 -8.35 -9.45 -8.30
C LEU A 9 -9.03 -8.84 -9.52
N SER A 10 -9.04 -7.52 -9.58
CA SER A 10 -9.66 -6.81 -10.70
C SER A 10 -9.54 -5.30 -10.52
N CYS A 11 -8.96 -4.63 -11.51
CA CYS A 11 -8.78 -3.19 -11.47
C CYS A 11 -9.86 -2.48 -12.28
N VAL A 12 -10.65 -3.26 -13.03
CA VAL A 12 -11.71 -2.71 -13.85
C VAL A 12 -12.59 -1.75 -13.04
N ASP A 13 -12.75 -2.04 -11.75
CA ASP A 13 -13.55 -1.21 -10.88
C ASP A 13 -12.84 0.10 -10.55
N ARG A 14 -11.58 -0.01 -10.13
CA ARG A 14 -10.79 1.16 -9.78
C ARG A 14 -9.33 0.96 -10.16
N LYS A 15 -8.87 1.69 -11.16
CA LYS A 15 -7.49 1.59 -11.62
C LYS A 15 -6.57 2.46 -10.77
N ASN A 16 -7.17 3.30 -9.93
CA ASN A 16 -6.40 4.19 -9.06
C ASN A 16 -6.63 3.83 -7.60
N ASP A 17 -7.83 3.34 -7.28
CA ASP A 17 -8.17 2.97 -5.92
C ASP A 17 -7.97 1.47 -5.71
N CYS A 18 -7.11 0.87 -6.53
CA CYS A 18 -6.84 -0.57 -6.44
C CYS A 18 -6.48 -0.95 -5.00
N CYS A 19 -5.35 -0.43 -4.52
CA CYS A 19 -4.90 -0.72 -3.17
C CYS A 19 -3.59 0.02 -2.86
N GLU A 20 -2.99 -0.32 -1.73
CA GLU A 20 -1.73 0.33 -1.32
C GLU A 20 -0.53 -0.40 -1.93
N GLY A 21 0.16 0.28 -2.83
CA GLY A 21 1.32 -0.31 -3.47
C GLY A 21 0.95 -1.23 -4.61
N LEU A 22 -0.14 -0.90 -5.30
CA LEU A 22 -0.61 -1.71 -6.42
C LEU A 22 -0.88 -0.83 -7.65
N GLU A 23 -0.87 -1.45 -8.83
CA GLU A 23 -1.10 -0.74 -10.07
C GLU A 23 -1.80 -1.65 -11.09
N CYS A 24 -2.57 -1.03 -11.98
CA CYS A 24 -3.28 -1.78 -13.02
C CYS A 24 -2.33 -2.23 -14.12
N TYR A 25 -2.36 -3.53 -14.41
CA TYR A 25 -1.50 -4.09 -15.45
C TYR A 25 -2.23 -4.17 -16.78
N LYS A 26 -1.47 -4.15 -17.87
CA LYS A 26 -2.04 -4.22 -19.21
C LYS A 26 -2.30 -5.67 -19.61
N ARG A 27 -3.57 -6.05 -19.67
CA ARG A 27 -3.94 -7.40 -20.04
C ARG A 27 -5.14 -7.39 -20.98
N ARG A 28 -4.95 -7.94 -22.19
CA ARG A 28 -6.01 -7.98 -23.18
C ARG A 28 -6.62 -9.38 -23.25
N HIS A 29 -5.77 -10.40 -23.33
CA HIS A 29 -6.22 -11.77 -23.41
C HIS A 29 -7.06 -12.14 -22.19
N SER A 30 -6.84 -11.43 -21.09
CA SER A 30 -7.57 -11.68 -19.85
C SER A 30 -7.83 -10.38 -19.10
N PHE A 31 -8.90 -10.36 -18.31
CA PHE A 31 -9.27 -9.18 -17.54
C PHE A 31 -8.08 -8.68 -16.72
N GLU A 32 -7.72 -7.42 -16.92
CA GLU A 32 -6.60 -6.81 -16.20
C GLU A 32 -6.94 -6.67 -14.72
N VAL A 33 -5.92 -6.81 -13.87
CA VAL A 33 -6.10 -6.69 -12.43
C VAL A 33 -4.94 -5.93 -11.79
N CYS A 34 -5.05 -5.67 -10.49
CA CYS A 34 -4.01 -4.96 -9.76
C CYS A 34 -2.76 -5.82 -9.63
N VAL A 35 -1.60 -5.17 -9.61
CA VAL A 35 -0.33 -5.87 -9.48
C VAL A 35 0.62 -5.15 -8.52
N PRO A 36 1.52 -5.92 -7.88
CA PRO A 36 2.47 -5.37 -6.93
C PRO A 36 3.54 -4.51 -7.60
N ILE A 37 3.68 -3.27 -7.13
CA ILE A 37 4.67 -2.36 -7.70
C ILE A 37 6.07 -2.69 -7.19
N PRO A 38 7.04 -2.75 -8.13
CA PRO A 38 8.43 -3.06 -7.82
C PRO A 38 9.11 -1.92 -7.06
N GLY A 39 9.81 -2.27 -5.98
CA GLY A 39 10.50 -1.26 -5.19
C GLY A 39 9.54 -0.46 -4.33
N PHE A 40 8.28 -0.82 -4.35
CA PHE A 40 7.27 -0.13 -3.56
C PHE A 40 7.62 -0.13 -2.07
N CYS A 41 7.29 0.95 -1.39
CA CYS A 41 7.57 1.08 0.03
C CYS A 41 6.70 2.15 0.68
N LEU A 42 7.01 2.50 1.92
CA LEU A 42 6.25 3.51 2.65
C LEU A 42 7.16 4.61 3.17
N VAL A 43 6.56 5.73 3.56
CA VAL A 43 7.32 6.86 4.08
C VAL A 43 7.08 7.03 5.58
N LYS A 44 7.65 8.10 6.14
CA LYS A 44 7.50 8.38 7.56
C LYS A 44 6.16 9.04 7.85
N TRP A 45 5.34 9.20 6.81
CA TRP A 45 4.03 9.82 6.95
C TRP A 45 2.93 8.89 6.44
N LYS A 46 3.20 7.59 6.50
CA LYS A 46 2.23 6.59 6.04
C LYS A 46 1.88 5.62 7.17
N GLN A 47 0.75 4.93 7.01
CA GLN A 47 0.30 3.98 8.01
C GLN A 47 1.18 2.74 8.01
N CYS A 48 1.66 2.35 9.20
CA CYS A 48 2.51 1.17 9.33
C CYS A 48 1.69 -0.07 9.63
N ASP A 49 0.45 0.14 10.08
CA ASP A 49 -0.44 -0.97 10.39
C ASP A 49 -0.51 -1.96 9.23
N GLY A 50 -0.07 -3.18 9.48
CA GLY A 50 -0.08 -4.21 8.46
C GLY A 50 1.19 -4.21 7.63
N ARG A 51 1.79 -3.04 7.46
CA ARG A 51 3.01 -2.92 6.67
C ARG A 51 4.20 -2.56 7.57
N GLU A 52 4.22 -3.14 8.77
CA GLU A 52 5.29 -2.88 9.72
C GLU A 52 6.64 -3.31 9.14
N ARG A 53 6.60 -4.15 8.11
CA ARG A 53 7.81 -4.63 7.47
C ARG A 53 7.78 -4.36 5.98
N ASP A 54 7.03 -3.33 5.58
CA ASP A 54 6.92 -2.97 4.17
C ASP A 54 7.50 -1.58 3.92
N CYS A 55 7.56 -0.77 4.97
CA CYS A 55 8.10 0.58 4.86
C CYS A 55 9.46 0.57 4.19
N CYS A 56 9.95 1.76 3.83
CA CYS A 56 11.24 1.89 3.17
C CYS A 56 12.38 1.49 4.12
N ALA A 57 13.61 1.58 3.62
CA ALA A 57 14.77 1.23 4.42
C ALA A 57 15.06 2.30 5.47
N GLY A 58 15.13 1.88 6.74
CA GLY A 58 15.40 2.83 7.80
C GLY A 58 14.15 3.18 8.59
N LEU A 59 12.99 2.94 7.98
CA LEU A 59 11.72 3.25 8.63
C LEU A 59 11.32 2.13 9.58
N GLU A 60 10.23 2.35 10.31
CA GLU A 60 9.74 1.36 11.27
C GLU A 60 8.30 1.67 11.68
N CYS A 61 7.61 0.67 12.23
CA CYS A 61 6.24 0.84 12.67
C CYS A 61 6.16 1.72 13.91
N TRP A 62 5.88 3.00 13.71
CA TRP A 62 5.79 3.95 14.80
C TRP A 62 4.41 3.89 15.47
N LYS A 63 4.39 3.80 16.79
CA LYS A 63 3.14 3.73 17.53
C LYS A 63 2.80 5.08 18.14
N ARG A 64 1.91 5.82 17.47
CA ARG A 64 1.50 7.13 17.95
C ARG A 64 0.00 7.15 18.24
N SER A 65 -0.36 7.63 19.42
CA SER A 65 -1.76 7.71 19.82
C SER A 65 -2.11 9.11 20.33
N GLY A 66 -3.28 9.60 19.94
CA GLY A 66 -3.71 10.92 20.35
C GLY A 66 -3.72 11.92 19.22
N ASN A 67 -2.96 11.63 18.17
CA ASN A 67 -2.88 12.51 17.01
C ASN A 67 -3.51 11.86 15.79
N LYS A 68 -3.11 10.62 15.51
CA LYS A 68 -3.63 9.88 14.37
C LYS A 68 -3.29 8.40 14.47
N SER A 69 -3.73 7.63 13.49
CA SER A 69 -3.47 6.19 13.47
C SER A 69 -1.98 5.91 13.51
N SER A 70 -1.63 4.63 13.55
CA SER A 70 -0.24 4.21 13.59
C SER A 70 0.46 4.50 12.27
N VAL A 71 1.55 5.26 12.33
CA VAL A 71 2.31 5.61 11.14
C VAL A 71 3.74 5.08 11.23
N CYS A 72 4.52 5.32 10.17
CA CYS A 72 5.90 4.87 10.11
C CYS A 72 6.86 6.03 10.38
N ALA A 73 8.04 5.70 10.90
CA ALA A 73 9.05 6.71 11.19
C ALA A 73 10.46 6.17 10.97
N PRO A 74 11.41 7.08 10.74
CA PRO A 74 12.82 6.70 10.51
C PRO A 74 13.49 6.17 11.77
N ILE A 75 14.70 5.65 11.62
CA ILE A 75 15.45 5.11 12.75
C ILE A 75 15.60 6.15 13.85
N THR A 76 15.72 5.67 15.09
CA THR A 76 15.86 6.56 16.24
C THR A 76 17.01 6.11 17.13
N SER A 1 -11.49 4.96 4.65
CA SER A 1 -12.58 4.37 5.41
C SER A 1 -12.99 3.02 4.83
N ASN A 2 -13.44 3.04 3.58
CA ASN A 2 -13.87 1.82 2.90
C ASN A 2 -12.67 1.01 2.44
N GLU A 3 -12.81 -0.32 2.43
CA GLU A 3 -11.74 -1.20 2.01
C GLU A 3 -11.32 -0.91 0.59
N CYS A 4 -10.26 -1.59 0.13
CA CYS A 4 -9.76 -1.41 -1.23
C CYS A 4 -9.82 -2.71 -2.02
N ILE A 5 -9.50 -2.63 -3.30
CA ILE A 5 -9.53 -3.81 -4.17
C ILE A 5 -8.33 -4.70 -3.90
N ARG A 6 -8.60 -5.92 -3.44
CA ARG A 6 -7.54 -6.88 -3.15
C ARG A 6 -6.62 -7.06 -4.35
N LYS A 7 -5.35 -7.34 -4.08
CA LYS A 7 -4.37 -7.54 -5.15
C LYS A 7 -4.71 -8.77 -5.98
N TRP A 8 -4.39 -8.72 -7.27
CA TRP A 8 -4.67 -9.82 -8.17
C TRP A 8 -6.13 -10.24 -8.10
N LEU A 9 -7.03 -9.27 -8.26
CA LEU A 9 -8.46 -9.53 -8.22
C LEU A 9 -9.15 -9.02 -9.47
N SER A 10 -9.31 -7.70 -9.57
CA SER A 10 -9.95 -7.08 -10.72
C SER A 10 -9.80 -5.57 -10.68
N CYS A 11 -9.04 -5.04 -11.64
CA CYS A 11 -8.79 -3.60 -11.71
C CYS A 11 -9.84 -2.93 -12.60
N VAL A 12 -10.55 -3.73 -13.39
CA VAL A 12 -11.58 -3.22 -14.29
C VAL A 12 -12.55 -2.31 -13.54
N ASP A 13 -12.71 -2.56 -12.25
CA ASP A 13 -13.61 -1.77 -11.41
C ASP A 13 -13.06 -0.37 -11.20
N ARG A 14 -12.05 -0.26 -10.34
CA ARG A 14 -11.43 1.03 -10.05
C ARG A 14 -9.92 0.89 -9.92
N LYS A 15 -9.19 1.57 -10.82
CA LYS A 15 -7.74 1.52 -10.80
C LYS A 15 -7.17 2.52 -9.80
N ASN A 16 -7.79 3.69 -9.72
CA ASN A 16 -7.34 4.73 -8.80
C ASN A 16 -7.56 4.30 -7.35
N ASP A 17 -8.34 3.24 -7.16
CA ASP A 17 -8.62 2.73 -5.83
C ASP A 17 -8.20 1.27 -5.70
N CYS A 18 -7.13 0.91 -6.40
CA CYS A 18 -6.63 -0.46 -6.38
C CYS A 18 -6.32 -0.90 -4.95
N CYS A 19 -5.26 -0.35 -4.38
CA CYS A 19 -4.87 -0.68 -3.02
C CYS A 19 -3.58 0.04 -2.63
N GLU A 20 -3.01 -0.35 -1.50
CA GLU A 20 -1.77 0.27 -1.02
C GLU A 20 -0.55 -0.45 -1.58
N GLY A 21 0.19 0.24 -2.44
CA GLY A 21 1.38 -0.35 -3.04
C GLY A 21 1.06 -1.23 -4.23
N LEU A 22 0.02 -0.86 -4.97
CA LEU A 22 -0.40 -1.62 -6.15
C LEU A 22 -0.50 -0.72 -7.37
N GLU A 23 -0.62 -1.34 -8.54
CA GLU A 23 -0.74 -0.60 -9.80
C GLU A 23 -1.57 -1.36 -10.81
N CYS A 24 -2.47 -0.67 -11.48
CA CYS A 24 -3.34 -1.29 -12.49
C CYS A 24 -2.49 -1.90 -13.61
N TYR A 25 -2.83 -3.14 -13.97
CA TYR A 25 -2.11 -3.84 -15.04
C TYR A 25 -3.03 -4.16 -16.20
N LYS A 26 -2.44 -4.51 -17.34
CA LYS A 26 -3.21 -4.85 -18.54
C LYS A 26 -2.87 -6.24 -19.03
N ARG A 27 -3.86 -6.93 -19.60
CA ARG A 27 -3.66 -8.27 -20.12
C ARG A 27 -4.31 -8.43 -21.48
N ARG A 28 -3.91 -9.48 -22.21
CA ARG A 28 -4.44 -9.74 -23.53
C ARG A 28 -5.82 -10.40 -23.44
N HIS A 29 -5.83 -11.68 -23.08
CA HIS A 29 -7.08 -12.42 -22.95
C HIS A 29 -7.80 -12.08 -21.65
N SER A 30 -7.03 -12.03 -20.56
CA SER A 30 -7.59 -11.71 -19.25
C SER A 30 -8.02 -10.26 -19.18
N PHE A 31 -8.35 -9.79 -17.98
CA PHE A 31 -8.77 -8.41 -17.78
C PHE A 31 -7.76 -7.64 -16.94
N GLU A 32 -7.95 -6.34 -16.83
CA GLU A 32 -7.05 -5.49 -16.06
C GLU A 32 -7.13 -5.82 -14.57
N VAL A 33 -5.97 -5.87 -13.93
CA VAL A 33 -5.91 -6.17 -12.50
C VAL A 33 -4.71 -5.50 -11.85
N CYS A 34 -4.84 -5.16 -10.57
CA CYS A 34 -3.77 -4.50 -9.83
C CYS A 34 -2.61 -5.46 -9.61
N VAL A 35 -1.40 -4.90 -9.54
CA VAL A 35 -0.20 -5.70 -9.33
C VAL A 35 0.75 -5.04 -8.33
N PRO A 36 1.57 -5.85 -7.65
CA PRO A 36 2.52 -5.37 -6.66
C PRO A 36 3.67 -4.58 -7.29
N ILE A 37 3.81 -3.32 -6.88
CA ILE A 37 4.86 -2.47 -7.40
C ILE A 37 6.24 -2.89 -6.88
N PRO A 38 7.21 -3.03 -7.79
CA PRO A 38 8.58 -3.42 -7.43
C PRO A 38 9.32 -2.33 -6.66
N GLY A 39 10.01 -2.73 -5.59
CA GLY A 39 10.74 -1.78 -4.79
C GLY A 39 9.84 -0.86 -4.00
N PHE A 40 8.54 -1.17 -3.99
CA PHE A 40 7.57 -0.37 -3.27
C PHE A 40 7.91 -0.31 -1.78
N CYS A 41 7.61 0.83 -1.15
CA CYS A 41 7.88 1.00 0.26
C CYS A 41 6.97 2.07 0.86
N LEU A 42 7.26 2.47 2.10
CA LEU A 42 6.47 3.48 2.78
C LEU A 42 7.36 4.61 3.30
N VAL A 43 6.75 5.74 3.64
CA VAL A 43 7.48 6.88 4.16
C VAL A 43 7.22 7.08 5.65
N LYS A 44 7.79 8.14 6.21
CA LYS A 44 7.63 8.43 7.63
C LYS A 44 6.27 9.07 7.89
N TRP A 45 5.49 9.25 6.84
CA TRP A 45 4.16 9.86 6.96
C TRP A 45 3.09 8.91 6.42
N LYS A 46 3.45 7.64 6.25
CA LYS A 46 2.52 6.65 5.75
C LYS A 46 2.19 5.61 6.83
N GLN A 47 0.96 5.12 6.80
CA GLN A 47 0.51 4.13 7.79
C GLN A 47 1.44 2.93 7.79
N CYS A 48 1.69 2.37 8.98
CA CYS A 48 2.55 1.21 9.13
C CYS A 48 1.75 -0.04 9.42
N ASP A 49 0.52 0.15 9.90
CA ASP A 49 -0.35 -0.97 10.23
C ASP A 49 -0.45 -1.94 9.06
N GLY A 50 0.00 -3.18 9.28
CA GLY A 50 -0.05 -4.18 8.23
C GLY A 50 1.21 -4.18 7.38
N ARG A 51 1.82 -3.01 7.22
CA ARG A 51 3.03 -2.89 6.41
C ARG A 51 4.23 -2.53 7.29
N GLU A 52 4.24 -3.09 8.50
CA GLU A 52 5.33 -2.84 9.44
C GLU A 52 6.66 -3.33 8.87
N ARG A 53 6.58 -4.20 7.88
CA ARG A 53 7.78 -4.76 7.26
C ARG A 53 7.82 -4.42 5.76
N ASP A 54 7.13 -3.35 5.39
CA ASP A 54 7.08 -2.93 3.99
C ASP A 54 7.69 -1.54 3.83
N CYS A 55 7.74 -0.79 4.93
CA CYS A 55 8.29 0.57 4.90
C CYS A 55 9.67 0.58 4.24
N CYS A 56 10.16 1.77 3.95
CA CYS A 56 11.46 1.92 3.32
C CYS A 56 12.58 1.59 4.30
N ALA A 57 13.83 1.71 3.83
CA ALA A 57 14.99 1.42 4.67
C ALA A 57 15.16 2.48 5.76
N GLY A 58 15.38 2.02 6.99
CA GLY A 58 15.57 2.94 8.10
C GLY A 58 14.26 3.26 8.79
N LEU A 59 13.14 2.97 8.12
CA LEU A 59 11.82 3.24 8.69
C LEU A 59 11.41 2.14 9.65
N GLU A 60 10.31 2.36 10.36
CA GLU A 60 9.80 1.38 11.32
C GLU A 60 8.36 1.69 11.71
N CYS A 61 7.63 0.66 12.10
CA CYS A 61 6.23 0.82 12.48
C CYS A 61 6.11 1.67 13.74
N TRP A 62 5.89 2.96 13.55
CA TRP A 62 5.76 3.89 14.68
C TRP A 62 4.38 3.79 15.30
N LYS A 63 4.32 3.74 16.62
CA LYS A 63 3.06 3.65 17.34
C LYS A 63 2.69 4.99 17.98
N ARG A 64 1.84 5.75 17.29
CA ARG A 64 1.41 7.04 17.79
C ARG A 64 -0.10 7.05 18.07
N SER A 65 -0.47 7.57 19.25
CA SER A 65 -1.87 7.63 19.64
C SER A 65 -2.23 9.03 20.15
N GLY A 66 -3.36 9.55 19.69
CA GLY A 66 -3.80 10.87 20.12
C GLY A 66 -3.72 11.88 19.00
N ASN A 67 -2.92 11.60 17.99
CA ASN A 67 -2.75 12.50 16.85
C ASN A 67 -3.36 11.90 15.59
N LYS A 68 -2.99 10.66 15.30
CA LYS A 68 -3.51 9.96 14.11
C LYS A 68 -3.24 8.47 14.20
N SER A 69 -3.66 7.73 13.18
CA SER A 69 -3.47 6.29 13.14
C SER A 69 -1.98 5.94 13.22
N SER A 70 -1.70 4.64 13.23
CA SER A 70 -0.31 4.17 13.32
C SER A 70 0.45 4.49 12.01
N VAL A 71 1.54 5.23 12.15
CA VAL A 71 2.35 5.60 10.99
C VAL A 71 3.77 5.07 11.12
N CYS A 72 4.58 5.31 10.11
CA CYS A 72 5.97 4.86 10.11
C CYS A 72 6.93 6.01 10.39
N ALA A 73 8.10 5.69 10.91
CA ALA A 73 9.11 6.70 11.23
C ALA A 73 10.51 6.16 11.02
N PRO A 74 11.46 7.08 10.75
CA PRO A 74 12.86 6.72 10.52
C PRO A 74 13.55 6.23 11.80
N ILE A 75 14.80 5.81 11.66
CA ILE A 75 15.57 5.31 12.81
C ILE A 75 15.64 6.36 13.92
N THR A 76 15.75 5.89 15.15
CA THR A 76 15.83 6.80 16.30
C THR A 76 16.93 6.36 17.27
N SER A 1 -15.77 6.17 4.86
CA SER A 1 -14.66 5.26 4.60
C SER A 1 -15.13 4.03 3.82
N ASN A 2 -14.31 3.58 2.88
CA ASN A 2 -14.64 2.42 2.07
C ASN A 2 -13.44 1.51 1.91
N GLU A 3 -13.68 0.27 1.47
CA GLU A 3 -12.62 -0.70 1.28
C GLU A 3 -11.96 -0.52 -0.08
N CYS A 4 -10.91 -1.31 -0.33
CA CYS A 4 -10.19 -1.24 -1.60
C CYS A 4 -10.25 -2.57 -2.33
N ILE A 5 -9.75 -2.59 -3.57
CA ILE A 5 -9.76 -3.79 -4.38
C ILE A 5 -8.77 -4.82 -3.85
N ARG A 6 -9.14 -6.09 -3.93
CA ARG A 6 -8.28 -7.17 -3.45
C ARG A 6 -7.21 -7.52 -4.48
N LYS A 7 -6.08 -8.02 -4.01
CA LYS A 7 -4.98 -8.39 -4.89
C LYS A 7 -5.41 -9.49 -5.86
N TRP A 8 -4.97 -9.38 -7.11
CA TRP A 8 -5.31 -10.37 -8.13
C TRP A 8 -6.82 -10.54 -8.24
N LEU A 9 -7.53 -9.43 -8.41
CA LEU A 9 -8.99 -9.46 -8.53
C LEU A 9 -9.44 -8.85 -9.85
N SER A 10 -9.31 -7.53 -9.96
CA SER A 10 -9.70 -6.83 -11.18
C SER A 10 -9.52 -5.32 -11.01
N CYS A 11 -8.61 -4.75 -11.81
CA CYS A 11 -8.34 -3.32 -11.75
C CYS A 11 -9.02 -2.59 -12.90
N VAL A 12 -9.60 -3.36 -13.82
CA VAL A 12 -10.28 -2.79 -14.98
C VAL A 12 -11.24 -1.68 -14.56
N ASP A 13 -11.80 -1.81 -13.36
CA ASP A 13 -12.74 -0.82 -12.83
C ASP A 13 -11.99 0.35 -12.21
N ARG A 14 -11.25 0.07 -11.14
CA ARG A 14 -10.49 1.10 -10.45
C ARG A 14 -9.00 0.81 -10.50
N LYS A 15 -8.29 1.48 -11.39
CA LYS A 15 -6.84 1.29 -11.55
C LYS A 15 -6.08 2.11 -10.52
N ASN A 16 -6.58 3.31 -10.22
CA ASN A 16 -5.94 4.18 -9.26
C ASN A 16 -6.37 3.84 -7.83
N ASP A 17 -7.60 3.35 -7.69
CA ASP A 17 -8.12 2.98 -6.39
C ASP A 17 -7.97 1.48 -6.14
N CYS A 18 -6.90 0.91 -6.69
CA CYS A 18 -6.63 -0.52 -6.54
C CYS A 18 -6.48 -0.89 -5.07
N CYS A 19 -5.38 -0.44 -4.46
CA CYS A 19 -5.11 -0.72 -3.05
C CYS A 19 -3.79 -0.09 -2.61
N GLU A 20 -3.35 -0.46 -1.41
CA GLU A 20 -2.10 0.07 -0.87
C GLU A 20 -0.90 -0.68 -1.44
N GLY A 21 -0.10 0.02 -2.25
CA GLY A 21 1.07 -0.59 -2.85
C GLY A 21 0.72 -1.46 -4.04
N LEU A 22 -0.42 -1.19 -4.66
CA LEU A 22 -0.88 -1.96 -5.81
C LEU A 22 -1.09 -1.03 -7.02
N GLU A 23 -0.91 -1.59 -8.21
CA GLU A 23 -1.09 -0.83 -9.44
C GLU A 23 -1.71 -1.69 -10.53
N CYS A 24 -2.54 -1.06 -11.37
CA CYS A 24 -3.21 -1.77 -12.46
C CYS A 24 -2.22 -2.13 -13.56
N TYR A 25 -2.30 -3.36 -14.05
CA TYR A 25 -1.41 -3.83 -15.11
C TYR A 25 -2.06 -3.66 -16.47
N LYS A 26 -1.23 -3.44 -17.49
CA LYS A 26 -1.72 -3.27 -18.85
C LYS A 26 -1.58 -4.56 -19.65
N ARG A 27 -2.67 -4.98 -20.28
CA ARG A 27 -2.66 -6.20 -21.08
C ARG A 27 -3.15 -5.92 -22.50
N ARG A 28 -3.13 -6.96 -23.34
CA ARG A 28 -3.56 -6.82 -24.72
C ARG A 28 -5.06 -7.08 -24.86
N HIS A 29 -5.45 -8.35 -24.76
CA HIS A 29 -6.86 -8.73 -24.87
C HIS A 29 -7.28 -9.57 -23.67
N SER A 30 -6.61 -9.37 -22.54
CA SER A 30 -6.91 -10.12 -21.33
C SER A 30 -7.34 -9.18 -20.20
N PHE A 31 -8.08 -9.71 -19.24
CA PHE A 31 -8.56 -8.92 -18.11
C PHE A 31 -7.39 -8.34 -17.32
N GLU A 32 -7.64 -7.26 -16.60
CA GLU A 32 -6.60 -6.62 -15.80
C GLU A 32 -6.96 -6.69 -14.31
N VAL A 33 -5.96 -7.06 -13.50
CA VAL A 33 -6.17 -7.15 -12.05
C VAL A 33 -5.10 -6.37 -11.29
N CYS A 34 -5.37 -6.09 -10.02
CA CYS A 34 -4.44 -5.35 -9.18
C CYS A 34 -3.18 -6.18 -8.90
N VAL A 35 -2.02 -5.60 -9.17
CA VAL A 35 -0.75 -6.28 -8.94
C VAL A 35 0.17 -5.44 -8.05
N PRO A 36 1.10 -6.12 -7.38
CA PRO A 36 2.07 -5.46 -6.48
C PRO A 36 3.08 -4.62 -7.25
N ILE A 37 3.42 -3.46 -6.71
CA ILE A 37 4.39 -2.57 -7.35
C ILE A 37 5.80 -2.89 -6.89
N PRO A 38 6.73 -2.99 -7.85
CA PRO A 38 8.14 -3.28 -7.56
C PRO A 38 8.85 -2.12 -6.88
N GLY A 39 9.63 -2.44 -5.85
CA GLY A 39 10.35 -1.41 -5.11
C GLY A 39 9.42 -0.53 -4.28
N PHE A 40 8.16 -0.93 -4.20
CA PHE A 40 7.18 -0.17 -3.43
C PHE A 40 7.58 -0.08 -1.97
N CYS A 41 7.26 1.05 -1.34
CA CYS A 41 7.60 1.26 0.07
C CYS A 41 6.67 2.30 0.69
N LEU A 42 6.98 2.71 1.92
CA LEU A 42 6.19 3.70 2.62
C LEU A 42 7.05 4.87 3.09
N VAL A 43 6.41 5.89 3.65
CA VAL A 43 7.12 7.06 4.14
C VAL A 43 6.96 7.22 5.65
N LYS A 44 7.50 8.30 6.18
CA LYS A 44 7.41 8.57 7.62
C LYS A 44 6.07 9.21 7.97
N TRP A 45 5.20 9.35 6.97
CA TRP A 45 3.89 9.95 7.18
C TRP A 45 2.79 9.01 6.71
N LYS A 46 3.13 7.73 6.57
CA LYS A 46 2.16 6.72 6.13
C LYS A 46 1.93 5.69 7.22
N GLN A 47 0.71 5.17 7.28
CA GLN A 47 0.35 4.17 8.28
C GLN A 47 1.30 2.98 8.22
N CYS A 48 1.68 2.46 9.39
CA CYS A 48 2.59 1.32 9.45
C CYS A 48 1.82 0.03 9.75
N ASP A 49 0.61 0.18 10.30
CA ASP A 49 -0.22 -0.97 10.63
C ASP A 49 -0.35 -1.90 9.43
N GLY A 50 0.14 -3.13 9.58
CA GLY A 50 0.06 -4.10 8.52
C GLY A 50 1.28 -4.05 7.61
N ARG A 51 1.85 -2.86 7.45
CA ARG A 51 3.02 -2.69 6.60
C ARG A 51 4.25 -2.33 7.44
N GLU A 52 4.39 -2.97 8.59
CA GLU A 52 5.51 -2.72 9.48
C GLU A 52 6.81 -3.18 8.84
N ARG A 53 6.70 -3.97 7.78
CA ARG A 53 7.88 -4.48 7.07
C ARG A 53 7.81 -4.13 5.59
N ASP A 54 7.10 -3.06 5.27
CA ASP A 54 6.96 -2.62 3.89
C ASP A 54 7.56 -1.23 3.69
N CYS A 55 7.66 -0.48 4.79
CA CYS A 55 8.21 0.86 4.76
C CYS A 55 9.56 0.89 4.03
N CYS A 56 10.00 2.09 3.67
CA CYS A 56 11.27 2.24 2.96
C CYS A 56 12.44 1.87 3.87
N ALA A 57 13.65 1.98 3.34
CA ALA A 57 14.85 1.66 4.10
C ALA A 57 15.13 2.73 5.16
N GLY A 58 15.22 2.30 6.42
CA GLY A 58 15.48 3.23 7.50
C GLY A 58 14.24 3.54 8.30
N LEU A 59 13.07 3.26 7.73
CA LEU A 59 11.80 3.53 8.40
C LEU A 59 11.44 2.38 9.34
N GLU A 60 10.38 2.58 10.12
CA GLU A 60 9.94 1.56 11.07
C GLU A 60 8.51 1.83 11.52
N CYS A 61 7.86 0.80 12.06
CA CYS A 61 6.48 0.93 12.52
C CYS A 61 6.43 1.76 13.80
N TRP A 62 6.12 3.04 13.65
CA TRP A 62 6.04 3.96 14.78
C TRP A 62 4.69 3.82 15.48
N LYS A 63 4.72 3.70 16.81
CA LYS A 63 3.50 3.57 17.59
C LYS A 63 3.14 4.89 18.26
N ARG A 64 2.21 5.63 17.66
CA ARG A 64 1.78 6.91 18.20
C ARG A 64 0.30 6.87 18.59
N SER A 65 0.00 7.32 19.80
CA SER A 65 -1.38 7.33 20.29
C SER A 65 -1.73 8.68 20.90
N GLY A 66 -2.90 9.20 20.55
CA GLY A 66 -3.33 10.48 21.06
C GLY A 66 -3.40 11.55 19.99
N ASN A 67 -2.65 11.34 18.91
CA ASN A 67 -2.62 12.29 17.81
C ASN A 67 -3.27 11.70 16.56
N LYS A 68 -2.85 10.50 16.19
CA LYS A 68 -3.39 9.82 15.02
C LYS A 68 -3.06 8.33 15.05
N SER A 69 -3.52 7.61 14.03
CA SER A 69 -3.27 6.17 13.95
C SER A 69 -1.78 5.87 13.92
N SER A 70 -1.43 4.59 13.88
CA SER A 70 -0.03 4.17 13.86
C SER A 70 0.61 4.51 12.51
N VAL A 71 1.69 5.28 12.56
CA VAL A 71 2.40 5.67 11.35
C VAL A 71 3.84 5.17 11.37
N CYS A 72 4.56 5.44 10.28
CA CYS A 72 5.95 5.01 10.18
C CYS A 72 6.90 6.18 10.42
N ALA A 73 8.11 5.87 10.87
CA ALA A 73 9.11 6.90 11.15
C ALA A 73 10.51 6.38 10.85
N PRO A 74 11.45 7.32 10.58
CA PRO A 74 12.84 6.98 10.28
C PRO A 74 13.58 6.44 11.50
N ILE A 75 14.82 6.01 11.29
CA ILE A 75 15.64 5.47 12.37
C ILE A 75 15.77 6.47 13.52
N THR A 76 15.95 5.95 14.72
CA THR A 76 16.08 6.80 15.90
C THR A 76 17.23 6.32 16.80
N SER A 1 -12.16 5.35 6.15
CA SER A 1 -11.26 4.22 5.96
C SER A 1 -12.03 2.96 5.61
N ASN A 2 -12.23 2.74 4.31
CA ASN A 2 -12.96 1.57 3.83
C ASN A 2 -12.00 0.49 3.32
N GLU A 3 -12.56 -0.59 2.80
CA GLU A 3 -11.74 -1.69 2.27
C GLU A 3 -11.18 -1.34 0.90
N CYS A 4 -10.30 -2.19 0.39
CA CYS A 4 -9.68 -1.97 -0.91
C CYS A 4 -9.83 -3.21 -1.79
N ILE A 5 -9.42 -3.08 -3.06
CA ILE A 5 -9.51 -4.18 -4.00
C ILE A 5 -8.41 -5.20 -3.76
N ARG A 6 -8.74 -6.48 -3.90
CA ARG A 6 -7.78 -7.55 -3.70
C ARG A 6 -6.74 -7.57 -4.81
N LYS A 7 -5.52 -7.93 -4.46
CA LYS A 7 -4.43 -7.99 -5.44
C LYS A 7 -4.67 -9.10 -6.46
N TRP A 8 -4.36 -8.83 -7.72
CA TRP A 8 -4.54 -9.80 -8.78
C TRP A 8 -5.99 -10.24 -8.88
N LEU A 9 -6.89 -9.27 -8.97
CA LEU A 9 -8.32 -9.56 -9.06
C LEU A 9 -8.94 -8.86 -10.26
N SER A 10 -8.97 -7.54 -10.23
CA SER A 10 -9.53 -6.75 -11.32
C SER A 10 -9.47 -5.26 -11.00
N CYS A 11 -8.69 -4.52 -11.79
CA CYS A 11 -8.55 -3.09 -11.58
C CYS A 11 -9.39 -2.31 -12.59
N VAL A 12 -9.94 -3.03 -13.57
CA VAL A 12 -10.77 -2.41 -14.59
C VAL A 12 -11.82 -1.49 -13.98
N ASP A 13 -12.29 -1.86 -12.80
CA ASP A 13 -13.30 -1.07 -12.09
C ASP A 13 -12.73 0.28 -11.67
N ARG A 14 -11.84 0.25 -10.68
CA ARG A 14 -11.22 1.46 -10.16
C ARG A 14 -9.74 1.24 -9.88
N LYS A 15 -8.93 1.24 -10.93
CA LYS A 15 -7.49 1.03 -10.79
C LYS A 15 -6.88 2.07 -9.84
N ASN A 16 -7.54 3.21 -9.73
CA ASN A 16 -7.07 4.28 -8.86
C ASN A 16 -7.33 3.95 -7.39
N ASP A 17 -8.30 3.07 -7.16
CA ASP A 17 -8.65 2.67 -5.80
C ASP A 17 -8.33 1.19 -5.57
N CYS A 18 -7.28 0.72 -6.23
CA CYS A 18 -6.86 -0.68 -6.10
C CYS A 18 -6.48 -1.01 -4.66
N CYS A 19 -5.36 -0.47 -4.21
CA CYS A 19 -4.89 -0.69 -2.85
C CYS A 19 -3.57 0.03 -2.60
N GLU A 20 -2.93 -0.28 -1.48
CA GLU A 20 -1.67 0.34 -1.12
C GLU A 20 -0.49 -0.44 -1.69
N GLY A 21 0.21 0.16 -2.64
CA GLY A 21 1.35 -0.50 -3.26
C GLY A 21 0.95 -1.39 -4.42
N LEU A 22 -0.15 -1.04 -5.09
CA LEU A 22 -0.64 -1.82 -6.22
C LEU A 22 -0.80 -0.94 -7.45
N GLU A 23 -0.89 -1.58 -8.61
CA GLU A 23 -1.05 -0.85 -9.87
C GLU A 23 -1.88 -1.66 -10.86
N CYS A 24 -2.28 -1.01 -11.95
CA CYS A 24 -3.09 -1.67 -12.98
C CYS A 24 -2.20 -2.36 -14.01
N TYR A 25 -2.53 -3.62 -14.31
CA TYR A 25 -1.75 -4.38 -15.28
C TYR A 25 -2.54 -4.58 -16.58
N LYS A 26 -1.82 -4.62 -17.70
CA LYS A 26 -2.45 -4.80 -19.01
C LYS A 26 -2.34 -6.25 -19.46
N ARG A 27 -3.34 -6.71 -20.20
CA ARG A 27 -3.34 -8.09 -20.70
C ARG A 27 -3.71 -8.11 -22.18
N ARG A 28 -3.45 -9.24 -22.83
CA ARG A 28 -3.76 -9.39 -24.25
C ARG A 28 -5.26 -9.52 -24.46
N HIS A 29 -5.82 -10.67 -24.12
CA HIS A 29 -7.25 -10.93 -24.29
C HIS A 29 -7.91 -11.17 -22.94
N SER A 30 -7.31 -10.64 -21.88
CA SER A 30 -7.84 -10.82 -20.53
C SER A 30 -8.23 -9.49 -19.91
N PHE A 31 -8.64 -9.51 -18.66
CA PHE A 31 -9.05 -8.30 -17.95
C PHE A 31 -7.90 -7.76 -17.10
N GLU A 32 -7.91 -6.45 -16.88
CA GLU A 32 -6.87 -5.80 -16.09
C GLU A 32 -7.08 -6.06 -14.60
N VAL A 33 -6.02 -6.43 -13.89
CA VAL A 33 -6.09 -6.69 -12.46
C VAL A 33 -4.98 -5.97 -11.71
N CYS A 34 -5.17 -5.81 -10.41
CA CYS A 34 -4.18 -5.13 -9.57
C CYS A 34 -2.90 -5.95 -9.46
N VAL A 35 -1.76 -5.26 -9.43
CA VAL A 35 -0.47 -5.93 -9.33
C VAL A 35 0.45 -5.19 -8.37
N PRO A 36 1.32 -5.94 -7.68
CA PRO A 36 2.27 -5.38 -6.73
C PRO A 36 3.37 -4.56 -7.41
N ILE A 37 3.56 -3.33 -6.95
CA ILE A 37 4.58 -2.46 -7.52
C ILE A 37 5.96 -2.83 -7.01
N PRO A 38 6.93 -2.93 -7.94
CA PRO A 38 8.32 -3.27 -7.60
C PRO A 38 9.03 -2.16 -6.86
N GLY A 39 9.74 -2.53 -5.79
CA GLY A 39 10.46 -1.54 -5.01
C GLY A 39 9.53 -0.66 -4.19
N PHE A 40 8.26 -1.02 -4.17
CA PHE A 40 7.26 -0.26 -3.42
C PHE A 40 7.62 -0.22 -1.94
N CYS A 41 7.30 0.90 -1.29
CA CYS A 41 7.59 1.07 0.13
C CYS A 41 6.70 2.15 0.74
N LEU A 42 6.99 2.52 1.98
CA LEU A 42 6.22 3.54 2.68
C LEU A 42 7.12 4.69 3.14
N VAL A 43 6.52 5.75 3.63
CA VAL A 43 7.27 6.91 4.12
C VAL A 43 7.08 7.08 5.63
N LYS A 44 7.65 8.16 6.16
CA LYS A 44 7.56 8.45 7.59
C LYS A 44 6.24 9.14 7.91
N TRP A 45 5.39 9.31 6.90
CA TRP A 45 4.10 9.95 7.07
C TRP A 45 2.97 9.04 6.60
N LYS A 46 3.27 7.76 6.47
CA LYS A 46 2.28 6.78 6.02
C LYS A 46 1.96 5.77 7.13
N GLN A 47 0.76 5.20 7.09
CA GLN A 47 0.35 4.23 8.08
C GLN A 47 1.25 2.99 8.06
N CYS A 48 1.64 2.53 9.24
CA CYS A 48 2.51 1.36 9.35
C CYS A 48 1.69 0.11 9.67
N ASP A 49 0.47 0.31 10.15
CA ASP A 49 -0.41 -0.81 10.49
C ASP A 49 -0.51 -1.79 9.33
N GLY A 50 -0.06 -3.02 9.57
CA GLY A 50 -0.10 -4.04 8.54
C GLY A 50 1.16 -4.07 7.70
N ARG A 51 1.77 -2.90 7.51
CA ARG A 51 2.99 -2.79 6.73
C ARG A 51 4.19 -2.45 7.61
N GLU A 52 4.23 -3.05 8.80
CA GLU A 52 5.32 -2.81 9.74
C GLU A 52 6.66 -3.24 9.14
N ARG A 53 6.60 -4.07 8.10
CA ARG A 53 7.80 -4.56 7.44
C ARG A 53 7.76 -4.27 5.95
N ASP A 54 7.00 -3.25 5.56
CA ASP A 54 6.87 -2.88 4.16
C ASP A 54 7.47 -1.49 3.92
N CYS A 55 7.55 -0.69 4.98
CA CYS A 55 8.10 0.66 4.87
C CYS A 55 9.47 0.64 4.18
N CYS A 56 9.96 1.81 3.82
CA CYS A 56 11.25 1.93 3.16
C CYS A 56 12.38 1.53 4.10
N ALA A 57 13.61 1.60 3.59
CA ALA A 57 14.78 1.24 4.38
C ALA A 57 15.08 2.31 5.43
N GLY A 58 15.15 1.89 6.69
CA GLY A 58 15.44 2.82 7.77
C GLY A 58 14.19 3.19 8.55
N LEU A 59 13.03 2.96 7.95
CA LEU A 59 11.76 3.28 8.61
C LEU A 59 11.35 2.17 9.57
N GLU A 60 10.27 2.40 10.32
CA GLU A 60 9.78 1.42 11.28
C GLU A 60 8.35 1.76 11.71
N CYS A 61 7.64 0.74 12.19
CA CYS A 61 6.27 0.93 12.64
C CYS A 61 6.21 1.80 13.89
N TRP A 62 5.99 3.10 13.69
CA TRP A 62 5.91 4.03 14.80
C TRP A 62 4.56 3.96 15.49
N LYS A 63 4.57 3.87 16.81
CA LYS A 63 3.34 3.79 17.59
C LYS A 63 3.00 5.14 18.22
N ARG A 64 2.09 5.87 17.57
CA ARG A 64 1.68 7.18 18.06
C ARG A 64 0.19 7.20 18.36
N SER A 65 -0.17 7.71 19.54
CA SER A 65 -1.56 7.79 19.96
C SER A 65 -1.90 9.17 20.49
N GLY A 66 -3.05 9.69 20.08
CA GLY A 66 -3.47 11.02 20.53
C GLY A 66 -3.47 12.03 19.41
N ASN A 67 -2.68 11.77 18.37
CA ASN A 67 -2.59 12.67 17.23
C ASN A 67 -3.24 12.06 16.00
N LYS A 68 -2.86 10.82 15.68
CA LYS A 68 -3.41 10.12 14.53
C LYS A 68 -3.13 8.63 14.62
N SER A 69 -3.59 7.88 13.62
CA SER A 69 -3.38 6.44 13.58
C SER A 69 -1.89 6.11 13.62
N SER A 70 -1.58 4.81 13.62
CA SER A 70 -0.19 4.35 13.65
C SER A 70 0.51 4.65 12.33
N VAL A 71 1.60 5.39 12.41
CA VAL A 71 2.37 5.75 11.22
C VAL A 71 3.79 5.20 11.29
N CYS A 72 4.56 5.43 10.25
CA CYS A 72 5.95 4.96 10.19
C CYS A 72 6.92 6.11 10.42
N ALA A 73 8.11 5.78 10.92
CA ALA A 73 9.13 6.78 11.18
C ALA A 73 10.53 6.22 10.94
N PRO A 74 11.50 7.11 10.68
CA PRO A 74 12.88 6.73 10.43
C PRO A 74 13.58 6.20 11.68
N ILE A 75 14.80 5.70 11.51
CA ILE A 75 15.56 5.17 12.63
C ILE A 75 15.75 6.21 13.72
N THR A 76 15.89 5.74 14.95
CA THR A 76 16.08 6.65 16.09
C THR A 76 17.24 6.17 16.98
N SER A 1 -14.72 -0.80 7.17
CA SER A 1 -15.84 -0.35 6.35
C SER A 1 -15.35 0.21 5.01
N ASN A 2 -14.16 0.81 5.03
CA ASN A 2 -13.57 1.38 3.82
C ASN A 2 -12.42 0.51 3.31
N GLU A 3 -12.76 -0.70 2.88
CA GLU A 3 -11.76 -1.62 2.37
C GLU A 3 -11.33 -1.23 0.95
N CYS A 4 -10.33 -1.93 0.43
CA CYS A 4 -9.83 -1.66 -0.92
C CYS A 4 -9.91 -2.91 -1.80
N ILE A 5 -9.62 -2.74 -3.07
CA ILE A 5 -9.66 -3.86 -4.01
C ILE A 5 -8.53 -4.84 -3.76
N ARG A 6 -8.88 -6.10 -3.55
CA ARG A 6 -7.90 -7.15 -3.29
C ARG A 6 -6.96 -7.31 -4.49
N LYS A 7 -5.74 -7.76 -4.21
CA LYS A 7 -4.75 -7.97 -5.26
C LYS A 7 -5.15 -9.13 -6.17
N TRP A 8 -4.85 -8.99 -7.45
CA TRP A 8 -5.19 -10.03 -8.43
C TRP A 8 -6.68 -10.31 -8.43
N LEU A 9 -7.48 -9.25 -8.56
CA LEU A 9 -8.93 -9.39 -8.59
C LEU A 9 -9.53 -8.68 -9.80
N SER A 10 -9.38 -7.36 -9.85
CA SER A 10 -9.89 -6.57 -10.95
C SER A 10 -9.58 -5.09 -10.76
N CYS A 11 -8.86 -4.52 -11.72
CA CYS A 11 -8.49 -3.11 -11.67
C CYS A 11 -9.42 -2.26 -12.52
N VAL A 12 -10.13 -2.92 -13.44
CA VAL A 12 -11.06 -2.22 -14.32
C VAL A 12 -12.01 -1.34 -13.54
N ASP A 13 -12.32 -1.75 -12.31
CA ASP A 13 -13.22 -1.01 -11.45
C ASP A 13 -12.44 -0.21 -10.40
N ARG A 14 -12.31 1.10 -10.64
CA ARG A 14 -11.59 1.97 -9.72
C ARG A 14 -10.12 1.57 -9.64
N LYS A 15 -9.44 1.61 -10.79
CA LYS A 15 -8.03 1.25 -10.85
C LYS A 15 -7.19 2.15 -9.94
N ASN A 16 -7.64 3.40 -9.77
CA ASN A 16 -6.95 4.36 -8.92
C ASN A 16 -7.09 3.98 -7.46
N ASP A 17 -8.20 3.34 -7.12
CA ASP A 17 -8.46 2.93 -5.74
C ASP A 17 -8.18 1.43 -5.56
N CYS A 18 -7.21 0.92 -6.31
CA CYS A 18 -6.85 -0.49 -6.24
C CYS A 18 -6.54 -0.89 -4.80
N CYS A 19 -5.42 -0.41 -4.28
CA CYS A 19 -5.00 -0.72 -2.91
C CYS A 19 -3.69 -0.02 -2.56
N GLU A 20 -3.11 -0.39 -1.44
CA GLU A 20 -1.86 0.21 -0.99
C GLU A 20 -0.66 -0.55 -1.57
N GLY A 21 0.08 0.12 -2.45
CA GLY A 21 1.24 -0.50 -3.07
C GLY A 21 0.87 -1.37 -4.25
N LEU A 22 -0.22 -1.02 -4.93
CA LEU A 22 -0.67 -1.77 -6.09
C LEU A 22 -0.88 -0.86 -7.30
N GLU A 23 -0.91 -1.46 -8.48
CA GLU A 23 -1.10 -0.69 -9.71
C GLU A 23 -1.54 -1.60 -10.85
N CYS A 24 -2.34 -1.05 -11.76
CA CYS A 24 -2.83 -1.82 -12.90
C CYS A 24 -1.72 -2.07 -13.92
N TYR A 25 -1.68 -3.28 -14.46
CA TYR A 25 -0.66 -3.64 -15.45
C TYR A 25 -1.31 -4.05 -16.77
N LYS A 26 -0.47 -4.25 -17.79
CA LYS A 26 -0.96 -4.64 -19.11
C LYS A 26 -1.10 -6.16 -19.20
N ARG A 27 -2.30 -6.61 -19.58
CA ARG A 27 -2.57 -8.04 -19.71
C ARG A 27 -2.30 -8.51 -21.14
N ARG A 28 -2.51 -9.80 -21.37
CA ARG A 28 -2.30 -10.39 -22.69
C ARG A 28 -3.62 -10.76 -23.35
N HIS A 29 -4.27 -11.79 -22.83
CA HIS A 29 -5.55 -12.24 -23.36
C HIS A 29 -6.60 -12.32 -22.26
N SER A 30 -6.43 -11.50 -21.23
CA SER A 30 -7.37 -11.48 -20.12
C SER A 30 -7.50 -10.07 -19.54
N PHE A 31 -8.46 -9.89 -18.64
CA PHE A 31 -8.69 -8.60 -18.02
C PHE A 31 -7.55 -8.24 -17.06
N GLU A 32 -7.06 -7.01 -17.17
CA GLU A 32 -5.98 -6.53 -16.32
C GLU A 32 -6.45 -6.33 -14.89
N VAL A 33 -5.53 -6.48 -13.94
CA VAL A 33 -5.86 -6.31 -12.53
C VAL A 33 -4.72 -5.63 -11.78
N CYS A 34 -4.94 -5.36 -10.49
CA CYS A 34 -3.93 -4.71 -9.67
C CYS A 34 -2.77 -5.65 -9.39
N VAL A 35 -1.55 -5.13 -9.54
CA VAL A 35 -0.34 -5.92 -9.30
C VAL A 35 0.58 -5.23 -8.31
N PRO A 36 1.39 -6.03 -7.61
CA PRO A 36 2.34 -5.51 -6.62
C PRO A 36 3.49 -4.75 -7.26
N ILE A 37 3.61 -3.47 -6.92
CA ILE A 37 4.67 -2.63 -7.46
C ILE A 37 6.04 -3.05 -6.94
N PRO A 38 7.01 -3.20 -7.85
CA PRO A 38 8.37 -3.60 -7.49
C PRO A 38 9.12 -2.50 -6.75
N GLY A 39 9.83 -2.89 -5.69
CA GLY A 39 10.58 -1.93 -4.91
C GLY A 39 9.68 -0.99 -4.13
N PHE A 40 8.39 -1.29 -4.10
CA PHE A 40 7.42 -0.47 -3.40
C PHE A 40 7.77 -0.37 -1.91
N CYS A 41 7.50 0.78 -1.31
CA CYS A 41 7.78 1.00 0.09
C CYS A 41 6.84 2.05 0.68
N LEU A 42 7.14 2.49 1.91
CA LEU A 42 6.32 3.49 2.58
C LEU A 42 7.19 4.64 3.08
N VAL A 43 6.54 5.72 3.49
CA VAL A 43 7.24 6.90 4.00
C VAL A 43 7.03 7.07 5.50
N LYS A 44 7.56 8.15 6.05
CA LYS A 44 7.42 8.44 7.47
C LYS A 44 6.07 9.09 7.78
N TRP A 45 5.25 9.23 6.74
CA TRP A 45 3.93 9.83 6.89
C TRP A 45 2.84 8.89 6.39
N LYS A 46 3.16 7.61 6.30
CA LYS A 46 2.22 6.61 5.85
C LYS A 46 1.92 5.58 6.94
N GLN A 47 0.71 5.02 6.92
CA GLN A 47 0.31 4.03 7.91
C GLN A 47 1.26 2.83 7.89
N CYS A 48 1.64 2.37 9.08
CA CYS A 48 2.54 1.23 9.20
C CYS A 48 1.76 -0.05 9.51
N ASP A 49 0.53 0.11 9.98
CA ASP A 49 -0.32 -1.02 10.32
C ASP A 49 -0.38 -2.02 9.16
N GLY A 50 0.10 -3.23 9.41
CA GLY A 50 0.11 -4.26 8.38
C GLY A 50 1.38 -4.24 7.56
N ARG A 51 1.96 -3.06 7.37
CA ARG A 51 3.18 -2.92 6.59
C ARG A 51 4.35 -2.53 7.49
N GLU A 52 4.42 -3.14 8.66
CA GLU A 52 5.48 -2.86 9.62
C GLU A 52 6.84 -3.27 9.04
N ARG A 53 6.81 -4.08 8.00
CA ARG A 53 8.04 -4.55 7.35
C ARG A 53 8.01 -4.25 5.86
N ASP A 54 7.20 -3.29 5.46
CA ASP A 54 7.08 -2.90 4.06
C ASP A 54 7.65 -1.51 3.83
N CYS A 55 7.69 -0.71 4.89
CA CYS A 55 8.22 0.65 4.80
C CYS A 55 9.59 0.66 4.13
N CYS A 56 10.05 1.85 3.75
CA CYS A 56 11.34 2.01 3.11
C CYS A 56 12.48 1.64 4.07
N ALA A 57 13.71 1.75 3.57
CA ALA A 57 14.88 1.44 4.39
C ALA A 57 15.13 2.52 5.43
N GLY A 58 15.21 2.11 6.69
CA GLY A 58 15.44 3.06 7.76
C GLY A 58 14.19 3.40 8.53
N LEU A 59 13.03 3.12 7.92
CA LEU A 59 11.75 3.40 8.56
C LEU A 59 11.36 2.28 9.52
N GLU A 60 10.27 2.48 10.25
CA GLU A 60 9.79 1.49 11.20
C GLU A 60 8.36 1.79 11.62
N CYS A 61 7.66 0.75 12.09
CA CYS A 61 6.28 0.90 12.53
C CYS A 61 6.19 1.78 13.78
N TRP A 62 5.91 3.06 13.57
CA TRP A 62 5.81 4.01 14.67
C TRP A 62 4.45 3.90 15.35
N LYS A 63 4.44 3.86 16.67
CA LYS A 63 3.20 3.76 17.44
C LYS A 63 2.86 5.10 18.08
N ARG A 64 1.96 5.85 17.44
CA ARG A 64 1.55 7.15 17.94
C ARG A 64 0.06 7.14 18.31
N SER A 65 -0.26 7.71 19.47
CA SER A 65 -1.64 7.76 19.94
C SER A 65 -2.00 9.17 20.40
N GLY A 66 -3.14 9.66 19.93
CA GLY A 66 -3.58 11.00 20.30
C GLY A 66 -3.54 11.97 19.13
N ASN A 67 -2.79 11.61 18.09
CA ASN A 67 -2.66 12.45 16.91
C ASN A 67 -3.35 11.82 15.70
N LYS A 68 -3.06 10.55 15.47
CA LYS A 68 -3.66 9.83 14.34
C LYS A 68 -3.32 8.35 14.42
N SER A 69 -3.76 7.59 13.42
CA SER A 69 -3.52 6.16 13.37
C SER A 69 -2.02 5.86 13.42
N SER A 70 -1.68 4.58 13.42
CA SER A 70 -0.29 4.16 13.47
C SER A 70 0.42 4.47 12.16
N VAL A 71 1.51 5.24 12.24
CA VAL A 71 2.27 5.61 11.05
C VAL A 71 3.71 5.10 11.15
N CYS A 72 4.49 5.35 10.10
CA CYS A 72 5.88 4.92 10.07
C CYS A 72 6.81 6.10 10.31
N ALA A 73 8.01 5.79 10.82
CA ALA A 73 9.00 6.83 11.10
C ALA A 73 10.41 6.31 10.88
N PRO A 74 11.35 7.23 10.64
CA PRO A 74 12.76 6.88 10.40
C PRO A 74 13.45 6.38 11.67
N ILE A 75 14.68 5.90 11.52
CA ILE A 75 15.45 5.39 12.65
C ILE A 75 15.55 6.44 13.76
N THR A 76 15.68 5.96 15.00
CA THR A 76 15.79 6.85 16.15
C THR A 76 16.93 6.43 17.06
N SER A 1 -12.21 5.57 6.03
CA SER A 1 -11.42 4.86 5.03
C SER A 1 -12.02 3.47 4.75
N ASN A 2 -12.73 3.36 3.62
CA ASN A 2 -13.35 2.10 3.24
C ASN A 2 -12.30 1.09 2.81
N GLU A 3 -12.77 -0.10 2.40
CA GLU A 3 -11.87 -1.16 1.96
C GLU A 3 -11.38 -0.89 0.55
N CYS A 4 -10.33 -1.60 0.14
CA CYS A 4 -9.76 -1.45 -1.20
C CYS A 4 -9.90 -2.73 -1.99
N ILE A 5 -9.52 -2.68 -3.27
CA ILE A 5 -9.59 -3.85 -4.14
C ILE A 5 -8.45 -4.81 -3.86
N ARG A 6 -8.79 -6.07 -3.63
CA ARG A 6 -7.79 -7.10 -3.35
C ARG A 6 -6.72 -7.12 -4.43
N LYS A 7 -5.59 -7.74 -4.12
CA LYS A 7 -4.48 -7.83 -5.07
C LYS A 7 -4.69 -8.99 -6.03
N TRP A 8 -4.38 -8.76 -7.31
CA TRP A 8 -4.53 -9.78 -8.33
C TRP A 8 -5.97 -10.27 -8.41
N LEU A 9 -6.90 -9.31 -8.55
CA LEU A 9 -8.31 -9.64 -8.64
C LEU A 9 -8.95 -8.98 -9.86
N SER A 10 -8.94 -7.64 -9.87
CA SER A 10 -9.51 -6.89 -10.97
C SER A 10 -9.41 -5.39 -10.72
N CYS A 11 -8.74 -4.69 -11.63
CA CYS A 11 -8.56 -3.26 -11.52
C CYS A 11 -9.54 -2.50 -12.41
N VAL A 12 -10.20 -3.24 -13.30
CA VAL A 12 -11.17 -2.65 -14.22
C VAL A 12 -12.18 -1.79 -13.46
N ASP A 13 -12.46 -2.17 -12.22
CA ASP A 13 -13.40 -1.43 -11.39
C ASP A 13 -12.85 -0.07 -11.00
N ARG A 14 -11.74 -0.07 -10.27
CA ARG A 14 -11.11 1.16 -9.83
C ARG A 14 -9.59 1.03 -9.85
N LYS A 15 -9.02 1.07 -11.06
CA LYS A 15 -7.58 0.97 -11.23
C LYS A 15 -6.85 2.03 -10.43
N ASN A 16 -7.52 3.16 -10.22
CA ASN A 16 -6.94 4.27 -9.47
C ASN A 16 -7.04 4.03 -7.96
N ASP A 17 -8.00 3.19 -7.57
CA ASP A 17 -8.20 2.87 -6.17
C ASP A 17 -7.94 1.39 -5.90
N CYS A 18 -6.99 0.82 -6.64
CA CYS A 18 -6.64 -0.59 -6.49
C CYS A 18 -6.35 -0.92 -5.03
N CYS A 19 -5.24 -0.41 -4.52
CA CYS A 19 -4.84 -0.66 -3.14
C CYS A 19 -3.52 0.06 -2.82
N GLU A 20 -2.95 -0.26 -1.66
CA GLU A 20 -1.70 0.34 -1.24
C GLU A 20 -0.51 -0.41 -1.83
N GLY A 21 0.22 0.25 -2.72
CA GLY A 21 1.37 -0.36 -3.35
C GLY A 21 0.99 -1.30 -4.48
N LEU A 22 -0.08 -0.97 -5.19
CA LEU A 22 -0.55 -1.78 -6.29
C LEU A 22 -0.79 -0.94 -7.54
N GLU A 23 -0.71 -1.58 -8.71
CA GLU A 23 -0.92 -0.88 -9.97
C GLU A 23 -1.74 -1.74 -10.93
N CYS A 24 -2.18 -1.13 -12.02
CA CYS A 24 -2.98 -1.83 -13.03
C CYS A 24 -2.09 -2.37 -14.14
N TYR A 25 -2.03 -3.69 -14.25
CA TYR A 25 -1.21 -4.34 -15.27
C TYR A 25 -2.05 -4.67 -16.50
N LYS A 26 -1.38 -4.79 -17.65
CA LYS A 26 -2.06 -5.10 -18.90
C LYS A 26 -1.91 -6.58 -19.24
N ARG A 27 -3.04 -7.25 -19.46
CA ARG A 27 -3.03 -8.67 -19.80
C ARG A 27 -3.38 -8.89 -21.26
N ARG A 28 -3.00 -10.05 -21.78
CA ARG A 28 -3.27 -10.38 -23.18
C ARG A 28 -4.76 -10.34 -23.47
N HIS A 29 -5.50 -11.28 -22.89
CA HIS A 29 -6.94 -11.35 -23.10
C HIS A 29 -7.67 -11.30 -21.76
N SER A 30 -7.09 -11.92 -20.73
CA SER A 30 -7.70 -11.94 -19.41
C SER A 30 -7.96 -10.51 -18.90
N PHE A 31 -8.94 -10.38 -18.03
CA PHE A 31 -9.28 -9.08 -17.47
C PHE A 31 -8.11 -8.48 -16.70
N GLU A 32 -8.08 -7.15 -16.63
CA GLU A 32 -7.01 -6.45 -15.94
C GLU A 32 -7.19 -6.52 -14.42
N VAL A 33 -6.11 -6.80 -13.70
CA VAL A 33 -6.15 -6.90 -12.25
C VAL A 33 -5.01 -6.12 -11.61
N CYS A 34 -5.11 -5.91 -10.30
CA CYS A 34 -4.08 -5.18 -9.57
C CYS A 34 -2.81 -6.01 -9.44
N VAL A 35 -1.67 -5.33 -9.43
CA VAL A 35 -0.38 -6.00 -9.31
C VAL A 35 0.56 -5.25 -8.38
N PRO A 36 1.47 -5.99 -7.73
CA PRO A 36 2.43 -5.41 -6.79
C PRO A 36 3.49 -4.55 -7.49
N ILE A 37 3.72 -3.36 -6.95
CA ILE A 37 4.69 -2.44 -7.53
C ILE A 37 6.10 -2.76 -7.02
N PRO A 38 7.06 -2.84 -7.96
CA PRO A 38 8.46 -3.13 -7.64
C PRO A 38 9.14 -1.98 -6.91
N GLY A 39 9.85 -2.31 -5.84
CA GLY A 39 10.55 -1.29 -5.06
C GLY A 39 9.59 -0.45 -4.23
N PHE A 40 8.32 -0.83 -4.22
CA PHE A 40 7.31 -0.11 -3.46
C PHE A 40 7.68 -0.06 -1.98
N CYS A 41 7.33 1.05 -1.33
CA CYS A 41 7.63 1.23 0.09
C CYS A 41 6.74 2.31 0.70
N LEU A 42 7.05 2.68 1.93
CA LEU A 42 6.26 3.70 2.63
C LEU A 42 7.17 4.82 3.15
N VAL A 43 6.56 5.86 3.69
CA VAL A 43 7.30 6.99 4.23
C VAL A 43 7.10 7.14 5.73
N LYS A 44 7.67 8.19 6.30
CA LYS A 44 7.55 8.44 7.73
C LYS A 44 6.23 9.13 8.06
N TRP A 45 5.41 9.33 7.04
CA TRP A 45 4.11 9.98 7.22
C TRP A 45 2.99 9.10 6.70
N LYS A 46 3.27 7.81 6.54
CA LYS A 46 2.29 6.85 6.07
C LYS A 46 1.97 5.80 7.14
N GLN A 47 0.73 5.32 7.14
CA GLN A 47 0.31 4.32 8.11
C GLN A 47 1.23 3.10 8.07
N CYS A 48 1.53 2.56 9.25
CA CYS A 48 2.41 1.40 9.35
C CYS A 48 1.60 0.14 9.63
N ASP A 49 0.40 0.32 10.15
CA ASP A 49 -0.48 -0.81 10.45
C ASP A 49 -0.61 -1.75 9.26
N GLY A 50 -0.15 -2.98 9.43
CA GLY A 50 -0.22 -3.96 8.36
C GLY A 50 1.02 -3.93 7.48
N ARG A 51 1.62 -2.76 7.32
CA ARG A 51 2.81 -2.60 6.51
C ARG A 51 4.03 -2.29 7.36
N GLU A 52 4.12 -2.94 8.52
CA GLU A 52 5.24 -2.73 9.44
C GLU A 52 6.55 -3.23 8.82
N ARG A 53 6.43 -4.00 7.74
CA ARG A 53 7.60 -4.54 7.07
C ARG A 53 7.60 -4.17 5.59
N ASP A 54 6.82 -3.15 5.24
CA ASP A 54 6.72 -2.69 3.87
C ASP A 54 7.38 -1.32 3.71
N CYS A 55 7.48 -0.59 4.81
CA CYS A 55 8.08 0.74 4.79
C CYS A 55 9.44 0.70 4.11
N CYS A 56 9.95 1.88 3.76
CA CYS A 56 11.25 1.99 3.11
C CYS A 56 12.38 1.57 4.05
N ALA A 57 13.61 1.63 3.55
CA ALA A 57 14.77 1.25 4.34
C ALA A 57 15.06 2.29 5.42
N GLY A 58 15.13 1.84 6.67
CA GLY A 58 15.40 2.74 7.77
C GLY A 58 14.14 3.10 8.55
N LEU A 59 12.99 2.90 7.92
CA LEU A 59 11.71 3.21 8.57
C LEU A 59 11.28 2.08 9.49
N GLU A 60 10.22 2.32 10.26
CA GLU A 60 9.72 1.32 11.19
C GLU A 60 8.29 1.65 11.62
N CYS A 61 7.56 0.64 12.09
CA CYS A 61 6.19 0.83 12.53
C CYS A 61 6.14 1.66 13.81
N TRP A 62 5.91 2.95 13.66
CA TRP A 62 5.84 3.87 14.79
C TRP A 62 4.49 3.79 15.47
N LYS A 63 4.50 3.68 16.80
CA LYS A 63 3.27 3.59 17.57
C LYS A 63 2.94 4.92 18.23
N ARG A 64 2.05 5.68 17.60
CA ARG A 64 1.65 6.98 18.12
C ARG A 64 0.15 7.01 18.43
N SER A 65 -0.20 7.47 19.63
CA SER A 65 -1.59 7.55 20.05
C SER A 65 -1.91 8.91 20.64
N GLY A 66 -3.05 9.47 20.27
CA GLY A 66 -3.45 10.76 20.78
C GLY A 66 -3.44 11.84 19.72
N ASN A 67 -2.66 11.61 18.66
CA ASN A 67 -2.56 12.56 17.57
C ASN A 67 -3.18 12.02 16.29
N LYS A 68 -2.80 10.79 15.94
CA LYS A 68 -3.32 10.14 14.74
C LYS A 68 -3.10 8.63 14.79
N SER A 69 -3.51 7.93 13.74
CA SER A 69 -3.36 6.49 13.67
C SER A 69 -1.89 6.10 13.67
N SER A 70 -1.62 4.80 13.66
CA SER A 70 -0.26 4.29 13.67
C SER A 70 0.45 4.61 12.36
N VAL A 71 1.56 5.34 12.44
CA VAL A 71 2.33 5.71 11.26
C VAL A 71 3.74 5.15 11.32
N CYS A 72 4.51 5.39 10.28
CA CYS A 72 5.90 4.91 10.22
C CYS A 72 6.88 6.05 10.48
N ALA A 73 8.07 5.69 10.96
CA ALA A 73 9.09 6.68 11.26
C ALA A 73 10.48 6.11 10.99
N PRO A 74 11.46 7.01 10.75
CA PRO A 74 12.84 6.63 10.48
C PRO A 74 13.54 6.06 11.70
N ILE A 75 14.77 5.59 11.53
CA ILE A 75 15.55 5.03 12.62
C ILE A 75 15.70 6.03 13.77
N THR A 76 15.83 5.51 14.99
CA THR A 76 15.98 6.36 16.16
C THR A 76 16.96 5.74 17.16
N SER A 1 -16.12 -0.34 6.90
CA SER A 1 -15.01 0.45 6.40
C SER A 1 -14.82 0.23 4.90
N ASN A 2 -14.48 1.30 4.19
CA ASN A 2 -14.27 1.22 2.75
C ASN A 2 -12.94 0.54 2.43
N GLU A 3 -13.02 -0.70 1.98
CA GLU A 3 -11.83 -1.48 1.65
C GLU A 3 -11.38 -1.18 0.21
N CYS A 4 -10.26 -1.77 -0.19
CA CYS A 4 -9.73 -1.57 -1.53
C CYS A 4 -9.85 -2.84 -2.36
N ILE A 5 -9.52 -2.74 -3.64
CA ILE A 5 -9.59 -3.88 -4.54
C ILE A 5 -8.45 -4.86 -4.28
N ARG A 6 -8.82 -6.08 -3.90
CA ARG A 6 -7.83 -7.12 -3.62
C ARG A 6 -6.86 -7.29 -4.79
N LYS A 7 -5.65 -7.75 -4.50
CA LYS A 7 -4.63 -7.95 -5.52
C LYS A 7 -5.02 -9.12 -6.43
N TRP A 8 -4.72 -8.98 -7.72
CA TRP A 8 -5.03 -10.02 -8.70
C TRP A 8 -6.51 -10.35 -8.68
N LEU A 9 -7.35 -9.32 -8.81
CA LEU A 9 -8.80 -9.51 -8.82
C LEU A 9 -9.42 -8.94 -10.09
N SER A 10 -9.47 -7.61 -10.17
CA SER A 10 -10.03 -6.94 -11.34
C SER A 10 -9.88 -5.43 -11.22
N CYS A 11 -9.05 -4.86 -12.10
CA CYS A 11 -8.82 -3.42 -12.09
C CYS A 11 -9.96 -2.67 -12.78
N VAL A 12 -10.78 -3.41 -13.53
CA VAL A 12 -11.91 -2.82 -14.23
C VAL A 12 -12.75 -1.96 -13.30
N ASP A 13 -12.76 -2.33 -12.02
CA ASP A 13 -13.53 -1.60 -11.02
C ASP A 13 -12.95 -0.20 -10.81
N ARG A 14 -11.83 -0.14 -10.11
CA ARG A 14 -11.17 1.13 -9.83
C ARG A 14 -9.66 1.01 -9.97
N LYS A 15 -9.08 1.84 -10.84
CA LYS A 15 -7.64 1.82 -11.06
C LYS A 15 -6.91 2.66 -10.02
N ASN A 16 -7.31 3.91 -9.90
CA ASN A 16 -6.69 4.82 -8.93
C ASN A 16 -6.97 4.36 -7.50
N ASP A 17 -7.94 3.45 -7.35
CA ASP A 17 -8.29 2.93 -6.04
C ASP A 17 -8.01 1.44 -5.96
N CYS A 18 -6.96 0.99 -6.64
CA CYS A 18 -6.58 -0.41 -6.64
C CYS A 18 -6.36 -0.92 -5.23
N CYS A 19 -5.27 -0.47 -4.60
CA CYS A 19 -4.94 -0.87 -3.24
C CYS A 19 -3.63 -0.25 -2.79
N GLU A 20 -3.14 -0.68 -1.63
CA GLU A 20 -1.89 -0.15 -1.08
C GLU A 20 -0.69 -0.94 -1.61
N GLY A 21 0.12 -0.28 -2.42
CA GLY A 21 1.29 -0.93 -2.98
C GLY A 21 0.96 -1.76 -4.21
N LEU A 22 0.00 -1.29 -4.99
CA LEU A 22 -0.41 -2.00 -6.20
C LEU A 22 -0.41 -1.07 -7.40
N GLU A 23 -0.53 -1.64 -8.60
CA GLU A 23 -0.55 -0.86 -9.83
C GLU A 23 -1.49 -1.47 -10.85
N CYS A 24 -2.29 -0.62 -11.50
CA CYS A 24 -3.24 -1.07 -12.50
C CYS A 24 -2.53 -1.58 -13.75
N TYR A 25 -2.45 -2.89 -13.88
CA TYR A 25 -1.79 -3.51 -15.03
C TYR A 25 -2.80 -3.90 -16.10
N LYS A 26 -2.35 -3.92 -17.35
CA LYS A 26 -3.22 -4.28 -18.46
C LYS A 26 -2.84 -5.65 -19.03
N ARG A 27 -3.66 -6.65 -18.75
CA ARG A 27 -3.41 -8.01 -19.23
C ARG A 27 -3.32 -8.04 -20.75
N ARG A 28 -3.10 -9.22 -21.30
CA ARG A 28 -2.99 -9.39 -22.74
C ARG A 28 -4.35 -9.27 -23.41
N HIS A 29 -5.15 -10.33 -23.32
CA HIS A 29 -6.49 -10.34 -23.91
C HIS A 29 -7.53 -10.77 -22.88
N SER A 30 -7.24 -10.52 -21.61
CA SER A 30 -8.15 -10.88 -20.54
C SER A 30 -8.81 -9.64 -19.94
N PHE A 31 -8.08 -8.96 -19.07
CA PHE A 31 -8.60 -7.75 -18.42
C PHE A 31 -7.55 -7.14 -17.49
N GLU A 32 -7.55 -5.82 -17.39
CA GLU A 32 -6.60 -5.13 -16.52
C GLU A 32 -6.85 -5.47 -15.06
N VAL A 33 -5.76 -5.65 -14.30
CA VAL A 33 -5.86 -5.99 -12.89
C VAL A 33 -4.68 -5.41 -12.11
N CYS A 34 -4.92 -5.12 -10.83
CA CYS A 34 -3.88 -4.55 -9.97
C CYS A 34 -2.77 -5.57 -9.73
N VAL A 35 -1.53 -5.09 -9.72
CA VAL A 35 -0.38 -5.96 -9.49
C VAL A 35 0.56 -5.36 -8.45
N PRO A 36 1.33 -6.23 -7.78
CA PRO A 36 2.29 -5.81 -6.75
C PRO A 36 3.48 -5.06 -7.33
N ILE A 37 3.70 -3.84 -6.84
CA ILE A 37 4.81 -3.01 -7.31
C ILE A 37 6.12 -3.49 -6.72
N PRO A 38 7.10 -3.77 -7.60
CA PRO A 38 8.43 -4.24 -7.19
C PRO A 38 9.24 -3.13 -6.52
N GLY A 39 9.69 -3.40 -5.29
CA GLY A 39 10.47 -2.43 -4.56
C GLY A 39 9.61 -1.41 -3.85
N PHE A 40 8.31 -1.68 -3.78
CA PHE A 40 7.37 -0.78 -3.13
C PHE A 40 7.71 -0.62 -1.64
N CYS A 41 7.49 0.57 -1.11
CA CYS A 41 7.76 0.85 0.29
C CYS A 41 6.81 1.92 0.84
N LEU A 42 7.10 2.40 2.04
CA LEU A 42 6.28 3.42 2.67
C LEU A 42 7.12 4.61 3.11
N VAL A 43 6.46 5.66 3.59
CA VAL A 43 7.15 6.86 4.04
C VAL A 43 6.96 7.06 5.54
N LYS A 44 7.48 8.18 6.04
CA LYS A 44 7.38 8.49 7.47
C LYS A 44 6.03 9.13 7.78
N TRP A 45 5.17 9.23 6.77
CA TRP A 45 3.86 9.82 6.94
C TRP A 45 2.76 8.85 6.51
N LYS A 46 3.12 7.59 6.37
CA LYS A 46 2.18 6.56 5.95
C LYS A 46 1.94 5.56 7.08
N GLN A 47 0.72 5.01 7.13
CA GLN A 47 0.37 4.03 8.16
C GLN A 47 1.36 2.87 8.17
N CYS A 48 1.66 2.38 9.36
CA CYS A 48 2.60 1.27 9.52
C CYS A 48 1.85 -0.03 9.86
N ASP A 49 0.64 0.12 10.38
CA ASP A 49 -0.17 -1.03 10.74
C ASP A 49 -0.26 -2.03 9.60
N GLY A 50 0.25 -3.24 9.81
CA GLY A 50 0.22 -4.26 8.79
C GLY A 50 1.46 -4.23 7.90
N ARG A 51 2.01 -3.04 7.71
CA ARG A 51 3.21 -2.88 6.88
C ARG A 51 4.41 -2.48 7.73
N GLU A 52 4.51 -3.06 8.93
CA GLU A 52 5.60 -2.77 9.84
C GLU A 52 6.93 -3.20 9.24
N ARG A 53 6.87 -4.05 8.21
CA ARG A 53 8.07 -4.53 7.55
C ARG A 53 8.02 -4.27 6.06
N ASP A 54 7.27 -3.25 5.67
CA ASP A 54 7.13 -2.88 4.26
C ASP A 54 7.69 -1.48 4.01
N CYS A 55 7.74 -0.67 5.05
CA CYS A 55 8.25 0.69 4.94
C CYS A 55 9.61 0.70 4.25
N CYS A 56 10.05 1.89 3.85
CA CYS A 56 11.34 2.04 3.17
C CYS A 56 12.49 1.72 4.14
N ALA A 57 13.71 1.82 3.62
CA ALA A 57 14.90 1.55 4.43
C ALA A 57 15.13 2.66 5.46
N GLY A 58 15.27 2.27 6.72
CA GLY A 58 15.50 3.25 7.77
C GLY A 58 14.24 3.58 8.54
N LEU A 59 13.09 3.27 7.95
CA LEU A 59 11.81 3.54 8.58
C LEU A 59 11.44 2.43 9.56
N GLU A 60 10.37 2.65 10.32
CA GLU A 60 9.92 1.68 11.31
C GLU A 60 8.48 1.96 11.74
N CYS A 61 7.81 0.93 12.24
CA CYS A 61 6.43 1.06 12.69
C CYS A 61 6.35 1.97 13.92
N TRP A 62 6.08 3.24 13.69
CA TRP A 62 5.98 4.20 14.78
C TRP A 62 4.63 4.08 15.49
N LYS A 63 4.67 4.02 16.82
CA LYS A 63 3.46 3.91 17.61
C LYS A 63 3.06 5.25 18.21
N ARG A 64 2.11 5.92 17.57
CA ARG A 64 1.64 7.22 18.04
C ARG A 64 0.15 7.18 18.35
N SER A 65 -0.20 7.67 19.54
CA SER A 65 -1.60 7.68 19.97
C SER A 65 -1.98 9.05 20.52
N GLY A 66 -3.15 9.54 20.12
CA GLY A 66 -3.62 10.83 20.57
C GLY A 66 -3.63 11.87 19.47
N ASN A 67 -2.85 11.63 18.42
CA ASN A 67 -2.77 12.55 17.29
C ASN A 67 -3.36 11.93 16.05
N LYS A 68 -2.92 10.72 15.73
CA LYS A 68 -3.40 10.00 14.56
C LYS A 68 -3.12 8.50 14.68
N SER A 69 -3.53 7.75 13.66
CA SER A 69 -3.33 6.30 13.65
C SER A 69 -1.85 5.96 13.65
N SER A 70 -1.54 4.66 13.69
CA SER A 70 -0.16 4.20 13.70
C SER A 70 0.51 4.49 12.36
N VAL A 71 1.57 5.29 12.40
CA VAL A 71 2.32 5.64 11.19
C VAL A 71 3.76 5.17 11.28
N CYS A 72 4.53 5.41 10.22
CA CYS A 72 5.92 5.00 10.17
C CYS A 72 6.84 6.21 10.35
N ALA A 73 8.05 5.95 10.84
CA ALA A 73 9.03 7.00 11.06
C ALA A 73 10.45 6.50 10.84
N PRO A 74 11.37 7.43 10.54
CA PRO A 74 12.77 7.11 10.28
C PRO A 74 13.50 6.66 11.55
N ILE A 75 14.76 6.25 11.39
CA ILE A 75 15.56 5.80 12.52
C ILE A 75 15.64 6.86 13.61
N THR A 76 15.81 6.42 14.86
CA THR A 76 15.89 7.33 15.99
C THR A 76 16.90 6.83 17.02
N SER A 1 -15.67 3.82 6.29
CA SER A 1 -15.02 2.52 6.33
C SER A 1 -15.36 1.69 5.08
N ASN A 2 -14.44 1.68 4.12
CA ASN A 2 -14.65 0.94 2.88
C ASN A 2 -13.35 0.25 2.44
N GLU A 3 -13.35 -1.08 2.48
CA GLU A 3 -12.17 -1.84 2.08
C GLU A 3 -11.73 -1.46 0.68
N CYS A 4 -10.52 -1.89 0.31
CA CYS A 4 -9.97 -1.59 -1.01
C CYS A 4 -10.09 -2.80 -1.93
N ILE A 5 -9.74 -2.61 -3.20
CA ILE A 5 -9.81 -3.68 -4.17
C ILE A 5 -8.75 -4.75 -3.89
N ARG A 6 -9.21 -5.95 -3.55
CA ARG A 6 -8.32 -7.06 -3.25
C ARG A 6 -7.31 -7.26 -4.38
N LYS A 7 -6.12 -7.76 -4.03
CA LYS A 7 -5.08 -8.01 -5.01
C LYS A 7 -5.46 -9.14 -5.95
N TRP A 8 -5.03 -9.04 -7.21
CA TRP A 8 -5.33 -10.06 -8.20
C TRP A 8 -6.82 -10.34 -8.27
N LEU A 9 -7.62 -9.28 -8.37
CA LEU A 9 -9.07 -9.40 -8.44
C LEU A 9 -9.61 -8.74 -9.70
N SER A 10 -9.45 -7.42 -9.78
CA SER A 10 -9.92 -6.66 -10.93
C SER A 10 -9.53 -5.19 -10.82
N CYS A 11 -8.85 -4.69 -11.84
CA CYS A 11 -8.41 -3.30 -11.85
C CYS A 11 -9.36 -2.44 -12.68
N VAL A 12 -10.07 -3.07 -13.61
CA VAL A 12 -11.02 -2.36 -14.47
C VAL A 12 -11.98 -1.52 -13.64
N ASP A 13 -12.26 -1.97 -12.42
CA ASP A 13 -13.17 -1.25 -11.54
C ASP A 13 -12.60 0.11 -11.17
N ARG A 14 -11.49 0.10 -10.43
CA ARG A 14 -10.84 1.34 -10.00
C ARG A 14 -9.33 1.14 -9.90
N LYS A 15 -8.60 1.68 -10.87
CA LYS A 15 -7.15 1.57 -10.90
C LYS A 15 -6.53 2.47 -9.83
N ASN A 16 -7.09 3.65 -9.64
CA ASN A 16 -6.59 4.59 -8.65
C ASN A 16 -7.00 4.17 -7.24
N ASP A 17 -8.07 3.41 -7.15
CA ASP A 17 -8.57 2.93 -5.86
C ASP A 17 -8.31 1.43 -5.70
N CYS A 18 -7.21 0.96 -6.28
CA CYS A 18 -6.86 -0.45 -6.20
C CYS A 18 -6.58 -0.86 -4.75
N CYS A 19 -5.47 -0.38 -4.21
CA CYS A 19 -5.10 -0.69 -2.83
C CYS A 19 -3.79 0.00 -2.45
N GLU A 20 -3.23 -0.37 -1.31
CA GLU A 20 -1.99 0.21 -0.82
C GLU A 20 -0.79 -0.55 -1.39
N GLY A 21 -0.02 0.11 -2.25
CA GLY A 21 1.15 -0.51 -2.83
C GLY A 21 0.81 -1.35 -4.05
N LEU A 22 -0.33 -1.07 -4.65
CA LEU A 22 -0.78 -1.80 -5.84
C LEU A 22 -0.96 -0.86 -7.03
N GLU A 23 -0.85 -1.41 -8.23
CA GLU A 23 -1.01 -0.62 -9.45
C GLU A 23 -1.70 -1.43 -10.53
N CYS A 24 -2.09 -0.75 -11.60
CA CYS A 24 -2.77 -1.40 -12.73
C CYS A 24 -1.75 -2.05 -13.67
N TYR A 25 -2.08 -3.25 -14.14
CA TYR A 25 -1.21 -3.98 -15.05
C TYR A 25 -1.69 -3.85 -16.49
N LYS A 26 -0.87 -4.34 -17.42
CA LYS A 26 -1.21 -4.29 -18.84
C LYS A 26 -0.99 -5.65 -19.50
N ARG A 27 -2.06 -6.18 -20.09
CA ARG A 27 -1.99 -7.48 -20.76
C ARG A 27 -2.28 -7.33 -22.25
N ARG A 28 -1.96 -8.38 -23.00
CA ARG A 28 -2.19 -8.37 -24.44
C ARG A 28 -3.67 -8.51 -24.77
N HIS A 29 -4.22 -9.68 -24.52
CA HIS A 29 -5.63 -9.95 -24.78
C HIS A 29 -6.33 -10.47 -23.53
N SER A 30 -5.80 -10.12 -22.37
CA SER A 30 -6.37 -10.56 -21.10
C SER A 30 -6.72 -9.37 -20.22
N PHE A 31 -7.61 -9.59 -19.25
CA PHE A 31 -8.02 -8.53 -18.34
C PHE A 31 -6.92 -8.24 -17.32
N GLU A 32 -6.64 -6.96 -17.13
CA GLU A 32 -5.61 -6.54 -16.18
C GLU A 32 -6.21 -6.32 -14.79
N VAL A 33 -5.39 -6.55 -13.77
CA VAL A 33 -5.84 -6.39 -12.39
C VAL A 33 -4.78 -5.70 -11.55
N CYS A 34 -5.10 -5.43 -10.29
CA CYS A 34 -4.18 -4.78 -9.38
C CYS A 34 -3.01 -5.70 -9.03
N VAL A 35 -1.80 -5.24 -9.29
CA VAL A 35 -0.60 -6.02 -9.01
C VAL A 35 0.36 -5.26 -8.09
N PRO A 36 1.21 -6.00 -7.38
CA PRO A 36 2.18 -5.42 -6.45
C PRO A 36 3.29 -4.67 -7.18
N ILE A 37 3.59 -3.47 -6.71
CA ILE A 37 4.64 -2.65 -7.32
C ILE A 37 6.02 -3.04 -6.80
N PRO A 38 6.97 -3.22 -7.73
CA PRO A 38 8.35 -3.60 -7.39
C PRO A 38 9.09 -2.48 -6.67
N GLY A 39 9.82 -2.84 -5.62
CA GLY A 39 10.58 -1.86 -4.87
C GLY A 39 9.69 -0.91 -4.09
N PHE A 40 8.40 -1.23 -4.04
CA PHE A 40 7.43 -0.40 -3.32
C PHE A 40 7.78 -0.33 -1.83
N CYS A 41 7.51 0.82 -1.22
CA CYS A 41 7.80 1.02 0.19
C CYS A 41 6.87 2.08 0.79
N LEU A 42 7.17 2.48 2.02
CA LEU A 42 6.36 3.48 2.70
C LEU A 42 7.23 4.64 3.21
N VAL A 43 6.59 5.75 3.52
CA VAL A 43 7.30 6.93 4.03
C VAL A 43 7.07 7.12 5.51
N LYS A 44 7.62 8.20 6.06
CA LYS A 44 7.48 8.51 7.48
C LYS A 44 6.11 9.12 7.76
N TRP A 45 5.30 9.27 6.72
CA TRP A 45 3.97 9.84 6.86
C TRP A 45 2.90 8.87 6.36
N LYS A 46 3.29 7.61 6.19
CA LYS A 46 2.37 6.58 5.72
C LYS A 46 2.09 5.55 6.81
N GLN A 47 0.88 5.03 6.83
CA GLN A 47 0.48 4.03 7.82
C GLN A 47 1.45 2.86 7.82
N CYS A 48 1.72 2.32 9.00
CA CYS A 48 2.62 1.18 9.14
C CYS A 48 1.86 -0.09 9.47
N ASP A 49 0.64 0.08 9.98
CA ASP A 49 -0.19 -1.06 10.34
C ASP A 49 -0.29 -2.05 9.18
N GLY A 50 0.20 -3.27 9.42
CA GLY A 50 0.17 -4.29 8.37
C GLY A 50 1.40 -4.27 7.50
N ARG A 51 1.96 -3.09 7.30
CA ARG A 51 3.15 -2.94 6.47
C ARG A 51 4.37 -2.54 7.33
N GLU A 52 4.43 -3.09 8.54
CA GLU A 52 5.53 -2.78 9.45
C GLU A 52 6.86 -3.26 8.86
N ARG A 53 6.78 -4.13 7.86
CA ARG A 53 7.98 -4.66 7.22
C ARG A 53 7.99 -4.33 5.72
N ASP A 54 7.25 -3.30 5.34
CA ASP A 54 7.16 -2.88 3.95
C ASP A 54 7.73 -1.48 3.77
N CYS A 55 7.78 -0.72 4.86
CA CYS A 55 8.30 0.63 4.82
C CYS A 55 9.66 0.69 4.14
N CYS A 56 10.11 1.89 3.81
CA CYS A 56 11.39 2.08 3.15
C CYS A 56 12.55 1.77 4.10
N ALA A 57 13.77 1.92 3.62
CA ALA A 57 14.95 1.67 4.44
C ALA A 57 15.12 2.73 5.51
N GLY A 58 15.39 2.31 6.73
CA GLY A 58 15.57 3.23 7.83
C GLY A 58 14.27 3.54 8.56
N LEU A 59 13.15 3.21 7.92
CA LEU A 59 11.83 3.45 8.49
C LEU A 59 11.47 2.35 9.49
N GLU A 60 10.37 2.55 10.21
CA GLU A 60 9.91 1.57 11.19
C GLU A 60 8.47 1.84 11.60
N CYS A 61 7.76 0.79 12.02
CA CYS A 61 6.38 0.91 12.43
C CYS A 61 6.26 1.77 13.69
N TRP A 62 6.00 3.06 13.50
CA TRP A 62 5.87 3.99 14.62
C TRP A 62 4.49 3.85 15.27
N LYS A 63 4.49 3.76 16.60
CA LYS A 63 3.25 3.62 17.35
C LYS A 63 2.85 4.95 17.99
N ARG A 64 1.94 5.67 17.35
CA ARG A 64 1.48 6.95 17.86
C ARG A 64 -0.02 6.93 18.11
N SER A 65 -0.43 7.40 19.29
CA SER A 65 -1.83 7.43 19.66
C SER A 65 -2.23 8.79 20.21
N GLY A 66 -3.34 9.33 19.72
CA GLY A 66 -3.80 10.62 20.18
C GLY A 66 -3.71 11.68 19.10
N ASN A 67 -2.85 11.44 18.10
CA ASN A 67 -2.67 12.38 17.01
C ASN A 67 -3.21 11.82 15.71
N LYS A 68 -3.09 10.51 15.53
CA LYS A 68 -3.57 9.84 14.33
C LYS A 68 -3.30 8.34 14.40
N SER A 69 -3.62 7.64 13.31
CA SER A 69 -3.41 6.20 13.24
C SER A 69 -1.92 5.86 13.29
N SER A 70 -1.63 4.56 13.31
CA SER A 70 -0.24 4.10 13.36
C SER A 70 0.48 4.42 12.05
N VAL A 71 1.56 5.20 12.14
CA VAL A 71 2.34 5.57 10.97
C VAL A 71 3.77 5.08 11.08
N CYS A 72 4.56 5.34 10.05
CA CYS A 72 5.96 4.92 10.03
C CYS A 72 6.89 6.10 10.28
N ALA A 73 8.08 5.82 10.78
CA ALA A 73 9.06 6.85 11.07
C ALA A 73 10.48 6.35 10.84
N PRO A 74 11.40 7.28 10.55
CA PRO A 74 12.81 6.95 10.31
C PRO A 74 13.52 6.50 11.57
N ILE A 75 14.78 6.10 11.42
CA ILE A 75 15.59 5.65 12.55
C ILE A 75 15.67 6.72 13.63
N THR A 76 15.78 6.29 14.87
CA THR A 76 15.87 7.21 16.01
C THR A 76 15.95 6.46 17.33
N SER A 1 -15.82 0.11 7.93
CA SER A 1 -14.77 0.79 7.17
C SER A 1 -14.84 0.40 5.70
N ASN A 2 -14.08 1.12 4.87
CA ASN A 2 -14.06 0.85 3.44
C ASN A 2 -12.75 0.17 3.05
N GLU A 3 -12.87 -1.03 2.47
CA GLU A 3 -11.69 -1.79 2.05
C GLU A 3 -11.32 -1.44 0.61
N CYS A 4 -10.25 -2.07 0.11
CA CYS A 4 -9.79 -1.83 -1.25
C CYS A 4 -9.85 -3.11 -2.08
N ILE A 5 -9.59 -2.98 -3.37
CA ILE A 5 -9.63 -4.13 -4.28
C ILE A 5 -8.46 -5.06 -4.01
N ARG A 6 -8.73 -6.36 -3.99
CA ARG A 6 -7.70 -7.37 -3.75
C ARG A 6 -6.78 -7.50 -4.95
N LYS A 7 -5.55 -7.93 -4.71
CA LYS A 7 -4.57 -8.10 -5.77
C LYS A 7 -5.01 -9.19 -6.75
N TRP A 8 -4.67 -9.00 -8.02
CA TRP A 8 -5.04 -9.98 -9.06
C TRP A 8 -6.53 -10.26 -9.02
N LEU A 9 -7.34 -9.20 -9.07
CA LEU A 9 -8.79 -9.34 -9.06
C LEU A 9 -9.41 -8.75 -10.31
N SER A 10 -9.44 -7.43 -10.39
CA SER A 10 -10.01 -6.74 -11.54
C SER A 10 -9.83 -5.23 -11.43
N CYS A 11 -9.00 -4.67 -12.30
CA CYS A 11 -8.73 -3.24 -12.30
C CYS A 11 -9.77 -2.49 -13.15
N VAL A 12 -10.52 -3.24 -13.94
CA VAL A 12 -11.54 -2.66 -14.81
C VAL A 12 -12.44 -1.71 -14.02
N ASP A 13 -12.61 -1.99 -12.73
CA ASP A 13 -13.45 -1.15 -11.88
C ASP A 13 -12.63 -0.56 -10.73
N ARG A 14 -12.61 0.76 -10.63
CA ARG A 14 -11.87 1.45 -9.58
C ARG A 14 -10.38 1.15 -9.69
N LYS A 15 -9.71 1.81 -10.63
CA LYS A 15 -8.29 1.62 -10.84
C LYS A 15 -7.47 2.47 -9.87
N ASN A 16 -8.04 3.62 -9.47
CA ASN A 16 -7.37 4.52 -8.55
C ASN A 16 -7.51 4.03 -7.11
N ASP A 17 -8.43 3.09 -6.90
CA ASP A 17 -8.67 2.54 -5.57
C ASP A 17 -8.27 1.06 -5.52
N CYS A 18 -7.24 0.71 -6.28
CA CYS A 18 -6.76 -0.66 -6.33
C CYS A 18 -6.47 -1.18 -4.92
N CYS A 19 -5.39 -0.66 -4.31
CA CYS A 19 -5.01 -1.08 -2.98
C CYS A 19 -3.73 -0.36 -2.54
N GLU A 20 -3.16 -0.81 -1.42
CA GLU A 20 -1.93 -0.22 -0.90
C GLU A 20 -0.70 -0.92 -1.48
N GLY A 21 0.06 -0.19 -2.29
CA GLY A 21 1.25 -0.75 -2.90
C GLY A 21 0.95 -1.51 -4.17
N LEU A 22 -0.21 -1.25 -4.76
CA LEU A 22 -0.62 -1.91 -6.00
C LEU A 22 -0.77 -0.91 -7.14
N GLU A 23 -0.76 -1.42 -8.36
CA GLU A 23 -0.89 -0.56 -9.54
C GLU A 23 -1.48 -1.34 -10.71
N CYS A 24 -2.42 -0.72 -11.41
CA CYS A 24 -3.08 -1.34 -12.55
C CYS A 24 -2.05 -1.87 -13.54
N TYR A 25 -2.32 -3.04 -14.11
CA TYR A 25 -1.42 -3.64 -15.08
C TYR A 25 -1.96 -3.50 -16.50
N LYS A 26 -1.08 -3.70 -17.49
CA LYS A 26 -1.48 -3.59 -18.89
C LYS A 26 -1.57 -4.97 -19.54
N ARG A 27 -2.57 -5.16 -20.38
CA ARG A 27 -2.78 -6.43 -21.06
C ARG A 27 -3.20 -6.21 -22.51
N ARG A 28 -2.99 -7.23 -23.35
CA ARG A 28 -3.35 -7.15 -24.76
C ARG A 28 -4.85 -7.21 -24.94
N HIS A 29 -5.43 -8.38 -24.69
CA HIS A 29 -6.87 -8.56 -24.83
C HIS A 29 -7.47 -9.12 -23.54
N SER A 30 -6.82 -8.83 -22.41
CA SER A 30 -7.30 -9.30 -21.11
C SER A 30 -7.61 -8.13 -20.19
N PHE A 31 -8.70 -8.26 -19.44
CA PHE A 31 -9.12 -7.21 -18.51
C PHE A 31 -7.96 -6.80 -17.61
N GLU A 32 -7.75 -5.49 -17.51
CA GLU A 32 -6.67 -4.96 -16.67
C GLU A 32 -6.88 -5.33 -15.21
N VAL A 33 -5.78 -5.52 -14.49
CA VAL A 33 -5.85 -5.88 -13.08
C VAL A 33 -4.66 -5.31 -12.30
N CYS A 34 -4.87 -5.02 -11.03
CA CYS A 34 -3.81 -4.47 -10.18
C CYS A 34 -2.72 -5.50 -9.94
N VAL A 35 -1.49 -5.03 -9.79
CA VAL A 35 -0.35 -5.92 -9.55
C VAL A 35 0.57 -5.34 -8.48
N PRO A 36 1.34 -6.22 -7.83
CA PRO A 36 2.29 -5.81 -6.78
C PRO A 36 3.48 -5.05 -7.34
N ILE A 37 3.64 -3.81 -6.90
CA ILE A 37 4.74 -2.97 -7.35
C ILE A 37 6.07 -3.44 -6.78
N PRO A 38 7.03 -3.72 -7.67
CA PRO A 38 8.37 -4.18 -7.27
C PRO A 38 9.18 -3.09 -6.57
N GLY A 39 9.61 -3.37 -5.35
CA GLY A 39 10.40 -2.40 -4.60
C GLY A 39 9.52 -1.41 -3.86
N PHE A 40 8.23 -1.69 -3.78
CA PHE A 40 7.29 -0.82 -3.10
C PHE A 40 7.64 -0.69 -1.63
N CYS A 41 7.39 0.50 -1.06
CA CYS A 41 7.68 0.75 0.34
C CYS A 41 6.78 1.85 0.89
N LEU A 42 7.08 2.32 2.10
CA LEU A 42 6.31 3.37 2.73
C LEU A 42 7.21 4.50 3.20
N VAL A 43 6.60 5.63 3.58
CA VAL A 43 7.35 6.79 4.04
C VAL A 43 7.13 7.03 5.53
N LYS A 44 7.68 8.12 6.04
CA LYS A 44 7.55 8.46 7.45
C LYS A 44 6.19 9.11 7.72
N TRP A 45 5.36 9.20 6.68
CA TRP A 45 4.04 9.81 6.82
C TRP A 45 2.95 8.84 6.36
N LYS A 46 3.24 7.54 6.46
CA LYS A 46 2.29 6.51 6.05
C LYS A 46 1.96 5.59 7.22
N GLN A 47 0.84 4.89 7.11
CA GLN A 47 0.41 3.96 8.14
C GLN A 47 1.32 2.74 8.20
N CYS A 48 1.79 2.40 9.40
CA CYS A 48 2.67 1.25 9.58
C CYS A 48 1.86 0.00 9.93
N ASP A 49 0.64 0.21 10.41
CA ASP A 49 -0.23 -0.90 10.79
C ASP A 49 -0.33 -1.92 9.65
N GLY A 50 0.14 -3.13 9.91
CA GLY A 50 0.10 -4.18 8.90
C GLY A 50 1.33 -4.16 8.01
N ARG A 51 1.90 -2.99 7.79
CA ARG A 51 3.08 -2.85 6.94
C ARG A 51 4.29 -2.44 7.77
N GLU A 52 4.42 -3.03 8.96
CA GLU A 52 5.54 -2.72 9.84
C GLU A 52 6.85 -3.21 9.25
N ARG A 53 6.77 -4.03 8.21
CA ARG A 53 7.96 -4.56 7.55
C ARG A 53 7.91 -4.28 6.05
N ASP A 54 7.19 -3.23 5.67
CA ASP A 54 7.07 -2.87 4.26
C ASP A 54 7.66 -1.47 4.02
N CYS A 55 7.72 -0.67 5.07
CA CYS A 55 8.26 0.68 4.96
C CYS A 55 9.62 0.68 4.27
N CYS A 56 10.08 1.86 3.88
CA CYS A 56 11.36 2.00 3.21
C CYS A 56 12.52 1.64 4.15
N ALA A 57 13.74 1.77 3.66
CA ALA A 57 14.92 1.47 4.45
C ALA A 57 15.20 2.56 5.48
N GLY A 58 15.34 2.17 6.74
CA GLY A 58 15.59 3.13 7.80
C GLY A 58 14.34 3.50 8.56
N LEU A 59 13.18 3.17 8.00
CA LEU A 59 11.91 3.48 8.65
C LEU A 59 11.54 2.39 9.66
N GLU A 60 10.46 2.63 10.40
CA GLU A 60 10.01 1.66 11.40
C GLU A 60 8.57 1.95 11.81
N CYS A 61 7.88 0.93 12.32
CA CYS A 61 6.50 1.06 12.74
C CYS A 61 6.40 1.97 13.96
N TRP A 62 6.11 3.25 13.74
CA TRP A 62 5.98 4.21 14.82
C TRP A 62 4.60 4.11 15.47
N LYS A 63 4.59 4.08 16.80
CA LYS A 63 3.34 4.01 17.55
C LYS A 63 2.94 5.36 18.11
N ARG A 64 2.05 6.05 17.42
CA ARG A 64 1.59 7.37 17.85
C ARG A 64 0.12 7.34 18.22
N SER A 65 -0.22 7.87 19.39
CA SER A 65 -1.59 7.90 19.86
C SER A 65 -1.96 9.29 20.37
N GLY A 66 -3.13 9.78 19.96
CA GLY A 66 -3.58 11.09 20.37
C GLY A 66 -3.61 12.08 19.24
N ASN A 67 -2.84 11.81 18.19
CA ASN A 67 -2.78 12.69 17.04
C ASN A 67 -3.41 12.02 15.80
N LYS A 68 -2.98 10.80 15.53
CA LYS A 68 -3.49 10.05 14.39
C LYS A 68 -3.15 8.57 14.52
N SER A 69 -3.58 7.79 13.53
CA SER A 69 -3.32 6.35 13.53
C SER A 69 -1.82 6.06 13.56
N SER A 70 -1.46 4.79 13.67
CA SER A 70 -0.06 4.39 13.71
C SER A 70 0.61 4.63 12.38
N VAL A 71 1.69 5.42 12.40
CA VAL A 71 2.43 5.73 11.19
C VAL A 71 3.87 5.24 11.29
N CYS A 72 4.64 5.46 10.22
CA CYS A 72 6.04 5.03 10.19
C CYS A 72 6.97 6.22 10.37
N ALA A 73 8.17 5.95 10.87
CA ALA A 73 9.16 6.99 11.10
C ALA A 73 10.57 6.47 10.88
N PRO A 74 11.51 7.39 10.58
CA PRO A 74 12.91 7.04 10.34
C PRO A 74 13.62 6.60 11.61
N ILE A 75 14.86 6.12 11.46
CA ILE A 75 15.64 5.66 12.59
C ILE A 75 15.77 6.75 13.65
N THR A 76 15.92 6.34 14.91
CA THR A 76 16.06 7.28 16.01
C THR A 76 17.21 6.89 16.93
N SER A 1 -13.53 3.68 4.23
CA SER A 1 -14.30 2.78 5.08
C SER A 1 -14.27 1.35 4.54
N ASN A 2 -14.71 1.19 3.30
CA ASN A 2 -14.74 -0.13 2.67
C ASN A 2 -13.34 -0.57 2.27
N GLU A 3 -13.12 -1.88 2.21
CA GLU A 3 -11.82 -2.42 1.84
C GLU A 3 -11.45 -2.01 0.42
N CYS A 4 -10.26 -2.43 -0.02
CA CYS A 4 -9.78 -2.10 -1.35
C CYS A 4 -9.78 -3.34 -2.25
N ILE A 5 -9.49 -3.13 -3.53
CA ILE A 5 -9.46 -4.23 -4.49
C ILE A 5 -8.31 -5.19 -4.20
N ARG A 6 -8.62 -6.46 -4.06
CA ARG A 6 -7.61 -7.48 -3.78
C ARG A 6 -6.62 -7.59 -4.94
N LYS A 7 -5.38 -7.90 -4.61
CA LYS A 7 -4.34 -8.05 -5.63
C LYS A 7 -4.68 -9.15 -6.61
N TRP A 8 -4.46 -8.89 -7.90
CA TRP A 8 -4.75 -9.86 -8.94
C TRP A 8 -6.21 -10.28 -8.89
N LEU A 9 -7.11 -9.29 -8.91
CA LEU A 9 -8.54 -9.56 -8.87
C LEU A 9 -9.24 -8.94 -10.08
N SER A 10 -9.16 -7.62 -10.18
CA SER A 10 -9.79 -6.90 -11.28
C SER A 10 -9.55 -5.40 -11.17
N CYS A 11 -9.09 -4.79 -12.26
CA CYS A 11 -8.82 -3.36 -12.28
C CYS A 11 -9.97 -2.59 -12.91
N VAL A 12 -10.80 -3.31 -13.67
CA VAL A 12 -11.95 -2.69 -14.34
C VAL A 12 -12.78 -1.88 -13.35
N ASP A 13 -12.79 -2.32 -12.09
CA ASP A 13 -13.56 -1.63 -11.05
C ASP A 13 -12.96 -0.26 -10.76
N ARG A 14 -11.80 -0.25 -10.11
CA ARG A 14 -11.13 1.01 -9.78
C ARG A 14 -9.62 0.87 -9.93
N LYS A 15 -9.04 1.62 -10.86
CA LYS A 15 -7.61 1.59 -11.10
C LYS A 15 -6.87 2.49 -10.12
N ASN A 16 -7.46 3.64 -9.81
CA ASN A 16 -6.86 4.58 -8.88
C ASN A 16 -7.07 4.14 -7.44
N ASP A 17 -8.09 3.32 -7.21
CA ASP A 17 -8.40 2.82 -5.88
C ASP A 17 -8.13 1.32 -5.78
N CYS A 18 -7.12 0.86 -6.51
CA CYS A 18 -6.75 -0.55 -6.51
C CYS A 18 -6.49 -1.05 -5.09
N CYS A 19 -5.38 -0.59 -4.51
CA CYS A 19 -5.01 -0.98 -3.16
C CYS A 19 -3.70 -0.31 -2.75
N GLU A 20 -3.16 -0.74 -1.61
CA GLU A 20 -1.91 -0.19 -1.10
C GLU A 20 -0.72 -0.92 -1.69
N GLY A 21 0.06 -0.22 -2.51
CA GLY A 21 1.23 -0.82 -3.13
C GLY A 21 0.88 -1.64 -4.35
N LEU A 22 -0.13 -1.19 -5.09
CA LEU A 22 -0.57 -1.90 -6.29
C LEU A 22 -0.70 -0.94 -7.47
N GLU A 23 -0.72 -1.48 -8.67
CA GLU A 23 -0.84 -0.67 -9.88
C GLU A 23 -1.68 -1.38 -10.94
N CYS A 24 -2.37 -0.60 -11.75
CA CYS A 24 -3.22 -1.16 -12.80
C CYS A 24 -2.38 -1.61 -13.99
N TYR A 25 -2.15 -2.92 -14.08
CA TYR A 25 -1.36 -3.49 -15.16
C TYR A 25 -2.25 -4.22 -16.16
N LYS A 26 -1.86 -4.16 -17.43
CA LYS A 26 -2.63 -4.82 -18.50
C LYS A 26 -2.10 -6.23 -18.75
N ARG A 27 -3.02 -7.16 -19.02
CA ARG A 27 -2.65 -8.54 -19.28
C ARG A 27 -2.54 -8.80 -20.79
N ARG A 28 -2.22 -10.03 -21.14
CA ARG A 28 -2.08 -10.41 -22.55
C ARG A 28 -3.43 -10.41 -23.24
N HIS A 29 -4.27 -11.39 -22.89
CA HIS A 29 -5.60 -11.50 -23.48
C HIS A 29 -6.68 -11.57 -22.40
N SER A 30 -6.38 -10.99 -21.25
CA SER A 30 -7.32 -10.98 -20.13
C SER A 30 -7.52 -9.58 -19.59
N PHE A 31 -8.62 -9.36 -18.88
CA PHE A 31 -8.93 -8.06 -18.31
C PHE A 31 -7.81 -7.59 -17.39
N GLU A 32 -7.38 -6.35 -17.56
CA GLU A 32 -6.31 -5.78 -16.74
C GLU A 32 -6.70 -5.80 -15.27
N VAL A 33 -5.72 -6.09 -14.42
CA VAL A 33 -5.95 -6.14 -12.98
C VAL A 33 -4.83 -5.46 -12.22
N CYS A 34 -4.96 -5.37 -10.90
CA CYS A 34 -3.96 -4.75 -10.05
C CYS A 34 -2.74 -5.66 -9.89
N VAL A 35 -1.56 -5.05 -9.79
CA VAL A 35 -0.34 -5.82 -9.62
C VAL A 35 0.58 -5.15 -8.60
N PRO A 36 1.43 -5.96 -7.95
CA PRO A 36 2.37 -5.49 -6.94
C PRO A 36 3.49 -4.64 -7.54
N ILE A 37 3.68 -3.44 -7.01
CA ILE A 37 4.71 -2.53 -7.50
C ILE A 37 6.08 -2.92 -6.96
N PRO A 38 7.07 -3.01 -7.86
CA PRO A 38 8.44 -3.37 -7.50
C PRO A 38 9.14 -2.28 -6.69
N GLY A 39 9.83 -2.69 -5.63
CA GLY A 39 10.53 -1.73 -4.78
C GLY A 39 9.58 -0.86 -3.98
N PHE A 40 8.30 -1.21 -4.01
CA PHE A 40 7.29 -0.45 -3.28
C PHE A 40 7.61 -0.40 -1.79
N CYS A 41 7.28 0.71 -1.16
CA CYS A 41 7.53 0.89 0.27
C CYS A 41 6.66 2.01 0.84
N LEU A 42 6.92 2.35 2.10
CA LEU A 42 6.16 3.41 2.77
C LEU A 42 7.09 4.54 3.21
N VAL A 43 6.49 5.66 3.63
CA VAL A 43 7.26 6.81 4.09
C VAL A 43 7.09 7.02 5.58
N LYS A 44 7.69 8.10 6.09
CA LYS A 44 7.61 8.42 7.51
C LYS A 44 6.29 9.14 7.83
N TRP A 45 5.44 9.28 6.83
CA TRP A 45 4.15 9.94 7.01
C TRP A 45 3.01 9.02 6.57
N LYS A 46 3.28 7.72 6.52
CA LYS A 46 2.28 6.74 6.12
C LYS A 46 2.01 5.75 7.25
N GLN A 47 0.77 5.25 7.32
CA GLN A 47 0.39 4.30 8.34
C GLN A 47 1.32 3.09 8.33
N CYS A 48 1.64 2.59 9.52
CA CYS A 48 2.52 1.42 9.65
C CYS A 48 1.72 0.18 10.01
N ASP A 49 0.52 0.39 10.57
CA ASP A 49 -0.34 -0.73 10.96
C ASP A 49 -0.50 -1.72 9.81
N GLY A 50 -0.04 -2.95 10.03
CA GLY A 50 -0.15 -3.97 9.01
C GLY A 50 1.06 -4.00 8.10
N ARG A 51 1.67 -2.84 7.86
CA ARG A 51 2.84 -2.74 7.00
C ARG A 51 4.08 -2.37 7.82
N GLU A 52 4.21 -2.98 9.00
CA GLU A 52 5.35 -2.71 9.87
C GLU A 52 6.65 -3.22 9.24
N ARG A 53 6.51 -4.07 8.23
CA ARG A 53 7.66 -4.62 7.53
C ARG A 53 7.60 -4.33 6.03
N ASP A 54 6.88 -3.26 5.67
CA ASP A 54 6.73 -2.89 4.27
C ASP A 54 7.35 -1.51 4.02
N CYS A 55 7.50 -0.73 5.08
CA CYS A 55 8.07 0.61 4.96
C CYS A 55 9.40 0.57 4.23
N CYS A 56 9.91 1.73 3.87
CA CYS A 56 11.18 1.84 3.15
C CYS A 56 12.33 1.40 4.05
N ALA A 57 13.55 1.48 3.51
CA ALA A 57 14.74 1.09 4.25
C ALA A 57 15.10 2.14 5.29
N GLY A 58 15.09 1.75 6.56
CA GLY A 58 15.42 2.67 7.63
C GLY A 58 14.21 3.08 8.44
N LEU A 59 13.03 2.88 7.87
CA LEU A 59 11.78 3.24 8.55
C LEU A 59 11.38 2.16 9.54
N GLU A 60 10.33 2.43 10.32
CA GLU A 60 9.85 1.48 11.31
C GLU A 60 8.39 1.78 11.68
N CYS A 61 7.76 0.83 12.37
CA CYS A 61 6.38 0.99 12.78
C CYS A 61 6.28 1.90 14.01
N TRP A 62 6.06 3.18 13.77
CA TRP A 62 5.95 4.16 14.86
C TRP A 62 4.55 4.13 15.48
N LYS A 63 4.50 3.97 16.78
CA LYS A 63 3.22 3.92 17.50
C LYS A 63 2.92 5.28 18.14
N ARG A 64 2.06 6.06 17.49
CA ARG A 64 1.69 7.37 18.00
C ARG A 64 0.20 7.42 18.32
N SER A 65 -0.13 7.90 19.52
CA SER A 65 -1.52 8.00 19.95
C SER A 65 -1.80 9.37 20.54
N GLY A 66 -3.00 9.89 20.26
CA GLY A 66 -3.38 11.19 20.78
C GLY A 66 -3.51 12.22 19.68
N ASN A 67 -2.75 12.06 18.60
CA ASN A 67 -2.78 12.98 17.48
C ASN A 67 -3.36 12.32 16.24
N LYS A 68 -2.81 11.15 15.90
CA LYS A 68 -3.27 10.40 14.73
C LYS A 68 -3.02 8.91 14.91
N SER A 69 -3.31 8.13 13.87
CA SER A 69 -3.12 6.69 13.93
C SER A 69 -1.64 6.33 13.88
N SER A 70 -1.35 5.04 13.95
CA SER A 70 0.03 4.56 13.93
C SER A 70 0.67 4.81 12.56
N VAL A 71 1.77 5.55 12.56
CA VAL A 71 2.47 5.86 11.32
C VAL A 71 3.89 5.30 11.34
N CYS A 72 4.63 5.52 10.26
CA CYS A 72 6.01 5.04 10.15
C CYS A 72 6.99 6.18 10.39
N ALA A 73 8.18 5.83 10.88
CA ALA A 73 9.21 6.82 11.15
C ALA A 73 10.61 6.24 10.90
N PRO A 74 11.57 7.14 10.60
CA PRO A 74 12.95 6.74 10.34
C PRO A 74 13.66 6.22 11.58
N ILE A 75 14.84 5.63 11.40
CA ILE A 75 15.62 5.10 12.51
C ILE A 75 15.83 6.16 13.58
N THR A 76 15.99 5.71 14.82
CA THR A 76 16.21 6.62 15.94
C THR A 76 17.37 6.15 16.82
N SER A 1 -15.99 2.64 6.12
CA SER A 1 -15.17 1.44 6.24
C SER A 1 -15.02 0.74 4.89
N ASN A 2 -15.11 1.52 3.82
CA ASN A 2 -14.99 0.98 2.47
C ASN A 2 -13.57 0.49 2.21
N GLU A 3 -13.41 -0.83 2.09
CA GLU A 3 -12.11 -1.42 1.84
C GLU A 3 -11.63 -1.12 0.42
N CYS A 4 -10.42 -1.53 0.11
CA CYS A 4 -9.85 -1.31 -1.22
C CYS A 4 -9.97 -2.56 -2.08
N ILE A 5 -9.60 -2.43 -3.36
CA ILE A 5 -9.67 -3.55 -4.29
C ILE A 5 -8.62 -4.59 -3.97
N ARG A 6 -9.06 -5.81 -3.65
CA ARG A 6 -8.15 -6.90 -3.33
C ARG A 6 -7.14 -7.12 -4.45
N LYS A 7 -5.93 -7.51 -4.09
CA LYS A 7 -4.88 -7.75 -5.06
C LYS A 7 -5.24 -8.91 -5.98
N TRP A 8 -4.89 -8.77 -7.25
CA TRP A 8 -5.19 -9.82 -8.25
C TRP A 8 -6.68 -10.14 -8.25
N LEU A 9 -7.51 -9.12 -8.39
CA LEU A 9 -8.95 -9.29 -8.41
C LEU A 9 -9.56 -8.71 -9.69
N SER A 10 -9.40 -7.40 -9.87
CA SER A 10 -9.92 -6.72 -11.04
C SER A 10 -9.59 -5.23 -10.99
N CYS A 11 -9.17 -4.69 -12.13
CA CYS A 11 -8.82 -3.27 -12.23
C CYS A 11 -9.97 -2.47 -12.84
N VAL A 12 -10.85 -3.17 -13.55
CA VAL A 12 -11.99 -2.52 -14.20
C VAL A 12 -12.76 -1.66 -13.20
N ASP A 13 -12.74 -2.06 -11.93
CA ASP A 13 -13.43 -1.32 -10.88
C ASP A 13 -12.81 0.06 -10.68
N ARG A 14 -11.59 0.07 -10.13
CA ARG A 14 -10.88 1.32 -9.89
C ARG A 14 -9.38 1.11 -9.95
N LYS A 15 -8.76 1.60 -11.01
CA LYS A 15 -7.31 1.47 -11.19
C LYS A 15 -6.56 2.47 -10.32
N ASN A 16 -7.22 3.59 -10.02
CA ASN A 16 -6.60 4.64 -9.20
C ASN A 16 -6.78 4.32 -7.72
N ASP A 17 -7.79 3.53 -7.41
CA ASP A 17 -8.07 3.15 -6.02
C ASP A 17 -7.86 1.66 -5.81
N CYS A 18 -6.91 1.09 -6.54
CA CYS A 18 -6.61 -0.33 -6.43
C CYS A 18 -6.35 -0.74 -4.99
N CYS A 19 -5.23 -0.28 -4.45
CA CYS A 19 -4.87 -0.60 -3.07
C CYS A 19 -3.53 0.04 -2.69
N GLU A 20 -3.01 -0.32 -1.53
CA GLU A 20 -1.74 0.22 -1.06
C GLU A 20 -0.57 -0.59 -1.61
N GLY A 21 0.22 0.03 -2.47
CA GLY A 21 1.37 -0.65 -3.05
C GLY A 21 0.98 -1.54 -4.22
N LEU A 22 -0.02 -1.10 -4.99
CA LEU A 22 -0.48 -1.86 -6.14
C LEU A 22 -0.59 -0.96 -7.37
N GLU A 23 -0.62 -1.58 -8.55
CA GLU A 23 -0.73 -0.85 -9.80
C GLU A 23 -1.57 -1.62 -10.82
N CYS A 24 -1.92 -0.95 -11.91
CA CYS A 24 -2.72 -1.57 -12.96
C CYS A 24 -1.83 -2.28 -13.97
N TYR A 25 -2.15 -3.55 -14.24
CA TYR A 25 -1.38 -4.35 -15.18
C TYR A 25 -2.01 -4.30 -16.57
N LYS A 26 -1.17 -4.41 -17.60
CA LYS A 26 -1.63 -4.38 -18.97
C LYS A 26 -2.12 -5.75 -19.42
N ARG A 27 -3.38 -5.82 -19.85
CA ARG A 27 -3.96 -7.08 -20.29
C ARG A 27 -4.90 -6.85 -21.47
N ARG A 28 -4.78 -7.70 -22.50
CA ARG A 28 -5.62 -7.58 -23.68
C ARG A 28 -6.44 -8.85 -23.89
N HIS A 29 -5.85 -9.99 -23.57
CA HIS A 29 -6.51 -11.28 -23.72
C HIS A 29 -7.48 -11.52 -22.56
N SER A 30 -7.19 -10.91 -21.42
CA SER A 30 -8.03 -11.06 -20.24
C SER A 30 -8.19 -9.74 -19.51
N PHE A 31 -9.09 -9.72 -18.53
CA PHE A 31 -9.34 -8.50 -17.75
C PHE A 31 -8.14 -8.15 -16.89
N GLU A 32 -7.74 -6.89 -16.94
CA GLU A 32 -6.59 -6.43 -16.15
C GLU A 32 -6.95 -6.32 -14.68
N VAL A 33 -5.95 -6.53 -13.82
CA VAL A 33 -6.16 -6.47 -12.38
C VAL A 33 -5.00 -5.75 -11.69
N CYS A 34 -5.12 -5.58 -10.38
CA CYS A 34 -4.09 -4.90 -9.60
C CYS A 34 -2.88 -5.83 -9.41
N VAL A 35 -1.69 -5.24 -9.39
CA VAL A 35 -0.46 -6.00 -9.22
C VAL A 35 0.50 -5.29 -8.26
N PRO A 36 1.35 -6.07 -7.59
CA PRO A 36 2.33 -5.54 -6.63
C PRO A 36 3.44 -4.74 -7.32
N ILE A 37 3.69 -3.54 -6.83
CA ILE A 37 4.73 -2.69 -7.39
C ILE A 37 6.11 -3.08 -6.87
N PRO A 38 7.08 -3.22 -7.79
CA PRO A 38 8.45 -3.60 -7.45
C PRO A 38 9.19 -2.49 -6.71
N GLY A 39 9.90 -2.85 -5.66
CA GLY A 39 10.64 -1.87 -4.88
C GLY A 39 9.73 -0.95 -4.10
N PHE A 40 8.45 -1.28 -4.06
CA PHE A 40 7.47 -0.46 -3.35
C PHE A 40 7.82 -0.38 -1.87
N CYS A 41 7.53 0.78 -1.27
CA CYS A 41 7.81 0.99 0.15
C CYS A 41 6.87 2.05 0.74
N LEU A 42 7.16 2.47 1.96
CA LEU A 42 6.35 3.48 2.64
C LEU A 42 7.20 4.65 3.10
N VAL A 43 6.54 5.69 3.60
CA VAL A 43 7.24 6.88 4.08
C VAL A 43 7.03 7.07 5.58
N LYS A 44 7.55 8.16 6.11
CA LYS A 44 7.42 8.47 7.53
C LYS A 44 6.07 9.10 7.84
N TRP A 45 5.23 9.22 6.81
CA TRP A 45 3.91 9.80 6.97
C TRP A 45 2.83 8.84 6.49
N LYS A 46 3.17 7.55 6.43
CA LYS A 46 2.23 6.52 6.00
C LYS A 46 1.98 5.51 7.12
N GLN A 47 0.79 4.93 7.13
CA GLN A 47 0.44 3.95 8.15
C GLN A 47 1.40 2.78 8.14
N CYS A 48 1.77 2.30 9.32
CA CYS A 48 2.70 1.19 9.46
C CYS A 48 1.96 -0.11 9.77
N ASP A 49 0.75 0.04 10.30
CA ASP A 49 -0.08 -1.12 10.66
C ASP A 49 -0.17 -2.10 9.48
N GLY A 50 0.34 -3.31 9.69
CA GLY A 50 0.31 -4.32 8.64
C GLY A 50 1.55 -4.28 7.76
N ARG A 51 2.09 -3.08 7.57
CA ARG A 51 3.28 -2.91 6.74
C ARG A 51 4.49 -2.51 7.59
N GLU A 52 4.58 -3.09 8.79
CA GLU A 52 5.68 -2.79 9.69
C GLU A 52 7.01 -3.23 9.09
N ARG A 53 6.94 -4.07 8.07
CA ARG A 53 8.14 -4.57 7.40
C ARG A 53 8.09 -4.29 5.91
N ASP A 54 7.35 -3.25 5.53
CA ASP A 54 7.21 -2.88 4.13
C ASP A 54 7.77 -1.48 3.88
N CYS A 55 7.83 -0.68 4.94
CA CYS A 55 8.35 0.68 4.85
C CYS A 55 9.71 0.70 4.16
N CYS A 56 10.15 1.88 3.77
CA CYS A 56 11.45 2.05 3.11
C CYS A 56 12.59 1.72 4.06
N ALA A 57 13.82 1.83 3.57
CA ALA A 57 15.00 1.56 4.38
C ALA A 57 15.22 2.65 5.42
N GLY A 58 15.37 2.25 6.67
CA GLY A 58 15.57 3.21 7.74
C GLY A 58 14.31 3.51 8.50
N LEU A 59 13.17 3.24 7.89
CA LEU A 59 11.88 3.49 8.52
C LEU A 59 11.51 2.37 9.49
N GLU A 60 10.43 2.56 10.23
CA GLU A 60 9.96 1.57 11.19
C GLU A 60 8.51 1.80 11.57
N CYS A 61 7.91 0.82 12.24
CA CYS A 61 6.52 0.92 12.65
C CYS A 61 6.38 1.81 13.89
N TRP A 62 6.05 3.07 13.67
CA TRP A 62 5.89 4.03 14.76
C TRP A 62 4.48 3.93 15.35
N LYS A 63 4.41 3.78 16.67
CA LYS A 63 3.14 3.67 17.37
C LYS A 63 2.75 5.01 17.99
N ARG A 64 1.86 5.75 17.32
CA ARG A 64 1.42 7.04 17.80
C ARG A 64 -0.08 7.03 18.08
N SER A 65 -0.46 7.51 19.26
CA SER A 65 -1.87 7.54 19.65
C SER A 65 -2.24 8.92 20.20
N GLY A 66 -3.44 9.38 19.87
CA GLY A 66 -3.90 10.67 20.35
C GLY A 66 -4.03 11.69 19.22
N ASN A 67 -3.22 11.51 18.17
CA ASN A 67 -3.24 12.43 17.04
C ASN A 67 -3.78 11.73 15.79
N LYS A 68 -3.51 10.42 15.70
CA LYS A 68 -3.96 9.64 14.56
C LYS A 68 -3.54 8.18 14.70
N SER A 69 -3.84 7.38 13.67
CA SER A 69 -3.48 5.97 13.69
C SER A 69 -1.96 5.78 13.68
N SER A 70 -1.52 4.53 13.73
CA SER A 70 -0.10 4.22 13.73
C SER A 70 0.53 4.54 12.39
N VAL A 71 1.68 5.21 12.42
CA VAL A 71 2.38 5.58 11.20
C VAL A 71 3.83 5.10 11.24
N CYS A 72 4.56 5.36 10.16
CA CYS A 72 5.96 4.96 10.06
C CYS A 72 6.88 6.15 10.34
N ALA A 73 8.09 5.85 10.82
CA ALA A 73 9.07 6.88 11.13
C ALA A 73 10.48 6.39 10.85
N PRO A 74 11.40 7.34 10.60
CA PRO A 74 12.80 7.03 10.31
C PRO A 74 13.55 6.52 11.55
N ILE A 75 14.79 6.10 11.36
CA ILE A 75 15.60 5.59 12.46
C ILE A 75 15.69 6.62 13.59
N THR A 76 15.86 6.12 14.81
CA THR A 76 15.96 6.99 15.98
C THR A 76 15.00 8.17 15.87
N SER A 1 -14.59 4.39 4.43
CA SER A 1 -15.75 3.50 4.43
C SER A 1 -15.58 2.40 3.40
N ASN A 2 -15.60 2.78 2.11
CA ASN A 2 -15.46 1.83 1.03
C ASN A 2 -14.00 1.38 0.88
N GLU A 3 -13.75 0.11 1.15
CA GLU A 3 -12.40 -0.44 1.05
C GLU A 3 -11.87 -0.34 -0.38
N CYS A 4 -10.63 -0.76 -0.57
CA CYS A 4 -10.01 -0.70 -1.89
C CYS A 4 -10.04 -2.08 -2.56
N ILE A 5 -9.66 -2.12 -3.83
CA ILE A 5 -9.65 -3.36 -4.58
C ILE A 5 -8.50 -4.26 -4.15
N ARG A 6 -8.83 -5.39 -3.52
CA ARG A 6 -7.82 -6.33 -3.05
C ARG A 6 -6.86 -6.70 -4.19
N LYS A 7 -5.66 -7.12 -3.82
CA LYS A 7 -4.65 -7.52 -4.80
C LYS A 7 -5.07 -8.78 -5.52
N TRP A 8 -4.66 -8.90 -6.79
CA TRP A 8 -4.98 -10.07 -7.59
C TRP A 8 -6.48 -10.34 -7.58
N LEU A 9 -7.27 -9.30 -7.78
CA LEU A 9 -8.73 -9.42 -7.79
C LEU A 9 -9.31 -8.94 -9.11
N SER A 10 -9.16 -7.65 -9.39
CA SER A 10 -9.67 -7.07 -10.62
C SER A 10 -9.34 -5.58 -10.69
N CYS A 11 -8.83 -5.15 -11.84
CA CYS A 11 -8.47 -3.74 -12.04
C CYS A 11 -9.57 -3.00 -12.80
N VAL A 12 -10.45 -3.77 -13.45
CA VAL A 12 -11.56 -3.18 -14.20
C VAL A 12 -12.33 -2.17 -13.36
N ASP A 13 -12.39 -2.41 -12.06
CA ASP A 13 -13.09 -1.52 -11.15
C ASP A 13 -12.43 -0.14 -11.12
N ARG A 14 -11.23 -0.07 -10.54
CA ARG A 14 -10.49 1.18 -10.45
C ARG A 14 -9.00 0.94 -10.63
N LYS A 15 -8.39 1.74 -11.50
CA LYS A 15 -6.95 1.62 -11.76
C LYS A 15 -6.14 2.38 -10.72
N ASN A 16 -6.45 3.66 -10.56
CA ASN A 16 -5.74 4.50 -9.59
C ASN A 16 -6.13 4.13 -8.17
N ASP A 17 -7.39 3.73 -8.00
CA ASP A 17 -7.90 3.35 -6.69
C ASP A 17 -7.79 1.83 -6.48
N CYS A 18 -6.77 1.24 -7.06
CA CYS A 18 -6.55 -0.20 -6.94
C CYS A 18 -6.41 -0.62 -5.48
N CYS A 19 -5.33 -0.17 -4.85
CA CYS A 19 -5.06 -0.50 -3.46
C CYS A 19 -3.75 0.15 -3.00
N GLU A 20 -3.31 -0.24 -1.80
CA GLU A 20 -2.07 0.29 -1.24
C GLU A 20 -0.86 -0.47 -1.76
N GLY A 21 -0.04 0.21 -2.56
CA GLY A 21 1.15 -0.42 -3.11
C GLY A 21 0.82 -1.36 -4.27
N LEU A 22 -0.20 -1.00 -5.04
CA LEU A 22 -0.61 -1.82 -6.17
C LEU A 22 -0.74 -0.97 -7.45
N GLU A 23 -0.57 -1.61 -8.60
CA GLU A 23 -0.67 -0.92 -9.88
C GLU A 23 -1.68 -1.61 -10.79
N CYS A 24 -2.02 -0.94 -11.89
CA CYS A 24 -2.97 -1.48 -12.85
C CYS A 24 -2.25 -2.14 -14.02
N TYR A 25 -2.42 -3.44 -14.15
CA TYR A 25 -1.79 -4.20 -15.23
C TYR A 25 -2.76 -4.45 -16.37
N LYS A 26 -2.25 -4.99 -17.48
CA LYS A 26 -3.08 -5.29 -18.64
C LYS A 26 -2.81 -6.69 -19.16
N ARG A 27 -3.85 -7.37 -19.60
CA ARG A 27 -3.72 -8.72 -20.13
C ARG A 27 -4.22 -8.81 -21.56
N ARG A 28 -4.11 -9.99 -22.17
CA ARG A 28 -4.55 -10.20 -23.53
C ARG A 28 -6.04 -10.52 -23.59
N HIS A 29 -6.42 -11.66 -23.06
CA HIS A 29 -7.82 -12.09 -23.04
C HIS A 29 -8.36 -12.15 -21.61
N SER A 30 -7.59 -12.77 -20.72
CA SER A 30 -7.99 -12.89 -19.33
C SER A 30 -8.09 -11.53 -18.66
N PHE A 31 -9.13 -11.36 -17.85
CA PHE A 31 -9.35 -10.08 -17.15
C PHE A 31 -8.09 -9.66 -16.40
N GLU A 32 -7.69 -8.41 -16.60
CA GLU A 32 -6.50 -7.87 -15.94
C GLU A 32 -6.83 -7.43 -14.52
N VAL A 33 -5.89 -7.67 -13.60
CA VAL A 33 -6.06 -7.29 -12.20
C VAL A 33 -4.89 -6.46 -11.70
N CYS A 34 -4.99 -5.99 -10.46
CA CYS A 34 -3.93 -5.19 -9.86
C CYS A 34 -2.71 -6.05 -9.55
N VAL A 35 -1.55 -5.42 -9.50
CA VAL A 35 -0.30 -6.12 -9.22
C VAL A 35 0.57 -5.31 -8.25
N PRO A 36 1.44 -6.02 -7.51
CA PRO A 36 2.36 -5.40 -6.55
C PRO A 36 3.45 -4.58 -7.23
N ILE A 37 3.50 -3.29 -6.91
CA ILE A 37 4.50 -2.40 -7.50
C ILE A 37 5.90 -2.75 -7.00
N PRO A 38 6.85 -2.89 -7.93
CA PRO A 38 8.24 -3.21 -7.61
C PRO A 38 8.96 -2.06 -6.92
N GLY A 39 9.60 -2.37 -5.79
CA GLY A 39 10.31 -1.34 -5.04
C GLY A 39 9.38 -0.47 -4.23
N PHE A 40 8.12 -0.84 -4.18
CA PHE A 40 7.12 -0.09 -3.42
C PHE A 40 7.49 -0.03 -1.94
N CYS A 41 7.17 1.10 -1.30
CA CYS A 41 7.47 1.27 0.12
C CYS A 41 6.56 2.32 0.73
N LEU A 42 6.87 2.72 1.96
CA LEU A 42 6.07 3.72 2.66
C LEU A 42 6.95 4.87 3.15
N VAL A 43 6.32 5.91 3.69
CA VAL A 43 7.04 7.07 4.20
C VAL A 43 6.89 7.20 5.71
N LYS A 44 7.44 8.27 6.27
CA LYS A 44 7.36 8.51 7.70
C LYS A 44 6.03 9.16 8.08
N TRP A 45 5.16 9.33 7.09
CA TRP A 45 3.85 9.94 7.32
C TRP A 45 2.74 9.02 6.84
N LYS A 46 3.07 7.74 6.65
CA LYS A 46 2.10 6.76 6.19
C LYS A 46 1.85 5.70 7.27
N GLN A 47 0.64 5.16 7.29
CA GLN A 47 0.27 4.14 8.27
C GLN A 47 1.21 2.94 8.18
N CYS A 48 1.61 2.42 9.34
CA CYS A 48 2.50 1.27 9.39
C CYS A 48 1.73 -0.01 9.68
N ASP A 49 0.53 0.14 10.20
CA ASP A 49 -0.32 -1.01 10.52
C ASP A 49 -0.42 -1.96 9.32
N GLY A 50 0.07 -3.18 9.51
CA GLY A 50 0.03 -4.16 8.44
C GLY A 50 1.27 -4.13 7.58
N ARG A 51 1.84 -2.94 7.42
CA ARG A 51 3.04 -2.77 6.60
C ARG A 51 4.24 -2.43 7.47
N GLU A 52 4.33 -3.07 8.63
CA GLU A 52 5.43 -2.83 9.55
C GLU A 52 6.76 -3.22 8.92
N ARG A 53 6.70 -4.01 7.85
CA ARG A 53 7.90 -4.45 7.14
C ARG A 53 7.81 -4.12 5.67
N ASP A 54 7.02 -3.11 5.33
CA ASP A 54 6.85 -2.68 3.94
C ASP A 54 7.42 -1.29 3.73
N CYS A 55 7.50 -0.52 4.81
CA CYS A 55 8.03 0.84 4.73
C CYS A 55 9.38 0.87 4.02
N CYS A 56 9.84 2.06 3.68
CA CYS A 56 11.11 2.23 2.99
C CYS A 56 12.28 1.81 3.89
N ALA A 57 13.48 1.92 3.36
CA ALA A 57 14.69 1.57 4.12
C ALA A 57 14.98 2.60 5.20
N GLY A 58 15.08 2.15 6.44
CA GLY A 58 15.36 3.06 7.54
C GLY A 58 14.13 3.37 8.36
N LEU A 59 12.95 3.14 7.78
CA LEU A 59 11.70 3.40 8.46
C LEU A 59 11.33 2.26 9.40
N GLU A 60 10.27 2.45 10.18
CA GLU A 60 9.83 1.42 11.12
C GLU A 60 8.41 1.72 11.60
N CYS A 61 7.72 0.68 12.07
CA CYS A 61 6.36 0.82 12.57
C CYS A 61 6.33 1.66 13.84
N TRP A 62 6.08 2.96 13.69
CA TRP A 62 6.02 3.86 14.82
C TRP A 62 4.68 3.74 15.56
N LYS A 63 4.75 3.64 16.88
CA LYS A 63 3.54 3.51 17.70
C LYS A 63 3.20 4.84 18.36
N ARG A 64 2.26 5.57 17.75
CA ARG A 64 1.84 6.86 18.28
C ARG A 64 0.36 6.84 18.64
N SER A 65 0.04 7.28 19.86
CA SER A 65 -1.34 7.30 20.33
C SER A 65 -1.69 8.67 20.91
N GLY A 66 -2.86 9.18 20.54
CA GLY A 66 -3.29 10.48 21.03
C GLY A 66 -3.33 11.52 19.93
N ASN A 67 -2.59 11.28 18.86
CA ASN A 67 -2.53 12.22 17.74
C ASN A 67 -3.21 11.63 16.51
N LYS A 68 -2.85 10.40 16.16
CA LYS A 68 -3.43 9.73 15.01
C LYS A 68 -3.10 8.23 15.03
N SER A 69 -3.60 7.51 14.02
CA SER A 69 -3.36 6.08 13.92
C SER A 69 -1.87 5.77 13.91
N SER A 70 -1.54 4.49 13.87
CA SER A 70 -0.13 4.06 13.85
C SER A 70 0.52 4.41 12.52
N VAL A 71 1.61 5.17 12.58
CA VAL A 71 2.33 5.58 11.39
C VAL A 71 3.76 5.06 11.41
N CYS A 72 4.50 5.35 10.35
CA CYS A 72 5.89 4.91 10.24
C CYS A 72 6.84 6.07 10.48
N ALA A 73 8.05 5.75 10.94
CA ALA A 73 9.06 6.77 11.20
C ALA A 73 10.47 6.25 10.92
N PRO A 74 11.40 7.18 10.66
CA PRO A 74 12.80 6.83 10.36
C PRO A 74 13.53 6.28 11.59
N ILE A 75 14.76 5.80 11.38
CA ILE A 75 15.55 5.26 12.46
C ILE A 75 15.75 6.27 13.57
N THR A 76 15.93 5.78 14.79
CA THR A 76 16.13 6.65 15.95
C THR A 76 17.31 6.18 16.79
N SER A 1 -13.93 3.65 4.42
CA SER A 1 -15.35 3.34 4.28
C SER A 1 -15.56 1.86 3.97
N ASN A 2 -14.63 1.29 3.21
CA ASN A 2 -14.71 -0.12 2.82
C ASN A 2 -13.33 -0.66 2.43
N GLU A 3 -13.24 -1.97 2.30
CA GLU A 3 -11.98 -2.60 1.93
C GLU A 3 -11.58 -2.23 0.50
N CYS A 4 -10.35 -2.58 0.13
CA CYS A 4 -9.84 -2.28 -1.20
C CYS A 4 -9.88 -3.52 -2.09
N ILE A 5 -9.57 -3.34 -3.36
CA ILE A 5 -9.56 -4.45 -4.31
C ILE A 5 -8.37 -5.37 -4.08
N ARG A 6 -8.62 -6.67 -4.12
CA ARG A 6 -7.56 -7.66 -3.91
C ARG A 6 -6.51 -7.56 -5.01
N LYS A 7 -5.38 -8.23 -4.80
CA LYS A 7 -4.30 -8.23 -5.78
C LYS A 7 -4.55 -9.25 -6.88
N TRP A 8 -4.16 -8.90 -8.10
CA TRP A 8 -4.35 -9.79 -9.24
C TRP A 8 -5.81 -10.20 -9.38
N LEU A 9 -6.70 -9.22 -9.39
CA LEU A 9 -8.13 -9.47 -9.51
C LEU A 9 -8.73 -8.70 -10.68
N SER A 10 -8.75 -7.37 -10.55
CA SER A 10 -9.30 -6.52 -11.60
C SER A 10 -9.20 -5.05 -11.20
N CYS A 11 -8.60 -4.24 -12.07
CA CYS A 11 -8.44 -2.82 -11.81
C CYS A 11 -9.51 -2.01 -12.55
N VAL A 12 -10.23 -2.68 -13.44
CA VAL A 12 -11.28 -2.02 -14.21
C VAL A 12 -12.23 -1.25 -13.31
N ASP A 13 -12.41 -1.74 -12.08
CA ASP A 13 -13.28 -1.10 -11.12
C ASP A 13 -12.48 -0.27 -10.11
N ARG A 14 -12.43 1.04 -10.34
CA ARG A 14 -11.70 1.94 -9.46
C ARG A 14 -10.21 1.61 -9.48
N LYS A 15 -9.60 1.73 -10.66
CA LYS A 15 -8.17 1.46 -10.81
C LYS A 15 -7.35 2.36 -9.90
N ASN A 16 -7.87 3.55 -9.63
CA ASN A 16 -7.18 4.51 -8.78
C ASN A 16 -7.31 4.13 -7.30
N ASP A 17 -8.09 3.07 -7.04
CA ASP A 17 -8.30 2.60 -5.68
C ASP A 17 -8.05 1.11 -5.58
N CYS A 18 -7.12 0.61 -6.38
CA CYS A 18 -6.79 -0.81 -6.38
C CYS A 18 -6.49 -1.31 -4.97
N CYS A 19 -5.38 -0.87 -4.41
CA CYS A 19 -4.98 -1.27 -3.06
C CYS A 19 -3.66 -0.62 -2.67
N GLU A 20 -3.12 -1.03 -1.52
CA GLU A 20 -1.87 -0.49 -1.03
C GLU A 20 -0.68 -1.22 -1.64
N GLY A 21 0.09 -0.52 -2.47
CA GLY A 21 1.24 -1.12 -3.11
C GLY A 21 0.87 -1.93 -4.33
N LEU A 22 -0.15 -1.48 -5.05
CA LEU A 22 -0.61 -2.18 -6.25
C LEU A 22 -0.79 -1.21 -7.41
N GLU A 23 -0.79 -1.75 -8.62
CA GLU A 23 -0.95 -0.93 -9.82
C GLU A 23 -1.82 -1.63 -10.86
N CYS A 24 -2.55 -0.84 -11.64
CA CYS A 24 -3.42 -1.39 -12.67
C CYS A 24 -2.62 -1.79 -13.91
N TYR A 25 -2.21 -3.05 -13.96
CA TYR A 25 -1.43 -3.56 -15.09
C TYR A 25 -2.32 -4.32 -16.07
N LYS A 26 -1.93 -4.31 -17.33
CA LYS A 26 -2.70 -5.00 -18.37
C LYS A 26 -2.11 -6.38 -18.65
N ARG A 27 -2.98 -7.35 -18.91
CA ARG A 27 -2.55 -8.72 -19.19
C ARG A 27 -2.46 -8.96 -20.70
N ARG A 28 -2.09 -10.18 -21.07
CA ARG A 28 -1.96 -10.54 -22.47
C ARG A 28 -3.31 -10.43 -23.19
N HIS A 29 -4.21 -11.36 -22.89
CA HIS A 29 -5.53 -11.36 -23.51
C HIS A 29 -6.62 -11.42 -22.44
N SER A 30 -6.31 -10.91 -21.25
CA SER A 30 -7.27 -10.92 -20.14
C SER A 30 -7.44 -9.50 -19.58
N PHE A 31 -8.59 -9.26 -18.97
CA PHE A 31 -8.88 -7.95 -18.38
C PHE A 31 -7.75 -7.52 -17.46
N GLU A 32 -7.35 -6.25 -17.58
CA GLU A 32 -6.28 -5.71 -16.75
C GLU A 32 -6.64 -5.79 -15.28
N VAL A 33 -5.71 -6.30 -14.47
CA VAL A 33 -5.93 -6.43 -13.04
C VAL A 33 -4.82 -5.75 -12.24
N CYS A 34 -4.99 -5.70 -10.93
CA CYS A 34 -3.99 -5.07 -10.06
C CYS A 34 -2.77 -5.97 -9.91
N VAL A 35 -1.60 -5.33 -9.80
CA VAL A 35 -0.35 -6.07 -9.65
C VAL A 35 0.55 -5.41 -8.61
N PRO A 36 1.42 -6.22 -7.97
CA PRO A 36 2.35 -5.74 -6.96
C PRO A 36 3.46 -4.87 -7.55
N ILE A 37 3.63 -3.67 -6.98
CA ILE A 37 4.65 -2.75 -7.45
C ILE A 37 6.03 -3.13 -6.92
N PRO A 38 6.98 -3.31 -7.84
CA PRO A 38 8.36 -3.67 -7.50
C PRO A 38 9.10 -2.54 -6.79
N GLY A 39 9.60 -2.82 -5.60
CA GLY A 39 10.34 -1.82 -4.84
C GLY A 39 9.41 -0.90 -4.06
N PHE A 40 8.14 -1.29 -3.96
CA PHE A 40 7.16 -0.49 -3.23
C PHE A 40 7.53 -0.39 -1.76
N CYS A 41 7.21 0.75 -1.15
CA CYS A 41 7.52 0.97 0.26
C CYS A 41 6.63 2.07 0.84
N LEU A 42 6.95 2.51 2.05
CA LEU A 42 6.19 3.56 2.71
C LEU A 42 7.11 4.68 3.19
N VAL A 43 6.51 5.80 3.61
CA VAL A 43 7.27 6.94 4.10
C VAL A 43 7.09 7.11 5.60
N LYS A 44 7.68 8.18 6.14
CA LYS A 44 7.59 8.46 7.57
C LYS A 44 6.28 9.17 7.89
N TRP A 45 5.44 9.35 6.89
CA TRP A 45 4.16 10.01 7.07
C TRP A 45 3.01 9.12 6.61
N LYS A 46 3.28 7.82 6.49
CA LYS A 46 2.27 6.86 6.06
C LYS A 46 1.96 5.85 7.16
N GLN A 47 0.73 5.37 7.18
CA GLN A 47 0.32 4.40 8.19
C GLN A 47 1.24 3.18 8.19
N CYS A 48 1.52 2.66 9.37
CA CYS A 48 2.40 1.50 9.51
C CYS A 48 1.59 0.25 9.88
N ASP A 49 0.40 0.47 10.41
CA ASP A 49 -0.47 -0.64 10.80
C ASP A 49 -0.61 -1.64 9.65
N GLY A 50 -0.15 -2.87 9.89
CA GLY A 50 -0.24 -3.90 8.87
C GLY A 50 0.97 -3.92 7.96
N ARG A 51 1.56 -2.74 7.73
CA ARG A 51 2.73 -2.63 6.86
C ARG A 51 3.96 -2.24 7.68
N GLU A 52 4.16 -2.92 8.81
CA GLU A 52 5.30 -2.65 9.68
C GLU A 52 6.59 -3.14 9.03
N ARG A 53 6.46 -4.01 8.04
CA ARG A 53 7.62 -4.56 7.35
C ARG A 53 7.57 -4.25 5.86
N ASP A 54 6.83 -3.19 5.51
CA ASP A 54 6.69 -2.78 4.12
C ASP A 54 7.33 -1.42 3.90
N CYS A 55 7.44 -0.63 4.96
CA CYS A 55 8.03 0.70 4.89
C CYS A 55 9.39 0.66 4.20
N CYS A 56 9.90 1.82 3.82
CA CYS A 56 11.20 1.92 3.15
C CYS A 56 12.32 1.51 4.10
N ALA A 57 13.55 1.55 3.59
CA ALA A 57 14.71 1.18 4.38
C ALA A 57 15.02 2.25 5.43
N GLY A 58 15.11 1.83 6.69
CA GLY A 58 15.40 2.76 7.76
C GLY A 58 14.16 3.16 8.53
N LEU A 59 13.00 2.89 7.95
CA LEU A 59 11.73 3.22 8.60
C LEU A 59 11.30 2.11 9.56
N GLU A 60 10.24 2.38 10.32
CA GLU A 60 9.73 1.40 11.27
C GLU A 60 8.33 1.78 11.74
N CYS A 61 7.56 0.79 12.19
CA CYS A 61 6.21 1.01 12.66
C CYS A 61 6.20 1.88 13.90
N TRP A 62 5.98 3.19 13.71
CA TRP A 62 5.95 4.13 14.83
C TRP A 62 4.59 4.09 15.54
N LYS A 63 4.63 4.01 16.86
CA LYS A 63 3.41 3.98 17.66
C LYS A 63 3.08 5.35 18.23
N ARG A 64 2.20 6.07 17.57
CA ARG A 64 1.80 7.40 18.01
C ARG A 64 0.31 7.45 18.30
N SER A 65 -0.03 7.92 19.50
CA SER A 65 -1.43 8.02 19.91
C SER A 65 -1.73 9.39 20.51
N GLY A 66 -2.88 9.95 20.15
CA GLY A 66 -3.27 11.26 20.67
C GLY A 66 -3.29 12.31 19.58
N ASN A 67 -2.52 12.09 18.52
CA ASN A 67 -2.45 13.04 17.41
C ASN A 67 -3.05 12.43 16.14
N LYS A 68 -2.60 11.23 15.80
CA LYS A 68 -3.10 10.54 14.61
C LYS A 68 -2.91 9.03 14.76
N SER A 69 -3.32 8.29 13.72
CA SER A 69 -3.21 6.84 13.73
C SER A 69 -1.74 6.42 13.72
N SER A 70 -1.52 5.10 13.75
CA SER A 70 -0.16 4.56 13.76
C SER A 70 0.53 4.83 12.43
N VAL A 71 1.64 5.55 12.47
CA VAL A 71 2.41 5.87 11.27
C VAL A 71 3.81 5.29 11.35
N CYS A 72 4.58 5.50 10.28
CA CYS A 72 5.95 5.01 10.22
C CYS A 72 6.95 6.14 10.43
N ALA A 73 8.13 5.80 10.93
CA ALA A 73 9.18 6.79 11.17
C ALA A 73 10.57 6.20 10.93
N PRO A 74 11.54 7.07 10.67
CA PRO A 74 12.92 6.66 10.41
C PRO A 74 13.61 6.12 11.66
N ILE A 75 14.83 5.63 11.50
CA ILE A 75 15.60 5.09 12.62
C ILE A 75 15.73 6.12 13.73
N THR A 76 15.85 5.63 14.97
CA THR A 76 16.00 6.51 16.13
C THR A 76 17.08 6.00 17.07
N SER A 1 -17.98 1.81 5.72
CA SER A 1 -16.60 1.34 5.68
C SER A 1 -16.41 0.32 4.56
N ASN A 2 -15.83 0.77 3.45
CA ASN A 2 -15.58 -0.10 2.31
C ASN A 2 -14.10 -0.43 2.18
N GLU A 3 -13.80 -1.65 1.76
CA GLU A 3 -12.42 -2.10 1.60
C GLU A 3 -11.92 -1.82 0.19
N CYS A 4 -10.61 -1.95 0.00
CA CYS A 4 -10.01 -1.71 -1.30
C CYS A 4 -10.10 -2.95 -2.20
N ILE A 5 -9.70 -2.80 -3.45
CA ILE A 5 -9.74 -3.91 -4.40
C ILE A 5 -8.69 -4.96 -4.07
N ARG A 6 -9.14 -6.17 -3.75
CA ARG A 6 -8.24 -7.26 -3.41
C ARG A 6 -7.17 -7.44 -4.49
N LYS A 7 -6.06 -8.07 -4.12
CA LYS A 7 -4.97 -8.31 -5.05
C LYS A 7 -5.37 -9.32 -6.12
N TRP A 8 -5.05 -9.01 -7.37
CA TRP A 8 -5.37 -9.90 -8.48
C TRP A 8 -6.87 -10.14 -8.56
N LEU A 9 -7.65 -9.06 -8.56
CA LEU A 9 -9.10 -9.17 -8.62
C LEU A 9 -9.64 -8.56 -9.92
N SER A 10 -9.47 -7.26 -10.07
CA SER A 10 -9.94 -6.55 -11.25
C SER A 10 -9.65 -5.06 -11.16
N CYS A 11 -9.09 -4.50 -12.23
CA CYS A 11 -8.76 -3.08 -12.27
C CYS A 11 -9.83 -2.30 -13.01
N VAL A 12 -10.67 -3.01 -13.76
CA VAL A 12 -11.74 -2.37 -14.52
C VAL A 12 -12.57 -1.44 -13.62
N ASP A 13 -12.66 -1.78 -12.35
CA ASP A 13 -13.41 -0.99 -11.39
C ASP A 13 -12.74 0.36 -11.15
N ARG A 14 -11.59 0.35 -10.48
CA ARG A 14 -10.85 1.57 -10.21
C ARG A 14 -9.36 1.30 -10.16
N LYS A 15 -8.61 1.99 -11.01
CA LYS A 15 -7.16 1.83 -11.08
C LYS A 15 -6.47 2.68 -10.00
N ASN A 16 -7.08 3.80 -9.67
CA ASN A 16 -6.54 4.69 -8.66
C ASN A 16 -7.01 4.31 -7.26
N ASP A 17 -7.83 3.26 -7.19
CA ASP A 17 -8.36 2.78 -5.92
C ASP A 17 -8.14 1.28 -5.76
N CYS A 18 -7.09 0.77 -6.39
CA CYS A 18 -6.77 -0.65 -6.32
C CYS A 18 -6.49 -1.07 -4.89
N CYS A 19 -5.39 -0.60 -4.32
CA CYS A 19 -5.02 -0.94 -2.95
C CYS A 19 -3.72 -0.24 -2.56
N GLU A 20 -3.16 -0.64 -1.41
CA GLU A 20 -1.92 -0.05 -0.93
C GLU A 20 -0.71 -0.78 -1.50
N GLY A 21 0.04 -0.08 -2.34
CA GLY A 21 1.22 -0.67 -2.96
C GLY A 21 0.87 -1.53 -4.16
N LEU A 22 -0.16 -1.14 -4.90
CA LEU A 22 -0.59 -1.88 -6.07
C LEU A 22 -0.74 -0.96 -7.27
N GLU A 23 -0.73 -1.54 -8.47
CA GLU A 23 -0.86 -0.76 -9.70
C GLU A 23 -1.61 -1.56 -10.76
N CYS A 24 -2.00 -0.88 -11.84
CA CYS A 24 -2.72 -1.53 -12.93
C CYS A 24 -1.77 -2.31 -13.83
N TYR A 25 -2.18 -3.50 -14.24
CA TYR A 25 -1.37 -4.34 -15.11
C TYR A 25 -1.74 -4.14 -16.58
N LYS A 26 -0.76 -4.33 -17.45
CA LYS A 26 -0.98 -4.18 -18.89
C LYS A 26 -1.22 -5.52 -19.55
N ARG A 27 -2.10 -5.53 -20.56
CA ARG A 27 -2.42 -6.76 -21.27
C ARG A 27 -3.23 -6.46 -22.53
N ARG A 28 -3.59 -7.51 -23.26
CA ARG A 28 -4.37 -7.36 -24.49
C ARG A 28 -5.59 -8.27 -24.48
N HIS A 29 -5.35 -9.57 -24.40
CA HIS A 29 -6.43 -10.55 -24.38
C HIS A 29 -6.78 -10.94 -22.95
N SER A 30 -6.54 -10.03 -22.01
CA SER A 30 -6.83 -10.28 -20.60
C SER A 30 -7.45 -9.05 -19.95
N PHE A 31 -7.63 -9.12 -18.63
CA PHE A 31 -8.22 -8.00 -17.89
C PHE A 31 -7.24 -7.47 -16.86
N GLU A 32 -6.89 -6.19 -16.99
CA GLU A 32 -5.96 -5.55 -16.07
C GLU A 32 -6.47 -5.62 -14.64
N VAL A 33 -5.57 -5.90 -13.70
CA VAL A 33 -5.93 -6.00 -12.30
C VAL A 33 -4.85 -5.39 -11.40
N CYS A 34 -5.11 -5.35 -10.10
CA CYS A 34 -4.16 -4.82 -9.14
C CYS A 34 -2.94 -5.72 -9.01
N VAL A 35 -1.77 -5.17 -9.31
CA VAL A 35 -0.52 -5.92 -9.23
C VAL A 35 0.46 -5.27 -8.26
N PRO A 36 1.32 -6.09 -7.64
CA PRO A 36 2.32 -5.61 -6.68
C PRO A 36 3.42 -4.79 -7.35
N ILE A 37 3.65 -3.59 -6.83
CA ILE A 37 4.69 -2.71 -7.37
C ILE A 37 6.08 -3.10 -6.86
N PRO A 38 7.04 -3.20 -7.78
CA PRO A 38 8.42 -3.56 -7.45
C PRO A 38 9.13 -2.45 -6.68
N GLY A 39 9.84 -2.84 -5.62
CA GLY A 39 10.56 -1.87 -4.81
C GLY A 39 9.63 -0.97 -4.02
N PHE A 40 8.36 -1.33 -3.98
CA PHE A 40 7.37 -0.55 -3.25
C PHE A 40 7.70 -0.49 -1.76
N CYS A 41 7.38 0.64 -1.13
CA CYS A 41 7.66 0.81 0.29
C CYS A 41 6.75 1.88 0.88
N LEU A 42 7.02 2.26 2.13
CA LEU A 42 6.22 3.27 2.81
C LEU A 42 7.10 4.45 3.24
N VAL A 43 6.46 5.58 3.53
CA VAL A 43 7.18 6.77 3.96
C VAL A 43 6.99 7.02 5.46
N LYS A 44 7.54 8.13 5.94
CA LYS A 44 7.42 8.49 7.36
C LYS A 44 6.06 9.09 7.65
N TRP A 45 5.23 9.20 6.62
CA TRP A 45 3.88 9.76 6.77
C TRP A 45 2.83 8.75 6.33
N LYS A 46 3.22 7.50 6.22
CA LYS A 46 2.31 6.44 5.80
C LYS A 46 2.06 5.45 6.94
N GLN A 47 0.85 4.91 7.00
CA GLN A 47 0.49 3.95 8.04
C GLN A 47 1.45 2.77 8.05
N CYS A 48 1.77 2.29 9.25
CA CYS A 48 2.69 1.17 9.41
C CYS A 48 1.93 -0.09 9.80
N ASP A 49 0.72 0.08 10.30
CA ASP A 49 -0.11 -1.05 10.70
C ASP A 49 -0.19 -2.10 9.60
N GLY A 50 0.31 -3.30 9.88
CA GLY A 50 0.29 -4.36 8.90
C GLY A 50 1.54 -4.38 8.04
N ARG A 51 2.11 -3.21 7.79
CA ARG A 51 3.31 -3.09 6.97
C ARG A 51 4.50 -2.66 7.82
N GLU A 52 4.59 -3.21 9.03
CA GLU A 52 5.68 -2.89 9.94
C GLU A 52 7.02 -3.31 9.35
N ARG A 53 6.97 -4.18 8.34
CA ARG A 53 8.18 -4.66 7.69
C ARG A 53 8.12 -4.42 6.18
N ASP A 54 7.33 -3.45 5.78
CA ASP A 54 7.18 -3.11 4.36
C ASP A 54 7.71 -1.70 4.09
N CYS A 55 7.77 -0.88 5.13
CA CYS A 55 8.25 0.49 4.99
C CYS A 55 9.59 0.53 4.27
N CYS A 56 10.01 1.72 3.86
CA CYS A 56 11.27 1.89 3.16
C CYS A 56 12.46 1.62 4.09
N ALA A 57 13.67 1.86 3.59
CA ALA A 57 14.87 1.64 4.38
C ALA A 57 15.05 2.74 5.43
N GLY A 58 15.36 2.34 6.64
CA GLY A 58 15.55 3.31 7.72
C GLY A 58 14.27 3.62 8.45
N LEU A 59 13.13 3.25 7.85
CA LEU A 59 11.84 3.50 8.45
C LEU A 59 11.51 2.43 9.50
N GLU A 60 10.45 2.66 10.27
CA GLU A 60 10.03 1.73 11.30
C GLU A 60 8.59 1.99 11.72
N CYS A 61 7.92 0.94 12.19
CA CYS A 61 6.53 1.05 12.62
C CYS A 61 6.41 1.96 13.84
N TRP A 62 6.17 3.24 13.60
CA TRP A 62 6.03 4.22 14.68
C TRP A 62 4.68 4.08 15.36
N LYS A 63 4.69 4.03 16.69
CA LYS A 63 3.45 3.92 17.46
C LYS A 63 3.02 5.27 18.00
N ARG A 64 2.07 5.90 17.31
CA ARG A 64 1.56 7.20 17.72
C ARG A 64 0.07 7.14 18.02
N SER A 65 -0.30 7.57 19.23
CA SER A 65 -1.70 7.55 19.65
C SER A 65 -2.10 8.89 20.25
N GLY A 66 -3.30 9.36 19.92
CA GLY A 66 -3.78 10.62 20.44
C GLY A 66 -3.91 11.67 19.36
N ASN A 67 -3.11 11.55 18.31
CA ASN A 67 -3.15 12.50 17.20
C ASN A 67 -3.67 11.84 15.93
N LYS A 68 -3.09 10.70 15.59
CA LYS A 68 -3.50 9.97 14.39
C LYS A 68 -3.23 8.48 14.55
N SER A 69 -3.48 7.71 13.49
CA SER A 69 -3.27 6.27 13.50
C SER A 69 -1.78 5.94 13.51
N SER A 70 -1.47 4.65 13.58
CA SER A 70 -0.09 4.20 13.59
C SER A 70 0.60 4.48 12.25
N VAL A 71 1.66 5.28 12.30
CA VAL A 71 2.40 5.62 11.10
C VAL A 71 3.85 5.15 11.18
N CYS A 72 4.61 5.39 10.12
CA CYS A 72 6.02 4.98 10.07
C CYS A 72 6.93 6.19 10.26
N ALA A 73 8.14 5.93 10.74
CA ALA A 73 9.12 7.00 10.97
C ALA A 73 10.54 6.51 10.71
N PRO A 74 11.43 7.43 10.35
CA PRO A 74 12.84 7.12 10.08
C PRO A 74 13.60 6.72 11.34
N ILE A 75 14.86 6.32 11.17
CA ILE A 75 15.69 5.92 12.29
C ILE A 75 15.78 7.03 13.33
N THR A 76 15.99 6.65 14.58
CA THR A 76 16.09 7.62 15.66
C THR A 76 17.24 7.25 16.61
#